data_7KB8
#
_entry.id   7KB8
#
_cell.length_a   102.782
_cell.length_b   102.782
_cell.length_c   240.124
_cell.angle_alpha   90.000
_cell.angle_beta   90.000
_cell.angle_gamma   120.000
#
_symmetry.space_group_name_H-M   'P 32'
#
loop_
_entity.id
_entity.type
_entity.pdbx_description
1 polymer 'Isoform 2 of Neutral alpha-glucosidase AB'
2 polymer 'Glucosidase 2 subunit beta'
3 non-polymer (1S,2S,3R,4S,5S)-1-(hydroxymethyl)-5-[(4-{[2-nitro-4-(triazan-1-yl)phenyl]amino}butyl)amino]cyclohexane-1,2,3,4-tetrol
4 non-polymer 'TRIETHYLENE GLYCOL'
5 non-polymer 1,2-ETHANEDIOL
6 non-polymer DI(HYDROXYETHYL)ETHER
7 non-polymer 'CALCIUM ION'
8 non-polymer 'SULFATE ION'
9 water water
#
loop_
_entity_poly.entity_id
_entity_poly.type
_entity_poly.pdbx_seq_one_letter_code
_entity_poly.pdbx_strand_id
1 'polypeptide(L)'
;MGILPSPGMPALLSLVSLLSVLLMGCVAETGVDRSNFKTCDESSFCKRQRSIRPGLSPYRALLDTLQLGPDALTVHLIHE
VTKVLLVLELQGLQKDMTRIRIDELEPRRPRYRVPDVLVADPPTARLSVSGRDDNSVELTVAEGPYKIILTAQPFRLDLL
EDRSLLLSVNARGLMAFEHQRAPRVPFSDKVSLALGSVWDKIKNLFSRQESKDPAEGNGAQPEATPGDGDKPEETQEKAE
KDEPGAWEETFKTHSDSKPYGPTSVGLDFSLPGMEHVYGIPEHADSLRLKVTEGGEPYRLYNLDVFQYELNNPMALYGSV
PVLLAHSFHRDLGIFWLNAAETWVDISSNTAGKTLFGKMLDYLQGSGETPQTDIRWMSESGIIDVFLMLGPSVFDVFRQY
ASLTGTQALPPLFSLGYHQSRWNYRDEADVLEVDQGFDDHNMPCDVIWLDIEHADGKRYFTWDPTRFPQPLNMLEHLASK
RRKLVAIVDPHIKVDSGYRVHEELRNHGLYVKTRDGSDYEGWCWPGSASYPDFTNPRMRAWWSNMFSFDNYEGSAPNLYV
WNDMNEPSVFNGPEVTMLKDAVHYGGWEHRDIHNIYGLYVHMATADGLIQRSGGIERPFVLSRAFFSGSQRFGAVWTGDN
TAEWDHLKISIPMCLSLALVGLSFCGADVGGFFKNPEPELLVRWYQMGAYQPFFRAHAHLDTGRREPWLLASQYQDAIRD
ALFQRYSLLPFWYTLFYQAHKEGFPVMRPLWVQYPEDMSTFSIEDQFMLGDALLIHPVSDAGAHGVQVYLPGQEEVWYDI
QSYQKHHGPQTLYLPVTLSSIPVFQRGGTIVPRWMRVRRSSDCMKDDPITLFVALSPQGTAQGELFLDDGHTFNYQTRHE
FLLRRFSFSGSTLVSSSADPKGHLETPIWIERVVIMGAGKPAAVVLQTKGSPESRLSFQHDPETSVLILRKPGVSVASDW
SIHLRSAWSHPQFEKLE
;
A,C
2 'polypeptide(L)'
;MGILPSPGMPALLSLVSLLSVLLMGCVAETGVEVKRPRGVSLSNHHFYEESKPFTCLDGTATIPFDQVNDDYCDCKDGSD
EPGTAACPNGSFHCTNTGYKPLYILSSRVNDGVCDCCDGTDEYNSGTVCENTCREKGRKEKESLQQLAEVTREGFRLKKI
LIEEWKTAREEKQSKLLELQAGKKSLEDQVETLRAAKEEAERPEKEAKDQHRKLWEEQQAAAKARREQERAASAFQELDD
NMDGMVSLAELQTHPELDTDGDGALSEEEAQALLSGDTQTDTTSFYDRVWAAIRDKYRSEVPPTDIPVPEETEPKEEKPP
VLPPTEEEEEEEEEPEEEEEEEEEEEEAPPPLQPPQPPSPTEDEKMPPYDEETQAIIDAAQEARSKFEEVERSLKEMEES
IRSLEQEISFDFGPSGEFAYLYSQCYELTTNEYVYRLCPFKLVSQKPKHGGSPTSLGTWGSWAGPDHDKFSAMKYEQGTG
CWQGPNRSTTVRLLCGKETVVTSTTEPSRCEYLMELMTPAACPEPPPEAPSDGDSAWSHPQFEKLETKHHHHHH
;
B,D
#
# COMPACT_ATOMS: atom_id res chain seq x y z
N VAL A 32 -10.11 -21.30 11.25
CA VAL A 32 -8.91 -21.59 12.05
C VAL A 32 -8.52 -23.05 11.86
N ASP A 33 -7.20 -23.30 11.81
CA ASP A 33 -6.64 -24.64 11.77
C ASP A 33 -6.44 -25.07 13.22
N ARG A 34 -7.37 -25.89 13.73
CA ARG A 34 -7.38 -26.24 15.15
C ARG A 34 -6.22 -27.15 15.56
N SER A 35 -5.56 -27.81 14.60
CA SER A 35 -4.49 -28.73 14.99
C SER A 35 -3.28 -28.01 15.60
N ASN A 36 -3.09 -26.71 15.30
CA ASN A 36 -1.99 -25.95 15.90
C ASN A 36 -2.18 -25.72 17.39
N PHE A 37 -3.40 -25.82 17.90
CA PHE A 37 -3.70 -25.45 19.27
C PHE A 37 -4.11 -26.68 20.08
N LYS A 38 -3.50 -26.82 21.25
CA LYS A 38 -3.72 -28.00 22.07
C LYS A 38 -5.14 -28.08 22.58
N THR A 39 -5.70 -29.28 22.55
CA THR A 39 -6.84 -29.58 23.39
C THR A 39 -6.33 -29.93 24.78
N CYS A 40 -7.28 -30.10 25.71
CA CYS A 40 -6.88 -30.45 27.08
C CYS A 40 -6.13 -31.78 27.09
N ASP A 41 -6.51 -32.70 26.22
CA ASP A 41 -5.83 -33.99 26.12
C ASP A 41 -4.39 -33.82 25.64
N GLU A 42 -4.14 -32.87 24.75
CA GLU A 42 -2.79 -32.63 24.27
C GLU A 42 -1.96 -31.78 25.23
N SER A 43 -2.59 -31.18 26.23
CA SER A 43 -1.88 -30.49 27.29
C SER A 43 -1.69 -31.45 28.45
N SER A 44 -0.44 -31.87 28.68
CA SER A 44 -0.23 -33.00 29.59
C SER A 44 -0.66 -32.67 31.01
N PHE A 45 -0.48 -31.42 31.47
CA PHE A 45 -0.94 -31.08 32.81
C PHE A 45 -2.47 -31.01 32.86
N CYS A 46 -3.11 -30.52 31.79
CA CYS A 46 -4.56 -30.55 31.78
C CYS A 46 -5.07 -31.98 31.78
N LYS A 47 -4.38 -32.87 31.06
CA LYS A 47 -4.82 -34.26 31.02
C LYS A 47 -4.66 -34.93 32.38
N ARG A 48 -3.54 -34.71 33.06
CA ARG A 48 -3.36 -35.25 34.40
C ARG A 48 -4.45 -34.76 35.34
N GLN A 49 -4.62 -33.43 35.43
CA GLN A 49 -5.60 -32.85 36.36
C GLN A 49 -7.01 -33.32 36.02
N ARG A 50 -7.41 -33.21 34.76
CA ARG A 50 -8.79 -33.54 34.39
C ARG A 50 -9.10 -35.02 34.55
N SER A 51 -8.09 -35.88 34.68
CA SER A 51 -8.33 -37.30 34.89
C SER A 51 -8.68 -37.60 36.34
N ILE A 52 -8.38 -36.67 37.25
CA ILE A 52 -8.82 -36.79 38.64
C ILE A 52 -10.30 -36.42 38.66
N ARG A 53 -11.13 -37.38 38.96
CA ARG A 53 -12.58 -37.19 38.91
C ARG A 53 -13.15 -37.01 40.31
N PRO A 54 -14.38 -36.48 40.44
CA PRO A 54 -14.93 -36.19 41.78
C PRO A 54 -14.90 -37.42 42.70
N GLY A 55 -14.46 -37.21 43.93
CA GLY A 55 -14.28 -38.32 44.84
C GLY A 55 -13.69 -37.88 46.16
N LEU A 56 -13.29 -38.85 46.97
CA LEU A 56 -12.76 -38.53 48.29
C LEU A 56 -11.35 -37.95 48.16
N SER A 57 -11.15 -36.74 48.65
CA SER A 57 -9.85 -36.11 48.50
C SER A 57 -8.82 -36.72 49.46
N PRO A 58 -7.60 -36.97 49.01
CA PRO A 58 -6.53 -37.42 49.91
C PRO A 58 -5.92 -36.33 50.76
N TYR A 59 -6.32 -35.07 50.60
CA TYR A 59 -5.74 -33.99 51.39
C TYR A 59 -6.48 -33.85 52.71
N ARG A 60 -5.73 -33.59 53.76
CA ARG A 60 -6.33 -33.39 55.08
C ARG A 60 -5.54 -32.34 55.84
N ALA A 61 -6.24 -31.57 56.67
CA ALA A 61 -5.63 -30.48 57.41
C ALA A 61 -5.19 -30.96 58.79
N LEU A 62 -3.93 -30.70 59.12
CA LEU A 62 -3.36 -31.10 60.41
C LEU A 62 -3.70 -30.02 61.42
N LEU A 63 -4.87 -30.16 62.07
CA LEU A 63 -5.35 -29.13 62.99
C LEU A 63 -4.40 -28.89 64.15
N ASP A 64 -3.46 -29.80 64.41
CA ASP A 64 -2.44 -29.54 65.41
C ASP A 64 -1.51 -28.40 64.99
N THR A 65 -1.35 -28.16 63.69
CA THR A 65 -0.44 -27.14 63.18
C THR A 65 -1.12 -25.77 63.04
N LEU A 66 -2.42 -25.71 63.30
CA LEU A 66 -3.18 -24.50 63.06
C LEU A 66 -2.62 -23.36 63.88
N GLN A 67 -2.43 -22.22 63.22
CA GLN A 67 -2.00 -21.01 63.90
C GLN A 67 -2.84 -19.86 63.38
N LEU A 68 -3.33 -19.03 64.27
CA LEU A 68 -4.20 -17.92 63.93
C LEU A 68 -3.29 -16.70 64.09
N GLY A 69 -2.77 -16.18 62.97
CA GLY A 69 -1.75 -15.16 62.98
C GLY A 69 -2.30 -13.76 63.02
N PRO A 70 -1.43 -12.76 62.96
CA PRO A 70 -1.95 -11.37 63.03
C PRO A 70 -2.87 -10.94 61.88
N ASP A 71 -2.62 -11.33 60.62
CA ASP A 71 -3.57 -11.04 59.55
C ASP A 71 -4.13 -12.27 58.82
N ALA A 72 -3.71 -13.48 59.20
CA ALA A 72 -4.08 -14.68 58.46
C ALA A 72 -4.14 -15.87 59.39
N LEU A 73 -4.77 -16.94 58.92
CA LEU A 73 -4.71 -18.26 59.54
C LEU A 73 -3.87 -19.21 58.68
N THR A 74 -2.92 -19.89 59.31
CA THR A 74 -2.11 -20.89 58.62
C THR A 74 -2.35 -22.25 59.24
N VAL A 75 -2.36 -23.28 58.39
CA VAL A 75 -2.54 -24.66 58.82
C VAL A 75 -1.91 -25.55 57.76
N HIS A 76 -1.26 -26.62 58.21
CA HIS A 76 -0.62 -27.53 57.28
C HIS A 76 -1.64 -28.49 56.67
N LEU A 77 -1.45 -28.78 55.39
CA LEU A 77 -2.18 -29.82 54.70
C LEU A 77 -1.22 -30.94 54.32
N ILE A 78 -1.74 -32.15 54.17
CA ILE A 78 -0.91 -33.29 53.82
C ILE A 78 -1.65 -34.16 52.83
N HIS A 79 -0.92 -34.66 51.83
CA HIS A 79 -1.45 -35.69 50.94
C HIS A 79 -1.31 -37.03 51.64
N GLU A 80 -2.41 -37.78 51.75
CA GLU A 80 -2.39 -38.99 52.57
C GLU A 80 -1.45 -40.05 52.02
N VAL A 81 -1.26 -40.09 50.70
CA VAL A 81 -0.44 -41.13 50.09
C VAL A 81 1.00 -40.67 49.93
N THR A 82 1.22 -39.51 49.29
CA THR A 82 2.57 -39.01 49.06
C THR A 82 3.22 -38.41 50.30
N LYS A 83 2.43 -38.02 51.30
CA LYS A 83 2.88 -37.33 52.51
C LYS A 83 3.52 -35.97 52.21
N VAL A 84 3.17 -35.36 51.07
CA VAL A 84 3.64 -34.01 50.80
C VAL A 84 2.91 -33.02 51.71
N LEU A 85 3.65 -32.06 52.25
CA LEU A 85 3.10 -31.07 53.17
C LEU A 85 2.91 -29.74 52.45
N LEU A 86 1.67 -29.24 52.44
CA LEU A 86 1.31 -27.92 51.94
C LEU A 86 0.96 -27.01 53.11
N VAL A 87 0.85 -25.71 52.81
CA VAL A 87 0.44 -24.71 53.80
C VAL A 87 -0.73 -23.92 53.23
N LEU A 88 -1.85 -23.93 53.95
CA LEU A 88 -2.98 -23.10 53.63
C LEU A 88 -2.89 -21.78 54.39
N GLU A 89 -2.95 -20.67 53.65
CA GLU A 89 -3.05 -19.33 54.24
C GLU A 89 -4.45 -18.84 53.93
N LEU A 90 -5.29 -18.76 54.97
CA LEU A 90 -6.69 -18.39 54.85
C LEU A 90 -6.86 -17.01 55.48
N GLN A 91 -7.55 -16.11 54.76
CA GLN A 91 -7.68 -14.72 55.19
C GLN A 91 -9.10 -14.24 54.94
N GLY A 92 -9.69 -13.64 55.96
CA GLY A 92 -10.86 -12.80 55.76
C GLY A 92 -10.39 -11.40 55.41
N LEU A 93 -11.14 -10.76 54.52
CA LEU A 93 -10.74 -9.44 54.08
C LEU A 93 -11.88 -8.47 54.30
N GLN A 94 -11.52 -7.21 54.53
CA GLN A 94 -12.49 -6.13 54.53
C GLN A 94 -13.23 -6.14 53.20
N LYS A 95 -14.48 -5.67 53.23
CA LYS A 95 -15.41 -5.67 52.07
C LYS A 95 -15.82 -7.10 51.72
N ASP A 96 -16.18 -7.89 52.71
CA ASP A 96 -16.72 -9.26 52.56
C ASP A 96 -16.03 -10.10 51.49
N MET A 97 -14.74 -10.29 51.62
CA MET A 97 -13.96 -11.14 50.75
C MET A 97 -13.11 -12.09 51.59
N THR A 98 -12.87 -13.28 51.03
CA THR A 98 -11.97 -14.27 51.59
C THR A 98 -10.91 -14.59 50.55
N ARG A 99 -9.66 -14.76 51.01
CA ARG A 99 -8.54 -15.14 50.16
C ARG A 99 -7.96 -16.46 50.63
N ILE A 100 -7.79 -17.40 49.70
CA ILE A 100 -7.21 -18.72 49.98
C ILE A 100 -5.92 -18.85 49.20
N ARG A 101 -4.82 -19.13 49.91
CA ARG A 101 -3.54 -19.38 49.27
C ARG A 101 -2.95 -20.68 49.79
N ILE A 102 -2.47 -21.51 48.86
CA ILE A 102 -1.86 -22.80 49.18
C ILE A 102 -0.51 -22.91 48.48
N ASP A 103 0.54 -23.17 49.24
CA ASP A 103 1.88 -23.35 48.71
C ASP A 103 2.50 -24.57 49.39
N GLU A 104 3.63 -25.03 48.85
CA GLU A 104 4.36 -26.11 49.50
C GLU A 104 4.98 -25.61 50.80
N LEU A 105 5.08 -26.53 51.77
CA LEU A 105 5.67 -26.19 53.06
C LEU A 105 7.18 -25.97 52.93
N GLU A 106 7.87 -26.88 52.26
CA GLU A 106 9.31 -26.76 52.01
C GLU A 106 9.56 -27.02 50.53
N PRO A 107 9.38 -26.02 49.69
CA PRO A 107 9.64 -26.22 48.26
C PRO A 107 11.13 -26.24 47.98
N ARG A 108 11.51 -26.98 46.92
CA ARG A 108 12.90 -26.96 46.48
C ARG A 108 13.26 -25.58 45.91
N ARG A 109 12.32 -24.96 45.20
CA ARG A 109 12.46 -23.62 44.65
C ARG A 109 11.13 -22.90 44.79
N PRO A 110 11.16 -21.58 44.92
CA PRO A 110 9.93 -20.83 45.14
C PRO A 110 9.00 -20.92 43.94
N ARG A 111 7.70 -20.94 44.23
CA ARG A 111 6.67 -20.94 43.21
C ARG A 111 6.27 -19.50 42.86
N TYR A 112 5.68 -19.35 41.68
CA TYR A 112 5.34 -18.02 41.19
C TYR A 112 4.09 -17.50 41.88
N ARG A 113 4.18 -16.25 42.34
CA ARG A 113 3.05 -15.49 42.85
C ARG A 113 2.92 -14.25 41.98
N VAL A 114 1.72 -13.99 41.49
CA VAL A 114 1.51 -12.96 40.45
C VAL A 114 1.72 -11.54 40.98
N PRO A 115 2.72 -10.82 40.51
CA PRO A 115 2.95 -9.45 40.96
C PRO A 115 2.19 -8.45 40.07
N ASP A 116 2.16 -7.21 40.56
CA ASP A 116 1.70 -6.03 39.81
C ASP A 116 0.24 -6.04 39.36
N VAL A 117 -0.51 -7.10 39.63
CA VAL A 117 -1.93 -7.14 39.28
C VAL A 117 -2.79 -6.53 40.40
N LEU A 118 -2.52 -6.90 41.65
CA LEU A 118 -3.21 -6.29 42.78
C LEU A 118 -2.72 -4.87 42.98
N VAL A 119 -3.65 -3.92 43.11
CA VAL A 119 -3.25 -2.52 43.28
C VAL A 119 -2.78 -2.22 44.70
N ALA A 120 -3.07 -3.10 45.66
CA ALA A 120 -2.67 -2.91 47.05
C ALA A 120 -2.64 -4.26 47.74
N ASP A 121 -2.01 -4.30 48.91
CA ASP A 121 -2.17 -5.39 49.85
C ASP A 121 -3.58 -5.32 50.39
N PRO A 122 -4.44 -6.28 50.12
CA PRO A 122 -5.84 -6.14 50.53
C PRO A 122 -5.96 -6.03 52.04
N PRO A 123 -6.67 -5.03 52.55
CA PRO A 123 -6.88 -4.95 54.01
C PRO A 123 -7.60 -6.18 54.54
N THR A 124 -7.06 -6.74 55.62
CA THR A 124 -7.57 -7.95 56.21
C THR A 124 -8.61 -7.68 57.27
N ALA A 125 -9.40 -8.71 57.57
CA ALA A 125 -10.29 -8.75 58.70
C ALA A 125 -9.87 -9.91 59.59
N ARG A 126 -10.06 -9.74 60.90
CA ARG A 126 -9.60 -10.72 61.88
C ARG A 126 -10.47 -11.97 61.85
N LEU A 127 -9.82 -13.13 61.93
CA LEU A 127 -10.51 -14.40 62.13
C LEU A 127 -10.53 -14.75 63.62
N SER A 128 -11.64 -15.37 64.04
CA SER A 128 -11.81 -15.95 65.37
C SER A 128 -12.29 -17.37 65.25
N VAL A 129 -11.79 -18.23 66.13
CA VAL A 129 -12.36 -19.56 66.29
C VAL A 129 -13.67 -19.43 67.07
N SER A 130 -14.76 -19.86 66.47
CA SER A 130 -16.07 -19.83 67.11
C SER A 130 -16.66 -21.22 67.28
N GLY A 131 -15.88 -22.28 67.01
CA GLY A 131 -16.32 -23.66 67.10
C GLY A 131 -15.19 -24.59 66.75
N ARG A 132 -15.14 -25.78 67.36
CA ARG A 132 -14.01 -26.68 67.17
C ARG A 132 -14.40 -28.07 67.65
N ASP A 133 -14.15 -29.09 66.83
CA ASP A 133 -14.27 -30.47 67.29
C ASP A 133 -13.07 -31.25 66.75
N ASP A 134 -13.21 -32.58 66.67
CA ASP A 134 -12.10 -33.41 66.25
C ASP A 134 -11.78 -33.23 64.78
N ASN A 135 -12.77 -32.83 63.99
CA ASN A 135 -12.62 -32.79 62.54
C ASN A 135 -13.02 -31.44 61.94
N SER A 136 -13.11 -30.38 62.74
CA SER A 136 -13.74 -29.18 62.25
C SER A 136 -13.32 -27.97 63.08
N VAL A 137 -13.10 -26.85 62.41
CA VAL A 137 -12.87 -25.57 63.07
C VAL A 137 -13.75 -24.54 62.36
N GLU A 138 -14.57 -23.84 63.11
CA GLU A 138 -15.41 -22.79 62.56
C GLU A 138 -14.74 -21.45 62.84
N LEU A 139 -14.64 -20.61 61.82
CA LEU A 139 -13.97 -19.32 61.96
C LEU A 139 -14.96 -18.23 61.63
N THR A 140 -15.00 -17.19 62.46
CA THR A 140 -15.85 -16.04 62.23
C THR A 140 -14.98 -14.88 61.76
N VAL A 141 -15.43 -14.19 60.71
CA VAL A 141 -14.70 -13.06 60.16
C VAL A 141 -15.16 -11.79 60.89
N ALA A 142 -14.23 -11.15 61.59
CA ALA A 142 -14.52 -9.96 62.40
C ALA A 142 -15.63 -10.34 63.37
N GLU A 143 -16.78 -9.68 63.36
CA GLU A 143 -17.88 -10.02 64.25
C GLU A 143 -19.12 -10.51 63.49
N GLY A 144 -18.92 -11.09 62.31
CA GLY A 144 -20.01 -11.66 61.54
C GLY A 144 -20.57 -10.70 60.52
N PRO A 145 -21.49 -11.18 59.66
CA PRO A 145 -22.10 -12.51 59.71
C PRO A 145 -21.36 -13.60 58.94
N TYR A 146 -20.16 -13.35 58.45
CA TYR A 146 -19.46 -14.30 57.59
C TYR A 146 -18.65 -15.29 58.40
N LYS A 147 -18.84 -16.58 58.10
CA LYS A 147 -18.15 -17.66 58.78
C LYS A 147 -17.51 -18.61 57.77
N ILE A 148 -16.39 -19.20 58.16
CA ILE A 148 -15.66 -20.18 57.35
C ILE A 148 -15.48 -21.45 58.18
N ILE A 149 -15.99 -22.57 57.68
CA ILE A 149 -15.85 -23.88 58.32
C ILE A 149 -14.70 -24.61 57.64
N LEU A 150 -13.61 -24.82 58.38
CA LEU A 150 -12.51 -25.66 57.90
C LEU A 150 -12.72 -27.08 58.42
N THR A 151 -12.98 -28.02 57.51
CA THR A 151 -13.00 -29.44 57.85
C THR A 151 -11.60 -30.03 57.65
N ALA A 152 -11.20 -30.90 58.59
CA ALA A 152 -9.84 -31.44 58.57
C ALA A 152 -9.72 -32.66 57.65
N GLN A 153 -10.70 -33.59 57.71
CA GLN A 153 -10.69 -34.86 56.97
C GLN A 153 -12.04 -35.20 56.36
N PRO A 154 -12.16 -35.19 55.02
CA PRO A 154 -11.16 -34.70 54.07
C PRO A 154 -11.09 -33.18 54.09
N PHE A 155 -9.98 -32.58 53.66
CA PHE A 155 -9.83 -31.12 53.67
C PHE A 155 -10.96 -30.46 52.88
N ARG A 156 -11.56 -29.43 53.47
CA ARG A 156 -12.72 -28.78 52.87
C ARG A 156 -12.92 -27.42 53.54
N LEU A 157 -13.43 -26.47 52.77
CA LEU A 157 -13.79 -25.17 53.30
C LEU A 157 -15.23 -24.86 52.90
N ASP A 158 -16.01 -24.37 53.86
CA ASP A 158 -17.36 -23.88 53.60
C ASP A 158 -17.44 -22.43 54.03
N LEU A 159 -18.14 -21.62 53.25
CA LEU A 159 -18.29 -20.19 53.55
C LEU A 159 -19.77 -19.87 53.71
N LEU A 160 -20.10 -19.22 54.82
CA LEU A 160 -21.48 -18.97 55.19
C LEU A 160 -21.67 -17.52 55.57
N GLU A 161 -22.88 -17.03 55.33
CA GLU A 161 -23.39 -15.82 55.95
C GLU A 161 -24.44 -16.28 56.96
N ASP A 162 -24.09 -16.19 58.26
CA ASP A 162 -24.87 -16.83 59.33
C ASP A 162 -24.98 -18.33 59.06
N ARG A 163 -26.17 -18.81 58.72
CA ARG A 163 -26.40 -20.22 58.47
C ARG A 163 -26.72 -20.52 57.01
N SER A 164 -26.53 -19.56 56.12
CA SER A 164 -26.68 -19.80 54.69
C SER A 164 -25.32 -20.20 54.12
N LEU A 165 -25.24 -21.39 53.56
CA LEU A 165 -24.03 -21.83 52.89
C LEU A 165 -23.90 -21.09 51.56
N LEU A 166 -22.82 -20.34 51.40
CA LEU A 166 -22.62 -19.58 50.15
C LEU A 166 -21.84 -20.37 49.12
N LEU A 167 -20.82 -21.09 49.56
CA LEU A 167 -19.80 -21.60 48.66
C LEU A 167 -18.99 -22.65 49.39
N SER A 168 -18.59 -23.70 48.68
CA SER A 168 -17.70 -24.72 49.24
C SER A 168 -16.47 -24.88 48.36
N VAL A 169 -15.35 -25.17 49.01
CA VAL A 169 -14.06 -25.38 48.35
C VAL A 169 -13.65 -26.83 48.58
N ASN A 170 -13.32 -27.53 47.49
CA ASN A 170 -12.86 -28.93 47.49
C ASN A 170 -13.96 -29.91 47.87
N ALA A 171 -15.23 -29.52 47.69
CA ALA A 171 -16.36 -30.39 47.99
C ALA A 171 -16.41 -31.63 47.10
N ARG A 172 -15.82 -31.58 45.91
CA ARG A 172 -15.78 -32.75 45.06
C ARG A 172 -14.41 -33.42 45.06
N GLY A 173 -13.52 -33.00 45.95
CA GLY A 173 -12.23 -33.64 46.08
C GLY A 173 -11.30 -33.49 44.89
N LEU A 174 -11.45 -32.41 44.12
CA LEU A 174 -10.65 -32.20 42.92
C LEU A 174 -9.36 -31.44 43.19
N MET A 175 -9.04 -31.14 44.45
CA MET A 175 -7.80 -30.42 44.74
C MET A 175 -6.60 -31.25 44.31
N ALA A 176 -5.69 -30.61 43.58
CA ALA A 176 -4.49 -31.27 43.08
C ALA A 176 -3.33 -30.29 43.12
N PHE A 177 -2.22 -30.69 43.75
CA PHE A 177 -1.04 -29.83 43.92
C PHE A 177 0.20 -30.65 43.62
N GLU A 178 0.69 -30.59 42.39
CA GLU A 178 1.88 -31.36 42.03
C GLU A 178 3.11 -30.68 42.62
N HIS A 179 3.75 -31.35 43.58
CA HIS A 179 4.94 -30.77 44.20
C HIS A 179 6.14 -30.85 43.25
N GLN A 180 7.09 -29.95 43.49
CA GLN A 180 8.27 -29.84 42.66
C GLN A 180 9.22 -31.01 42.93
N ARG A 181 9.41 -31.88 41.93
CA ARG A 181 10.29 -33.04 42.05
C ARG A 181 11.70 -32.72 41.58
N ALA A 182 12.59 -33.67 41.80
CA ALA A 182 14.03 -33.50 41.52
C ALA A 182 14.30 -33.21 40.04
N PRO A 183 14.82 -32.02 39.68
CA PRO A 183 14.99 -31.52 38.32
C PRO A 183 15.92 -32.39 37.47
N GLY A 245 4.56 -37.04 28.73
CA GLY A 245 4.66 -35.60 28.55
C GLY A 245 4.79 -34.85 29.86
N ALA A 246 5.03 -35.60 30.94
CA ALA A 246 5.15 -35.03 32.28
C ALA A 246 6.41 -34.18 32.45
N TRP A 247 7.51 -34.58 31.81
CA TRP A 247 8.72 -33.78 31.81
C TRP A 247 8.93 -33.26 30.39
N GLU A 248 9.99 -33.71 29.69
CA GLU A 248 10.17 -33.28 28.32
C GLU A 248 8.92 -33.62 27.51
N GLU A 249 8.44 -32.65 26.73
CA GLU A 249 7.17 -32.76 26.04
C GLU A 249 7.28 -32.04 24.71
N THR A 250 6.72 -32.66 23.66
CA THR A 250 6.72 -32.06 22.33
C THR A 250 5.28 -31.88 21.84
N PHE A 251 5.04 -30.76 21.17
CA PHE A 251 3.80 -30.49 20.46
C PHE A 251 4.17 -30.02 19.06
N LYS A 252 3.64 -30.71 18.04
CA LYS A 252 4.07 -30.52 16.67
C LYS A 252 5.58 -30.72 16.60
N THR A 253 6.33 -29.65 16.28
CA THR A 253 7.77 -29.74 16.18
C THR A 253 8.51 -29.02 17.32
N HIS A 254 7.79 -28.51 18.32
CA HIS A 254 8.39 -27.73 19.39
C HIS A 254 8.53 -28.59 20.64
N SER A 255 9.71 -28.57 21.25
CA SER A 255 9.98 -29.39 22.42
C SER A 255 10.13 -28.50 23.65
N ASP A 256 9.26 -28.72 24.63
CA ASP A 256 9.35 -28.05 25.93
C ASP A 256 10.30 -28.86 26.81
N SER A 257 11.45 -28.27 27.15
CA SER A 257 12.42 -29.02 27.93
C SER A 257 11.89 -29.30 29.34
N LYS A 258 10.99 -28.45 29.84
CA LYS A 258 10.27 -28.69 31.10
C LYS A 258 11.23 -29.06 32.24
N PRO A 259 12.19 -28.19 32.55
CA PRO A 259 13.25 -28.57 33.51
C PRO A 259 12.76 -28.77 34.94
N TYR A 260 11.53 -28.40 35.27
CA TYR A 260 11.03 -28.53 36.63
C TYR A 260 9.97 -29.60 36.79
N GLY A 261 9.60 -30.29 35.69
CA GLY A 261 8.65 -31.38 35.75
C GLY A 261 7.24 -30.91 36.06
N PRO A 262 6.38 -31.84 36.48
CA PRO A 262 4.99 -31.48 36.76
C PRO A 262 4.88 -30.58 37.98
N THR A 263 4.15 -29.48 37.85
CA THR A 263 3.99 -28.53 38.94
C THR A 263 2.56 -27.98 39.01
N SER A 264 1.61 -28.62 38.34
CA SER A 264 0.31 -28.00 38.15
C SER A 264 -0.49 -28.01 39.45
N VAL A 265 -1.40 -27.06 39.56
CA VAL A 265 -2.27 -26.90 40.72
C VAL A 265 -3.69 -26.78 40.23
N GLY A 266 -4.63 -27.24 41.04
CA GLY A 266 -6.03 -27.24 40.67
C GLY A 266 -6.88 -27.29 41.92
N LEU A 267 -8.12 -26.83 41.78
CA LEU A 267 -9.01 -26.69 42.93
C LEU A 267 -10.42 -26.43 42.44
N ASP A 268 -11.42 -26.97 43.15
CA ASP A 268 -12.82 -26.90 42.77
C ASP A 268 -13.63 -26.08 43.78
N PHE A 269 -14.79 -25.60 43.32
CA PHE A 269 -15.65 -24.70 44.06
C PHE A 269 -17.08 -25.04 43.74
N SER A 270 -17.94 -25.07 44.77
CA SER A 270 -19.34 -25.45 44.60
C SER A 270 -20.20 -24.25 44.96
N LEU A 271 -21.13 -23.91 44.07
CA LEU A 271 -21.97 -22.73 44.19
C LEU A 271 -23.42 -23.17 44.31
N PRO A 272 -23.89 -23.46 45.53
CA PRO A 272 -25.29 -23.90 45.70
C PRO A 272 -26.26 -22.77 45.40
N GLY A 273 -27.30 -23.10 44.62
CA GLY A 273 -28.29 -22.12 44.22
C GLY A 273 -28.02 -21.44 42.88
N MET A 274 -26.79 -21.54 42.37
CA MET A 274 -26.40 -20.87 41.14
C MET A 274 -26.59 -21.80 39.94
N GLU A 275 -27.24 -21.28 38.90
CA GLU A 275 -27.35 -21.96 37.61
C GLU A 275 -26.77 -21.15 36.46
N HIS A 276 -26.33 -19.92 36.69
CA HIS A 276 -25.81 -19.07 35.63
C HIS A 276 -24.47 -18.52 36.08
N VAL A 277 -23.44 -18.78 35.29
CA VAL A 277 -22.11 -18.22 35.53
C VAL A 277 -21.69 -17.47 34.27
N TYR A 278 -20.76 -16.53 34.48
CA TYR A 278 -20.33 -15.60 33.45
C TYR A 278 -18.87 -15.25 33.65
N GLY A 279 -18.25 -14.70 32.60
CA GLY A 279 -16.89 -14.20 32.73
C GLY A 279 -15.82 -15.00 32.02
N ILE A 280 -14.69 -15.16 32.70
CA ILE A 280 -13.44 -15.72 32.17
C ILE A 280 -13.27 -15.46 30.68
N PRO A 281 -13.26 -14.20 30.23
CA PRO A 281 -12.87 -13.91 28.85
C PRO A 281 -11.41 -14.29 28.62
N GLU A 282 -11.05 -14.51 27.36
CA GLU A 282 -11.84 -14.16 26.21
C GLU A 282 -12.19 -15.41 25.38
N HIS A 283 -13.45 -15.54 25.02
CA HIS A 283 -13.92 -16.65 24.22
C HIS A 283 -14.98 -16.11 23.27
N ALA A 284 -14.96 -16.60 22.03
CA ALA A 284 -16.03 -16.24 21.10
C ALA A 284 -17.19 -17.18 21.44
N ASP A 285 -17.85 -16.85 22.53
CA ASP A 285 -18.87 -17.72 23.08
C ASP A 285 -19.92 -16.84 23.75
N SER A 286 -21.00 -17.48 24.16
CA SER A 286 -22.15 -16.78 24.70
C SER A 286 -21.85 -16.16 26.05
N LEU A 287 -22.65 -15.15 26.40
CA LEU A 287 -22.50 -14.50 27.70
C LEU A 287 -22.63 -15.50 28.85
N ARG A 288 -23.73 -16.26 28.87
CA ARG A 288 -23.87 -17.30 29.88
C ARG A 288 -22.97 -18.48 29.54
N LEU A 289 -22.04 -18.81 30.42
CA LEU A 289 -21.08 -19.85 30.12
C LEU A 289 -21.76 -21.22 30.15
N LYS A 290 -21.32 -22.10 29.24
CA LYS A 290 -21.86 -23.44 29.09
C LYS A 290 -21.13 -24.41 29.99
N VAL A 291 -21.81 -25.51 30.33
CA VAL A 291 -21.13 -26.61 31.03
C VAL A 291 -20.11 -27.24 30.08
N THR A 292 -19.00 -27.72 30.65
CA THR A 292 -17.89 -28.27 29.87
C THR A 292 -17.80 -29.79 29.93
N GLU A 293 -18.74 -30.45 30.62
CA GLU A 293 -18.58 -31.85 31.00
C GLU A 293 -18.36 -32.73 29.77
N GLY A 294 -19.21 -32.58 28.76
CA GLY A 294 -19.03 -33.39 27.58
C GLY A 294 -18.06 -32.87 26.53
N GLY A 295 -17.22 -31.89 26.84
CA GLY A 295 -16.34 -31.31 25.84
C GLY A 295 -15.08 -30.75 26.45
N GLU A 296 -14.58 -29.71 25.83
CA GLU A 296 -13.39 -29.05 26.30
C GLU A 296 -13.73 -28.12 27.47
N PRO A 297 -12.80 -27.95 28.39
CA PRO A 297 -12.91 -26.85 29.37
C PRO A 297 -12.70 -25.52 28.68
N TYR A 298 -13.09 -24.44 29.37
CA TYR A 298 -12.71 -23.12 28.91
C TYR A 298 -11.22 -22.91 29.17
N ARG A 299 -10.51 -22.42 28.16
CA ARG A 299 -9.07 -22.28 28.23
C ARG A 299 -8.70 -20.81 28.39
N LEU A 300 -7.73 -20.53 29.26
CA LEU A 300 -7.24 -19.17 29.50
C LEU A 300 -5.76 -19.19 29.19
N TYR A 301 -5.41 -18.78 27.96
CA TYR A 301 -4.01 -18.74 27.54
C TYR A 301 -3.95 -17.78 26.36
N ASN A 302 -3.37 -16.59 26.58
CA ASN A 302 -3.38 -15.56 25.54
C ASN A 302 -2.73 -16.09 24.27
N LEU A 303 -3.52 -16.27 23.23
CA LEU A 303 -3.09 -16.91 21.99
C LEU A 303 -3.66 -16.17 20.78
N ASP A 304 -2.91 -16.22 19.68
CA ASP A 304 -3.25 -15.55 18.42
C ASP A 304 -3.87 -16.61 17.49
N VAL A 305 -5.20 -16.60 17.39
CA VAL A 305 -5.95 -17.61 16.64
C VAL A 305 -6.44 -16.98 15.34
N PHE A 306 -5.87 -17.46 14.23
CA PHE A 306 -6.13 -16.90 12.91
C PHE A 306 -7.53 -17.28 12.45
N GLN A 307 -8.33 -16.27 12.07
CA GLN A 307 -9.71 -16.45 11.62
C GLN A 307 -10.49 -17.30 12.62
N TYR A 308 -10.50 -16.85 13.88
CA TYR A 308 -11.13 -17.64 14.92
C TYR A 308 -12.62 -17.79 14.64
N GLU A 309 -13.20 -18.88 15.12
CA GLU A 309 -14.60 -19.22 14.85
C GLU A 309 -15.45 -19.03 16.10
N LEU A 310 -16.77 -19.06 15.89
CA LEU A 310 -17.74 -18.70 16.90
C LEU A 310 -18.26 -19.93 17.64
N ASN A 311 -18.64 -19.70 18.90
CA ASN A 311 -19.27 -20.69 19.76
C ASN A 311 -18.33 -21.87 20.04
N ASN A 312 -17.16 -21.55 20.58
CA ASN A 312 -16.27 -22.62 21.01
C ASN A 312 -15.38 -22.08 22.12
N PRO A 313 -14.79 -22.96 22.94
CA PRO A 313 -14.06 -22.48 24.12
C PRO A 313 -12.57 -22.31 23.94
N MET A 314 -12.09 -22.19 22.69
CA MET A 314 -10.66 -22.01 22.48
C MET A 314 -10.18 -20.70 23.11
N ALA A 315 -8.98 -20.72 23.65
CA ALA A 315 -8.41 -19.51 24.22
C ALA A 315 -8.15 -18.49 23.12
N LEU A 316 -8.61 -17.25 23.34
CA LEU A 316 -8.28 -16.17 22.42
C LEU A 316 -7.22 -15.27 23.06
N TYR A 317 -7.23 -13.98 22.72
CA TYR A 317 -6.05 -13.16 22.91
C TYR A 317 -5.80 -12.78 24.37
N GLY A 318 -6.86 -12.70 25.19
CA GLY A 318 -6.73 -12.28 26.56
C GLY A 318 -7.37 -13.26 27.52
N SER A 319 -6.98 -13.14 28.79
CA SER A 319 -7.42 -14.05 29.85
C SER A 319 -7.66 -13.26 31.13
N VAL A 320 -8.90 -13.22 31.61
CA VAL A 320 -9.23 -12.65 32.90
C VAL A 320 -9.86 -13.75 33.75
N PRO A 321 -9.11 -14.31 34.68
CA PRO A 321 -9.58 -15.47 35.47
C PRO A 321 -10.56 -15.06 36.57
N VAL A 322 -11.70 -14.53 36.15
CA VAL A 322 -12.73 -14.04 37.05
C VAL A 322 -14.04 -14.61 36.56
N LEU A 323 -14.78 -15.27 37.46
CA LEU A 323 -16.04 -15.89 37.16
C LEU A 323 -17.11 -15.32 38.09
N LEU A 324 -18.25 -14.94 37.52
CA LEU A 324 -19.36 -14.38 38.28
C LEU A 324 -20.53 -15.35 38.26
N ALA A 325 -21.18 -15.51 39.40
CA ALA A 325 -22.35 -16.37 39.53
C ALA A 325 -23.53 -15.54 39.99
N HIS A 326 -24.64 -15.65 39.27
CA HIS A 326 -25.84 -14.90 39.57
C HIS A 326 -27.03 -15.83 39.75
N SER A 327 -27.82 -15.55 40.79
CA SER A 327 -29.14 -16.14 40.96
C SER A 327 -30.07 -15.04 41.43
N PHE A 328 -31.37 -15.39 41.50
CA PHE A 328 -32.39 -14.49 42.05
C PHE A 328 -31.99 -13.92 43.41
N HIS A 329 -31.27 -14.70 44.21
CA HIS A 329 -31.04 -14.38 45.62
C HIS A 329 -29.68 -13.74 45.90
N ARG A 330 -28.64 -14.03 45.14
CA ARG A 330 -27.32 -13.54 45.51
C ARG A 330 -26.41 -13.49 44.28
N ASP A 331 -25.29 -12.79 44.44
CA ASP A 331 -24.24 -12.72 43.45
C ASP A 331 -22.90 -13.06 44.10
N LEU A 332 -22.08 -13.85 43.42
CA LEU A 332 -20.76 -14.20 43.94
C LEU A 332 -19.72 -14.05 42.83
N GLY A 333 -18.47 -13.97 43.22
CA GLY A 333 -17.39 -13.91 42.25
C GLY A 333 -16.19 -14.71 42.71
N ILE A 334 -15.49 -15.29 41.74
CA ILE A 334 -14.26 -16.04 42.00
C ILE A 334 -13.18 -15.44 41.13
N PHE A 335 -12.06 -15.08 41.76
CA PHE A 335 -10.91 -14.45 41.13
C PHE A 335 -9.71 -15.38 41.38
N TRP A 336 -9.33 -16.13 40.35
CA TRP A 336 -8.26 -17.12 40.45
C TRP A 336 -6.96 -16.46 40.00
N LEU A 337 -6.16 -15.96 40.95
CA LEU A 337 -4.98 -15.13 40.65
C LEU A 337 -3.79 -16.02 40.26
N ASN A 338 -3.80 -16.43 39.00
CA ASN A 338 -2.73 -17.23 38.41
C ASN A 338 -2.43 -16.76 37.00
N ALA A 339 -1.15 -16.68 36.63
CA ALA A 339 -0.70 -16.19 35.33
C ALA A 339 -0.31 -17.30 34.35
N ALA A 340 -0.33 -18.55 34.78
CA ALA A 340 0.03 -19.65 33.90
C ALA A 340 -1.19 -20.10 33.12
N GLU A 341 -0.96 -20.99 32.15
CA GLU A 341 -2.04 -21.59 31.38
C GLU A 341 -3.07 -22.20 32.31
N THR A 342 -4.33 -21.86 32.12
CA THR A 342 -5.38 -22.26 33.03
C THR A 342 -6.59 -22.79 32.27
N TRP A 343 -7.10 -23.94 32.69
CA TRP A 343 -8.31 -24.52 32.13
C TRP A 343 -9.41 -24.47 33.19
N VAL A 344 -10.64 -24.24 32.75
CA VAL A 344 -11.76 -24.06 33.68
C VAL A 344 -12.88 -25.02 33.29
N ASP A 345 -13.22 -25.93 34.18
CA ASP A 345 -14.36 -26.83 33.98
C ASP A 345 -15.56 -26.30 34.75
N ILE A 346 -16.73 -26.43 34.15
CA ILE A 346 -17.99 -25.96 34.71
C ILE A 346 -19.00 -27.08 34.63
N SER A 347 -19.62 -27.43 35.75
CA SER A 347 -20.59 -28.52 35.75
C SER A 347 -21.83 -28.15 36.54
N SER A 348 -22.99 -28.61 36.08
CA SER A 348 -24.25 -28.37 36.77
C SER A 348 -24.75 -29.65 37.43
N ASN A 349 -25.57 -29.49 38.46
CA ASN A 349 -26.22 -30.62 39.13
C ASN A 349 -27.71 -30.35 39.26
N THR A 369 -31.62 -27.06 45.43
CA THR A 369 -30.89 -28.15 44.77
C THR A 369 -30.05 -27.75 43.53
N PRO A 370 -30.47 -26.78 42.72
CA PRO A 370 -29.61 -26.36 41.59
C PRO A 370 -28.24 -25.85 42.05
N GLN A 371 -27.20 -26.34 41.40
CA GLN A 371 -25.85 -26.00 41.83
C GLN A 371 -24.89 -26.06 40.64
N THR A 372 -23.94 -25.14 40.63
CA THR A 372 -22.88 -25.11 39.65
C THR A 372 -21.56 -25.29 40.36
N ASP A 373 -20.73 -26.21 39.85
CA ASP A 373 -19.38 -26.43 40.34
C ASP A 373 -18.38 -25.88 39.33
N ILE A 374 -17.28 -25.33 39.83
CA ILE A 374 -16.25 -24.70 39.02
C ILE A 374 -14.90 -25.27 39.44
N ARG A 375 -14.09 -25.67 38.46
CA ARG A 375 -12.77 -26.21 38.72
C ARG A 375 -11.72 -25.47 37.88
N TRP A 376 -10.70 -24.93 38.54
CA TRP A 376 -9.61 -24.23 37.88
C TRP A 376 -8.38 -25.13 37.84
N MET A 377 -7.68 -25.13 36.69
CA MET A 377 -6.50 -25.98 36.51
C MET A 377 -5.39 -25.17 35.85
N SER A 378 -4.29 -24.98 36.58
CA SER A 378 -3.19 -24.12 36.14
C SER A 378 -1.87 -24.88 36.17
N GLU A 379 -0.96 -24.49 35.26
CA GLU A 379 0.27 -25.25 35.02
C GLU A 379 1.33 -25.04 36.11
N SER A 380 1.40 -23.86 36.71
CA SER A 380 2.40 -23.64 37.75
C SER A 380 1.90 -22.53 38.67
N GLY A 381 2.81 -21.95 39.45
CA GLY A 381 2.42 -20.97 40.45
C GLY A 381 1.77 -21.62 41.66
N ILE A 382 1.25 -20.78 42.54
CA ILE A 382 0.57 -21.23 43.74
C ILE A 382 -0.93 -21.23 43.48
N ILE A 383 -1.69 -21.81 44.40
CA ILE A 383 -3.12 -21.57 44.44
C ILE A 383 -3.35 -20.23 45.13
N ASP A 384 -4.07 -19.32 44.47
CA ASP A 384 -4.32 -17.99 45.01
C ASP A 384 -5.65 -17.54 44.43
N VAL A 385 -6.70 -17.60 45.25
CA VAL A 385 -8.06 -17.37 44.79
C VAL A 385 -8.77 -16.43 45.77
N PHE A 386 -9.59 -15.54 45.22
CA PHE A 386 -10.37 -14.58 46.00
C PHE A 386 -11.85 -14.92 45.87
N LEU A 387 -12.53 -15.01 46.99
CA LEU A 387 -13.97 -15.27 47.01
C LEU A 387 -14.67 -13.96 47.38
N MET A 388 -15.49 -13.46 46.48
CA MET A 388 -16.11 -12.15 46.58
C MET A 388 -17.60 -12.37 46.81
N LEU A 389 -18.07 -12.06 48.02
CA LEU A 389 -19.30 -12.66 48.51
C LEU A 389 -20.55 -11.83 48.22
N GLY A 390 -20.42 -10.70 47.55
CA GLY A 390 -21.57 -9.89 47.24
C GLY A 390 -22.11 -9.20 48.47
N PRO A 391 -23.43 -9.25 48.69
CA PRO A 391 -24.42 -10.09 47.98
C PRO A 391 -24.92 -9.59 46.64
N SER A 392 -24.89 -8.29 46.35
CA SER A 392 -25.38 -7.83 45.05
C SER A 392 -24.23 -7.82 44.03
N VAL A 393 -24.61 -7.78 42.75
CA VAL A 393 -23.55 -7.81 41.75
C VAL A 393 -22.71 -6.54 41.83
N PHE A 394 -23.31 -5.40 42.25
CA PHE A 394 -22.50 -4.20 42.42
C PHE A 394 -21.55 -4.31 43.60
N ASP A 395 -21.90 -5.11 44.63
CA ASP A 395 -20.93 -5.42 45.68
C ASP A 395 -19.74 -6.18 45.11
N VAL A 396 -20.00 -7.10 44.17
CA VAL A 396 -18.91 -7.85 43.55
C VAL A 396 -18.03 -6.90 42.74
N PHE A 397 -18.65 -6.05 41.92
CA PHE A 397 -17.88 -5.05 41.19
C PHE A 397 -16.95 -4.29 42.13
N ARG A 398 -17.50 -3.77 43.25
CA ARG A 398 -16.69 -3.04 44.23
C ARG A 398 -15.58 -3.91 44.82
N GLN A 399 -15.90 -5.15 45.17
CA GLN A 399 -14.91 -6.04 45.76
C GLN A 399 -13.76 -6.29 44.79
N TYR A 400 -14.07 -6.63 43.54
CA TYR A 400 -13.02 -6.88 42.58
C TYR A 400 -12.23 -5.61 42.28
N ALA A 401 -12.93 -4.47 42.15
CA ALA A 401 -12.26 -3.19 41.91
C ALA A 401 -11.25 -2.87 43.01
N SER A 402 -11.60 -3.14 44.28
CA SER A 402 -10.64 -2.85 45.34
C SER A 402 -9.38 -3.70 45.21
N LEU A 403 -9.45 -4.86 44.54
CA LEU A 403 -8.28 -5.72 44.36
C LEU A 403 -7.42 -5.31 43.15
N THR A 404 -8.03 -5.16 41.96
CA THR A 404 -7.25 -4.95 40.75
C THR A 404 -7.45 -3.58 40.13
N GLY A 405 -8.20 -2.69 40.78
CA GLY A 405 -8.37 -1.34 40.30
C GLY A 405 -9.58 -1.16 39.42
N THR A 406 -9.71 0.06 38.91
CA THR A 406 -10.85 0.46 38.12
C THR A 406 -10.39 0.87 36.73
N GLN A 407 -11.37 1.03 35.85
CA GLN A 407 -11.11 1.47 34.48
C GLN A 407 -10.46 2.86 34.46
N ALA A 408 -9.37 2.99 33.71
CA ALA A 408 -8.72 4.28 33.52
C ALA A 408 -9.67 5.25 32.82
N LEU A 409 -9.75 6.46 33.33
CA LEU A 409 -10.61 7.47 32.71
C LEU A 409 -10.08 7.76 31.31
N PRO A 410 -10.80 7.39 30.27
CA PRO A 410 -10.30 7.64 28.91
C PRO A 410 -10.29 9.13 28.63
N PRO A 411 -9.30 9.63 27.87
CA PRO A 411 -9.44 10.98 27.35
C PRO A 411 -10.66 11.04 26.46
N LEU A 412 -11.34 12.19 26.47
CA LEU A 412 -12.63 12.27 25.80
C LEU A 412 -12.54 11.83 24.34
N PHE A 413 -11.49 12.25 23.62
CA PHE A 413 -11.42 11.97 22.19
C PHE A 413 -11.52 10.47 21.89
N SER A 414 -10.96 9.64 22.78
CA SER A 414 -10.94 8.20 22.53
C SER A 414 -12.30 7.55 22.66
N LEU A 415 -13.31 8.27 23.16
CA LEU A 415 -14.69 7.79 23.15
C LEU A 415 -15.44 8.20 21.88
N GLY A 416 -14.79 8.94 20.99
CA GLY A 416 -15.36 9.25 19.71
C GLY A 416 -15.16 8.12 18.71
N TYR A 417 -15.23 8.45 17.44
CA TYR A 417 -15.13 7.47 16.37
C TYR A 417 -13.70 7.38 15.83
N HIS A 418 -13.20 6.15 15.70
CA HIS A 418 -11.87 5.86 15.19
C HIS A 418 -11.96 5.26 13.78
N GLN A 419 -11.19 5.81 12.84
CA GLN A 419 -11.13 5.33 11.46
C GLN A 419 -9.79 4.66 11.22
N SER A 420 -9.82 3.38 10.90
CA SER A 420 -8.61 2.59 10.77
C SER A 420 -8.74 1.61 9.61
N ARG A 421 -7.58 1.14 9.13
CA ARG A 421 -7.49 -0.05 8.31
C ARG A 421 -6.02 -0.44 8.23
N TRP A 422 -5.80 -1.63 7.74
CA TRP A 422 -4.48 -2.10 7.32
C TRP A 422 -4.50 -1.99 5.79
N ASN A 423 -3.88 -0.97 5.22
CA ASN A 423 -3.18 0.11 5.89
C ASN A 423 -3.47 1.40 5.12
N TYR A 424 -3.39 2.55 5.78
CA TYR A 424 -3.43 3.78 5.01
C TYR A 424 -2.06 4.02 4.39
N ARG A 425 -2.08 4.44 3.12
CA ARG A 425 -0.93 4.38 2.23
C ARG A 425 0.21 5.29 2.68
N ASP A 426 -0.09 6.55 2.92
CA ASP A 426 0.94 7.57 3.09
C ASP A 426 0.28 8.80 3.72
N GLU A 427 1.10 9.82 3.98
CA GLU A 427 0.59 11.06 4.55
C GLU A 427 -0.55 11.61 3.70
N ALA A 428 -0.38 11.59 2.38
CA ALA A 428 -1.44 12.11 1.51
C ALA A 428 -2.74 11.34 1.71
N ASP A 429 -2.65 10.02 1.88
CA ASP A 429 -3.85 9.20 2.11
C ASP A 429 -4.52 9.59 3.42
N VAL A 430 -3.74 9.67 4.51
CA VAL A 430 -4.27 10.07 5.81
C VAL A 430 -5.01 11.40 5.71
N LEU A 431 -4.41 12.37 5.00
CA LEU A 431 -5.05 13.68 4.88
C LEU A 431 -6.27 13.63 3.97
N GLU A 432 -6.25 12.77 2.94
CA GLU A 432 -7.46 12.62 2.13
C GLU A 432 -8.60 12.04 2.95
N VAL A 433 -8.31 11.02 3.76
CA VAL A 433 -9.31 10.46 4.66
C VAL A 433 -9.83 11.53 5.60
N ASP A 434 -8.92 12.31 6.19
CA ASP A 434 -9.34 13.39 7.09
C ASP A 434 -10.30 14.33 6.38
N GLN A 435 -9.95 14.76 5.16
CA GLN A 435 -10.78 15.70 4.43
C GLN A 435 -12.07 15.05 3.96
N GLY A 436 -12.04 13.74 3.71
CA GLY A 436 -13.27 13.05 3.33
C GLY A 436 -14.33 13.10 4.42
N PHE A 437 -13.92 12.98 5.68
CA PHE A 437 -14.88 13.11 6.76
C PHE A 437 -15.54 14.49 6.75
N ASP A 438 -14.74 15.55 6.59
CA ASP A 438 -15.34 16.87 6.60
C ASP A 438 -16.19 17.11 5.35
N ASP A 439 -15.72 16.66 4.17
CA ASP A 439 -16.48 16.87 2.94
C ASP A 439 -17.80 16.10 2.94
N HIS A 440 -17.95 15.09 3.78
CA HIS A 440 -19.19 14.31 3.82
C HIS A 440 -19.92 14.48 5.13
N ASN A 441 -19.53 15.48 5.92
CA ASN A 441 -20.19 15.84 7.17
C ASN A 441 -20.35 14.61 8.05
N MET A 442 -19.21 13.99 8.37
CA MET A 442 -19.19 12.84 9.24
C MET A 442 -18.17 13.09 10.33
N PRO A 443 -18.53 12.93 11.61
CA PRO A 443 -17.56 13.18 12.68
C PRO A 443 -16.58 12.02 12.79
N CYS A 444 -15.38 12.34 13.26
CA CYS A 444 -14.31 11.38 13.44
C CYS A 444 -13.22 12.05 14.25
N ASP A 445 -12.69 11.33 15.26
CA ASP A 445 -11.67 11.87 16.15
C ASP A 445 -10.26 11.37 15.86
N VAL A 446 -10.10 10.13 15.40
CA VAL A 446 -8.77 9.53 15.28
C VAL A 446 -8.67 8.75 13.98
N ILE A 447 -7.54 8.93 13.29
CA ILE A 447 -7.17 8.12 12.14
C ILE A 447 -5.98 7.28 12.55
N TRP A 448 -5.95 6.03 12.10
CA TRP A 448 -4.99 5.04 12.61
C TRP A 448 -4.00 4.62 11.54
N LEU A 449 -2.77 4.39 11.99
CA LEU A 449 -1.64 3.96 11.18
C LEU A 449 -1.21 2.58 11.64
N ASP A 450 -1.44 1.57 10.81
CA ASP A 450 -1.10 0.18 11.11
C ASP A 450 0.37 -0.03 10.75
N ILE A 451 0.80 -1.30 10.72
CA ILE A 451 2.22 -1.62 10.65
C ILE A 451 2.91 -1.14 9.37
N GLU A 452 2.17 -0.87 8.29
CA GLU A 452 2.88 -0.42 7.09
C GLU A 452 3.36 1.03 7.17
N HIS A 453 3.07 1.78 8.24
CA HIS A 453 3.56 3.15 8.35
C HIS A 453 5.01 3.21 8.80
N ALA A 454 5.54 2.14 9.36
CA ALA A 454 6.90 2.11 9.85
C ALA A 454 7.85 1.63 8.76
N ASP A 455 9.15 1.65 9.06
CA ASP A 455 10.20 1.19 8.13
C ASP A 455 10.36 -0.32 8.27
N GLY A 456 9.64 -1.05 7.42
CA GLY A 456 9.80 -2.50 7.42
C GLY A 456 9.48 -3.15 8.75
N LYS A 457 8.46 -2.64 9.45
CA LYS A 457 7.96 -3.15 10.72
C LYS A 457 9.02 -3.06 11.84
N ARG A 458 9.90 -2.04 11.72
CA ARG A 458 10.75 -1.59 12.82
C ARG A 458 9.96 -0.52 13.56
N TYR A 459 9.43 -0.84 14.75
CA TYR A 459 8.53 0.09 15.44
C TYR A 459 9.30 1.30 15.96
N PHE A 460 8.57 2.40 16.17
CA PHE A 460 9.12 3.71 16.44
C PHE A 460 9.84 4.32 15.24
N THR A 461 9.62 3.80 14.03
CA THR A 461 10.20 4.41 12.83
C THR A 461 9.08 4.75 11.86
N TRP A 462 9.44 5.46 10.80
CA TRP A 462 8.50 5.88 9.78
C TRP A 462 9.07 5.49 8.42
N ASP A 463 8.22 4.97 7.54
CA ASP A 463 8.70 4.67 6.22
C ASP A 463 9.22 5.94 5.54
N PRO A 464 10.48 5.96 5.10
CA PRO A 464 11.09 7.24 4.67
C PRO A 464 10.49 7.80 3.38
N THR A 465 9.78 7.00 2.60
CA THR A 465 9.12 7.46 1.39
C THR A 465 7.67 7.86 1.63
N ARG A 466 6.91 6.97 2.27
CA ARG A 466 5.47 7.18 2.41
C ARG A 466 5.09 7.99 3.64
N PHE A 467 5.97 8.08 4.64
CA PHE A 467 5.73 8.93 5.81
C PHE A 467 6.97 9.76 6.14
N PRO A 468 7.40 10.62 5.21
CA PRO A 468 8.66 11.34 5.41
C PRO A 468 8.61 12.50 6.40
N GLN A 469 7.46 13.09 6.65
CA GLN A 469 7.34 14.26 7.53
C GLN A 469 6.21 14.03 8.53
N PRO A 470 6.41 13.14 9.51
CA PRO A 470 5.30 12.85 10.43
C PRO A 470 4.88 14.05 11.29
N LEU A 471 5.80 14.92 11.70
CA LEU A 471 5.39 16.06 12.50
C LEU A 471 4.38 16.93 11.76
N ASN A 472 4.63 17.19 10.47
CA ASN A 472 3.72 17.99 9.66
C ASN A 472 2.38 17.27 9.45
N MET A 473 2.39 15.95 9.24
CA MET A 473 1.14 15.22 9.16
C MET A 473 0.35 15.38 10.46
N LEU A 474 1.03 15.19 11.60
CA LEU A 474 0.41 15.37 12.92
C LEU A 474 -0.05 16.80 13.13
N GLU A 475 0.69 17.78 12.59
CA GLU A 475 0.27 19.16 12.72
C GLU A 475 -0.98 19.44 11.90
N HIS A 476 -1.09 18.86 10.71
CA HIS A 476 -2.31 19.06 9.92
CA HIS A 476 -2.30 19.02 9.91
C HIS A 476 -3.51 18.42 10.61
N LEU A 477 -3.32 17.26 11.23
CA LEU A 477 -4.40 16.66 12.01
C LEU A 477 -4.74 17.50 13.23
N ALA A 478 -3.73 18.05 13.92
CA ALA A 478 -4.02 18.93 15.05
C ALA A 478 -4.82 20.16 14.62
N SER A 479 -4.62 20.65 13.39
CA SER A 479 -5.37 21.82 12.94
C SER A 479 -6.83 21.49 12.64
N LYS A 480 -7.15 20.23 12.37
CA LYS A 480 -8.53 19.77 12.34
C LYS A 480 -8.99 19.28 13.72
N ARG A 481 -8.15 19.43 14.74
CA ARG A 481 -8.49 19.01 16.10
C ARG A 481 -8.80 17.51 16.13
N ARG A 482 -7.98 16.73 15.43
CA ARG A 482 -8.08 15.28 15.42
C ARG A 482 -6.77 14.69 15.87
N LYS A 483 -6.80 13.41 16.17
CA LYS A 483 -5.65 12.70 16.72
C LYS A 483 -5.23 11.60 15.76
N LEU A 484 -4.12 10.98 16.08
CA LEU A 484 -3.63 9.85 15.32
C LEU A 484 -3.19 8.77 16.28
N VAL A 485 -3.36 7.51 15.88
CA VAL A 485 -2.85 6.36 16.61
C VAL A 485 -1.87 5.63 15.71
N ALA A 486 -0.70 5.31 16.26
CA ALA A 486 0.32 4.51 15.58
C ALA A 486 0.49 3.17 16.31
N ILE A 487 0.66 2.10 15.53
CA ILE A 487 0.87 0.78 16.11
C ILE A 487 2.33 0.62 16.50
N VAL A 488 2.54 0.05 17.69
CA VAL A 488 3.86 -0.29 18.22
C VAL A 488 3.71 -1.67 18.85
N ASP A 489 4.27 -2.69 18.20
CA ASP A 489 4.20 -4.06 18.68
C ASP A 489 5.44 -4.36 19.51
N PRO A 490 5.39 -5.38 20.36
CA PRO A 490 6.52 -5.66 21.25
C PRO A 490 7.52 -6.66 20.72
N HIS A 491 7.53 -6.93 19.42
CA HIS A 491 8.57 -7.77 18.87
C HIS A 491 9.51 -6.85 18.09
N ILE A 492 10.81 -7.06 18.26
CA ILE A 492 11.83 -6.13 17.79
C ILE A 492 12.67 -6.82 16.72
N LYS A 493 12.70 -6.25 15.53
CA LYS A 493 13.43 -6.87 14.42
C LYS A 493 14.90 -7.07 14.75
N VAL A 494 15.40 -8.28 14.55
CA VAL A 494 16.81 -8.59 14.73
C VAL A 494 17.57 -7.94 13.57
N ASP A 495 18.26 -6.85 13.85
CA ASP A 495 18.79 -5.98 12.80
C ASP A 495 19.83 -5.08 13.45
N SER A 496 21.10 -5.29 13.11
CA SER A 496 22.16 -4.51 13.75
C SER A 496 22.07 -3.02 13.44
N GLY A 497 21.31 -2.62 12.43
CA GLY A 497 21.09 -1.21 12.17
C GLY A 497 19.88 -0.60 12.84
N TYR A 498 19.16 -1.38 13.64
CA TYR A 498 17.94 -0.93 14.31
C TYR A 498 18.34 -0.56 15.74
N ARG A 499 18.30 0.75 16.03
CA ARG A 499 18.83 1.26 17.30
C ARG A 499 18.11 0.62 18.49
N VAL A 500 16.79 0.40 18.36
CA VAL A 500 16.02 -0.21 19.43
C VAL A 500 16.57 -1.60 19.72
N HIS A 501 16.79 -2.39 18.67
CA HIS A 501 17.34 -3.73 18.85
C HIS A 501 18.72 -3.69 19.48
N GLU A 502 19.59 -2.77 19.02
CA GLU A 502 20.94 -2.72 19.56
C GLU A 502 20.95 -2.39 21.05
N GLU A 503 20.15 -1.39 21.45
CA GLU A 503 20.10 -1.00 22.86
C GLU A 503 19.55 -2.12 23.74
N LEU A 504 18.48 -2.78 23.30
CA LEU A 504 17.93 -3.88 24.10
C LEU A 504 18.90 -5.05 24.18
N ARG A 505 19.59 -5.33 23.08
CA ARG A 505 20.59 -6.40 23.08
C ARG A 505 21.77 -6.04 23.98
N ASN A 506 22.27 -4.80 23.85
CA ASN A 506 23.43 -4.38 24.63
C ASN A 506 23.14 -4.33 26.12
N HIS A 507 21.89 -4.11 26.52
CA HIS A 507 21.55 -4.01 27.93
C HIS A 507 20.95 -5.29 28.48
N GLY A 508 20.90 -6.36 27.69
CA GLY A 508 20.43 -7.66 28.16
C GLY A 508 18.98 -7.68 28.60
N LEU A 509 18.11 -6.93 27.93
CA LEU A 509 16.71 -6.79 28.32
C LEU A 509 15.75 -7.65 27.49
N TYR A 510 16.28 -8.62 26.74
CA TYR A 510 15.49 -9.54 25.94
C TYR A 510 15.15 -10.80 26.71
N VAL A 511 14.00 -11.39 26.39
CA VAL A 511 13.70 -12.74 26.85
C VAL A 511 14.77 -13.70 26.33
N LYS A 512 15.20 -14.62 27.20
CA LYS A 512 16.33 -15.49 26.92
C LYS A 512 15.89 -16.94 26.84
N THR A 513 16.69 -17.75 26.16
CA THR A 513 16.54 -19.19 26.20
C THR A 513 17.37 -19.75 27.35
N ARG A 514 17.23 -21.06 27.58
CA ARG A 514 17.90 -21.66 28.73
C ARG A 514 19.41 -21.56 28.62
N ASP A 515 19.96 -21.46 27.41
CA ASP A 515 21.41 -21.40 27.26
C ASP A 515 21.95 -20.00 27.41
N GLY A 516 21.09 -19.03 27.72
CA GLY A 516 21.55 -17.66 27.95
C GLY A 516 21.58 -16.77 26.74
N SER A 517 21.20 -17.26 25.57
CA SER A 517 21.16 -16.37 24.42
C SER A 517 19.76 -15.75 24.26
N ASP A 518 19.71 -14.62 23.58
CA ASP A 518 18.43 -13.93 23.41
C ASP A 518 17.50 -14.74 22.53
N TYR A 519 16.25 -14.90 22.98
CA TYR A 519 15.25 -15.63 22.21
C TYR A 519 14.97 -14.92 20.90
N GLU A 520 14.89 -15.69 19.82
CA GLU A 520 14.57 -15.16 18.49
C GLU A 520 13.45 -16.00 17.90
N GLY A 521 12.36 -15.33 17.53
CA GLY A 521 11.28 -15.96 16.79
C GLY A 521 11.01 -15.26 15.49
N TRP A 522 9.88 -15.56 14.84
CA TRP A 522 9.50 -14.92 13.59
C TRP A 522 8.22 -14.14 13.78
N CYS A 523 8.18 -12.89 13.29
CA CYS A 523 6.94 -12.14 13.28
C CYS A 523 6.88 -11.22 12.05
N TRP A 524 6.15 -10.11 12.13
CA TRP A 524 6.03 -9.23 10.97
C TRP A 524 7.36 -8.81 10.35
N PRO A 525 8.42 -8.45 11.09
CA PRO A 525 9.65 -8.04 10.40
C PRO A 525 10.57 -9.20 10.09
N GLY A 526 10.03 -10.41 10.09
CA GLY A 526 10.90 -11.58 9.98
C GLY A 526 11.44 -11.94 11.34
N SER A 527 12.73 -12.25 11.40
CA SER A 527 13.33 -12.70 12.65
C SER A 527 13.31 -11.57 13.69
N ALA A 528 12.81 -11.86 14.90
CA ALA A 528 12.58 -10.84 15.90
C ALA A 528 12.87 -11.38 17.30
N SER A 529 13.26 -10.47 18.20
CA SER A 529 13.43 -10.77 19.61
C SER A 529 12.35 -10.09 20.44
N TYR A 530 12.19 -10.57 21.65
CA TYR A 530 11.05 -10.19 22.49
C TYR A 530 11.56 -9.54 23.77
N PRO A 531 11.32 -8.26 23.98
CA PRO A 531 11.75 -7.63 25.23
C PRO A 531 11.06 -8.29 26.42
N ASP A 532 11.78 -8.33 27.54
CA ASP A 532 11.27 -8.97 28.74
C ASP A 532 10.50 -7.92 29.55
N PHE A 533 9.22 -7.76 29.22
CA PHE A 533 8.42 -6.76 29.91
C PHE A 533 8.08 -7.15 31.36
N THR A 534 8.38 -8.39 31.80
CA THR A 534 8.27 -8.66 33.23
C THR A 534 9.40 -8.02 34.02
N ASN A 535 10.41 -7.50 33.32
CA ASN A 535 11.54 -6.84 33.95
C ASN A 535 11.24 -5.36 34.11
N PRO A 536 11.13 -4.84 35.33
CA PRO A 536 10.85 -3.40 35.50
C PRO A 536 11.85 -2.50 34.81
N ARG A 537 13.10 -2.91 34.69
CA ARG A 537 14.09 -2.11 33.96
C ARG A 537 13.75 -2.04 32.48
N MET A 538 13.20 -3.12 31.91
CA MET A 538 12.72 -3.09 30.54
C MET A 538 11.53 -2.16 30.37
N ARG A 539 10.56 -2.23 31.31
CA ARG A 539 9.37 -1.39 31.20
C ARG A 539 9.72 0.07 31.29
N ALA A 540 10.68 0.42 32.13
CA ALA A 540 11.12 1.81 32.24
C ALA A 540 11.79 2.25 30.96
N TRP A 541 12.65 1.39 30.39
CA TRP A 541 13.25 1.68 29.08
C TRP A 541 12.17 1.94 28.05
N TRP A 542 11.16 1.07 28.00
CA TRP A 542 10.08 1.21 27.02
C TRP A 542 9.33 2.51 27.21
N SER A 543 9.00 2.85 28.45
CA SER A 543 8.28 4.09 28.70
CA SER A 543 8.29 4.09 28.71
C SER A 543 9.11 5.31 28.29
N ASN A 544 10.42 5.26 28.54
CA ASN A 544 11.26 6.39 28.16
C ASN A 544 11.36 6.51 26.63
N MET A 545 11.20 5.41 25.90
CA MET A 545 11.27 5.44 24.44
C MET A 545 10.14 6.26 23.81
N PHE A 546 9.06 6.53 24.55
CA PHE A 546 7.97 7.34 24.03
C PHE A 546 8.16 8.83 24.27
N SER A 547 9.30 9.26 24.84
CA SER A 547 9.54 10.69 24.94
C SER A 547 9.66 11.29 23.54
N PHE A 548 9.33 12.58 23.40
CA PHE A 548 9.33 13.20 22.09
C PHE A 548 10.72 13.26 21.46
N ASP A 549 11.78 13.20 22.27
CA ASP A 549 13.14 13.11 21.75
C ASP A 549 13.48 11.70 21.29
N ASN A 550 12.95 10.67 21.95
CA ASN A 550 13.31 9.31 21.57
C ASN A 550 12.45 8.81 20.43
N TYR A 551 11.14 9.02 20.50
CA TYR A 551 10.22 8.65 19.42
C TYR A 551 10.11 9.80 18.44
N GLU A 552 11.18 10.00 17.66
CA GLU A 552 11.22 11.10 16.72
C GLU A 552 10.07 11.00 15.73
N GLY A 553 9.44 12.14 15.46
CA GLY A 553 8.24 12.19 14.66
C GLY A 553 6.94 12.16 15.44
N SER A 554 6.97 11.78 16.72
CA SER A 554 5.76 11.76 17.52
C SER A 554 5.47 13.15 18.09
N ALA A 555 4.23 13.37 18.51
CA ALA A 555 3.73 14.65 18.99
C ALA A 555 2.57 14.38 19.93
N PRO A 556 2.16 15.37 20.74
CA PRO A 556 1.13 15.11 21.77
C PRO A 556 -0.19 14.54 21.24
N ASN A 557 -0.55 14.75 19.96
CA ASN A 557 -1.76 14.14 19.43
C ASN A 557 -1.50 12.77 18.75
N LEU A 558 -0.38 12.12 19.05
CA LEU A 558 -0.12 10.77 18.59
CA LEU A 558 -0.12 10.77 18.59
C LEU A 558 -0.28 9.81 19.76
N TYR A 559 -1.10 8.77 19.58
CA TYR A 559 -1.33 7.78 20.61
C TYR A 559 -1.01 6.40 20.03
N VAL A 560 -1.18 5.35 20.84
CA VAL A 560 -0.51 4.08 20.55
C VAL A 560 -1.44 2.89 20.61
N TRP A 561 -1.15 1.91 19.77
CA TRP A 561 -1.83 0.64 19.67
C TRP A 561 -0.81 -0.46 19.90
N ASN A 562 -0.99 -1.27 20.95
CA ASN A 562 -0.16 -2.43 21.19
C ASN A 562 -0.91 -3.66 20.67
N ASP A 563 -0.31 -4.34 19.69
CA ASP A 563 -0.89 -5.54 19.10
C ASP A 563 0.10 -6.68 19.21
N MET A 564 -0.38 -7.90 18.95
CA MET A 564 0.47 -9.08 18.90
C MET A 564 1.19 -9.34 20.22
N ASN A 565 0.65 -8.83 21.34
CA ASN A 565 1.39 -8.84 22.59
C ASN A 565 1.03 -10.03 23.49
N GLU A 566 0.54 -11.14 22.91
CA GLU A 566 0.28 -12.36 23.69
C GLU A 566 1.51 -13.01 24.33
N PRO A 567 2.71 -13.01 23.72
CA PRO A 567 3.20 -12.47 22.45
C PRO A 567 2.93 -13.44 21.31
N SER A 568 2.63 -12.90 20.14
CA SER A 568 2.49 -13.73 18.95
C SER A 568 3.89 -14.04 18.41
N VAL A 569 4.14 -15.32 18.12
CA VAL A 569 5.40 -15.80 17.56
C VAL A 569 5.05 -16.77 16.44
N PHE A 570 5.26 -16.37 15.18
CA PHE A 570 4.67 -17.10 14.04
C PHE A 570 5.22 -18.53 13.95
N ASN A 571 6.49 -18.73 14.28
CA ASN A 571 7.09 -20.06 14.25
C ASN A 571 7.15 -20.71 15.62
N GLY A 572 6.41 -20.19 16.60
CA GLY A 572 6.42 -20.74 17.94
C GLY A 572 5.28 -21.71 18.18
N PRO A 573 5.36 -22.46 19.28
CA PRO A 573 4.28 -23.41 19.61
C PRO A 573 2.98 -22.69 19.91
N GLU A 574 1.92 -23.05 19.18
CA GLU A 574 0.61 -22.40 19.27
C GLU A 574 0.72 -20.91 18.97
N VAL A 575 1.69 -20.57 18.11
CA VAL A 575 1.95 -19.21 17.65
C VAL A 575 2.31 -18.28 18.81
N THR A 576 2.99 -18.81 19.82
CA THR A 576 3.47 -17.98 20.93
C THR A 576 4.81 -18.53 21.42
N MET A 577 5.33 -17.95 22.50
CA MET A 577 6.69 -18.17 22.94
C MET A 577 6.86 -19.53 23.62
N LEU A 578 8.06 -20.09 23.49
CA LEU A 578 8.36 -21.37 24.13
C LEU A 578 8.15 -21.28 25.63
N LYS A 579 7.57 -22.35 26.20
CA LYS A 579 7.30 -22.41 27.64
C LYS A 579 8.57 -22.30 28.47
N ASP A 580 9.72 -22.73 27.92
CA ASP A 580 10.97 -22.74 28.68
C ASP A 580 11.87 -21.55 28.36
N ALA A 581 11.35 -20.52 27.69
CA ALA A 581 12.09 -19.26 27.66
C ALA A 581 12.15 -18.69 29.07
N VAL A 582 13.14 -17.84 29.32
CA VAL A 582 13.51 -17.45 30.68
C VAL A 582 13.37 -15.95 30.80
N HIS A 583 12.75 -15.51 31.89
CA HIS A 583 12.47 -14.11 32.14
C HIS A 583 13.25 -13.66 33.37
N TYR A 584 13.08 -12.37 33.68
CA TYR A 584 13.67 -11.73 34.84
C TYR A 584 13.49 -12.58 36.09
N GLY A 585 14.58 -12.73 36.86
CA GLY A 585 14.59 -13.51 38.08
C GLY A 585 14.48 -15.00 37.91
N GLY A 586 14.82 -15.53 36.73
CA GLY A 586 14.81 -16.95 36.49
C GLY A 586 13.46 -17.59 36.25
N TRP A 587 12.37 -16.85 36.28
CA TRP A 587 11.07 -17.47 36.05
C TRP A 587 10.92 -17.90 34.60
N GLU A 588 10.23 -19.02 34.41
CA GLU A 588 9.97 -19.53 33.07
C GLU A 588 8.82 -18.77 32.41
N HIS A 589 8.74 -18.88 31.09
CA HIS A 589 7.66 -18.21 30.38
C HIS A 589 6.31 -18.83 30.70
N ARG A 590 6.30 -20.12 31.06
CA ARG A 590 5.06 -20.78 31.46
C ARG A 590 4.50 -20.17 32.73
N ASP A 591 5.37 -19.58 33.55
CA ASP A 591 4.93 -18.96 34.79
C ASP A 591 4.20 -17.65 34.54
N ILE A 592 4.62 -16.88 33.53
CA ILE A 592 4.22 -15.48 33.42
C ILE A 592 3.28 -15.23 32.25
N HIS A 593 2.99 -16.23 31.42
CA HIS A 593 2.51 -15.97 30.06
C HIS A 593 1.37 -14.97 30.02
N ASN A 594 0.37 -15.13 30.90
CA ASN A 594 -0.85 -14.37 30.69
C ASN A 594 -0.77 -12.92 31.16
N ILE A 595 0.34 -12.49 31.78
CA ILE A 595 0.51 -11.06 32.11
C ILE A 595 1.56 -10.40 31.22
N TYR A 596 2.08 -11.10 30.22
CA TYR A 596 3.06 -10.47 29.34
C TYR A 596 2.44 -9.29 28.58
N GLY A 597 1.25 -9.49 28.00
CA GLY A 597 0.60 -8.40 27.29
C GLY A 597 0.28 -7.23 28.19
N LEU A 598 -0.20 -7.50 29.41
CA LEU A 598 -0.55 -6.44 30.34
C LEU A 598 0.64 -5.54 30.63
N TYR A 599 1.82 -6.15 30.78
CA TYR A 599 3.03 -5.37 31.03
C TYR A 599 3.36 -4.48 29.84
N VAL A 600 3.14 -4.96 28.62
CA VAL A 600 3.32 -4.11 27.45
C VAL A 600 2.36 -2.93 27.51
N HIS A 601 1.06 -3.23 27.69
CA HIS A 601 0.03 -2.20 27.80
C HIS A 601 0.38 -1.20 28.90
N MET A 602 0.93 -1.69 30.01
CA MET A 602 1.26 -0.81 31.13
C MET A 602 2.47 0.07 30.82
N ALA A 603 3.52 -0.51 30.23
CA ALA A 603 4.71 0.29 29.95
C ALA A 603 4.42 1.35 28.88
N THR A 604 3.59 1.01 27.90
CA THR A 604 3.19 1.98 26.87
C THR A 604 2.40 3.12 27.47
N ALA A 605 1.38 2.79 28.28
CA ALA A 605 0.54 3.82 28.87
C ALA A 605 1.34 4.77 29.76
N ASP A 606 2.24 4.23 30.59
CA ASP A 606 3.10 5.09 31.41
C ASP A 606 3.98 5.98 30.53
N GLY A 607 4.45 5.46 29.39
CA GLY A 607 5.27 6.28 28.51
C GLY A 607 4.54 7.49 27.95
N LEU A 608 3.27 7.31 27.57
CA LEU A 608 2.46 8.43 27.11
C LEU A 608 2.21 9.44 28.21
N ILE A 609 2.15 8.97 29.46
CA ILE A 609 2.02 9.89 30.59
C ILE A 609 3.33 10.64 30.82
N GLN A 610 4.44 9.90 30.86
CA GLN A 610 5.71 10.51 31.21
C GLN A 610 6.18 11.51 30.16
N ARG A 611 5.98 11.19 28.87
CA ARG A 611 6.43 12.11 27.83
C ARG A 611 5.78 13.48 27.97
N SER A 612 4.65 13.56 28.66
CA SER A 612 3.92 14.80 28.87
C SER A 612 4.30 15.49 30.18
N GLY A 613 5.22 14.92 30.95
CA GLY A 613 5.51 15.45 32.27
C GLY A 613 4.50 15.05 33.33
N GLY A 614 3.78 13.95 33.14
CA GLY A 614 2.80 13.46 34.08
C GLY A 614 1.43 14.11 33.99
N ILE A 615 1.13 14.85 32.93
CA ILE A 615 -0.09 15.64 32.87
C ILE A 615 -1.16 14.99 31.98
N GLU A 616 -0.79 14.44 30.84
CA GLU A 616 -1.78 13.98 29.86
C GLU A 616 -2.23 12.56 30.18
N ARG A 617 -3.52 12.33 30.07
CA ARG A 617 -4.02 10.96 30.21
C ARG A 617 -3.65 10.17 28.95
N PRO A 618 -3.32 8.90 29.10
CA PRO A 618 -2.91 8.11 27.94
C PRO A 618 -4.12 7.58 27.16
N PHE A 619 -3.84 7.11 25.94
CA PHE A 619 -4.75 6.19 25.28
C PHE A 619 -3.94 5.11 24.61
N VAL A 620 -4.16 3.86 25.04
CA VAL A 620 -3.50 2.71 24.45
C VAL A 620 -4.54 1.61 24.26
N LEU A 621 -4.68 1.13 23.02
CA LEU A 621 -5.44 -0.08 22.73
C LEU A 621 -4.50 -1.28 22.79
N SER A 622 -4.96 -2.35 23.44
CA SER A 622 -4.15 -3.55 23.59
C SER A 622 -4.96 -4.76 23.16
N ARG A 623 -4.27 -5.76 22.56
CA ARG A 623 -4.97 -6.97 22.15
C ARG A 623 -5.00 -8.03 23.24
N ALA A 624 -3.85 -8.31 23.84
CA ALA A 624 -3.74 -9.23 24.96
C ALA A 624 -4.00 -8.47 26.26
N PHE A 625 -4.50 -9.17 27.27
CA PHE A 625 -4.83 -8.52 28.53
C PHE A 625 -4.93 -9.56 29.64
N PHE A 626 -5.05 -9.06 30.88
CA PHE A 626 -5.18 -9.88 32.07
C PHE A 626 -5.98 -9.06 33.09
N SER A 627 -6.26 -9.67 34.25
CA SER A 627 -6.80 -8.90 35.38
C SER A 627 -5.92 -7.68 35.62
N GLY A 628 -6.56 -6.53 35.79
CA GLY A 628 -5.82 -5.30 35.95
C GLY A 628 -5.62 -4.52 34.67
N SER A 629 -5.89 -5.11 33.51
CA SER A 629 -5.68 -4.39 32.26
C SER A 629 -6.57 -3.16 32.14
N GLN A 630 -7.71 -3.14 32.84
CA GLN A 630 -8.60 -1.98 32.78
C GLN A 630 -7.89 -0.70 33.24
N ARG A 631 -6.80 -0.82 33.99
CA ARG A 631 -6.13 0.38 34.49
C ARG A 631 -5.32 1.10 33.41
N PHE A 632 -5.17 0.52 32.22
CA PHE A 632 -4.20 0.99 31.24
C PHE A 632 -4.80 1.39 29.92
N GLY A 633 -6.11 1.20 29.71
CA GLY A 633 -6.73 1.71 28.52
C GLY A 633 -7.83 0.83 27.97
N ALA A 634 -7.77 0.52 26.68
CA ALA A 634 -8.82 -0.18 25.97
C ALA A 634 -8.32 -1.52 25.46
N VAL A 635 -9.27 -2.39 25.10
CA VAL A 635 -9.02 -3.66 24.41
C VAL A 635 -10.07 -3.82 23.31
N TRP A 636 -9.81 -4.71 22.38
CA TRP A 636 -10.81 -5.06 21.38
C TRP A 636 -10.71 -6.57 21.11
N THR A 637 -11.75 -7.13 20.47
CA THR A 637 -11.88 -8.57 20.33
C THR A 637 -11.03 -9.15 19.16
N GLY A 638 -10.02 -8.43 18.67
CA GLY A 638 -9.12 -9.01 17.70
C GLY A 638 -9.71 -9.16 16.29
N ASP A 639 -9.28 -10.22 15.61
CA ASP A 639 -9.54 -10.36 14.18
C ASP A 639 -10.87 -11.09 13.96
N ASN A 640 -11.97 -10.34 14.06
CA ASN A 640 -13.28 -10.88 13.74
C ASN A 640 -13.47 -10.91 12.22
N THR A 641 -14.66 -11.30 11.77
CA THR A 641 -14.92 -11.48 10.34
C THR A 641 -16.18 -10.73 9.94
N ALA A 642 -16.18 -10.17 8.73
CA ALA A 642 -17.32 -9.45 8.18
C ALA A 642 -18.52 -10.35 7.95
N GLU A 643 -19.12 -10.88 9.02
CA GLU A 643 -20.27 -11.76 8.88
C GLU A 643 -21.31 -11.40 9.94
N TRP A 644 -22.57 -11.72 9.64
CA TRP A 644 -23.66 -11.31 10.52
C TRP A 644 -23.51 -11.90 11.91
N ASP A 645 -23.01 -13.14 11.99
CA ASP A 645 -22.88 -13.77 13.30
CA ASP A 645 -22.87 -13.78 13.30
C ASP A 645 -21.74 -13.16 14.12
N HIS A 646 -20.69 -12.66 13.45
CA HIS A 646 -19.64 -11.96 14.18
C HIS A 646 -20.17 -10.62 14.71
N LEU A 647 -21.03 -9.94 13.96
CA LEU A 647 -21.69 -8.76 14.49
C LEU A 647 -22.48 -9.10 15.75
N LYS A 648 -23.26 -10.19 15.72
CA LYS A 648 -24.05 -10.58 16.88
C LYS A 648 -23.17 -10.83 18.09
N ILE A 649 -22.03 -11.49 17.89
CA ILE A 649 -21.27 -11.96 19.06
C ILE A 649 -20.48 -10.85 19.75
N SER A 650 -20.42 -9.66 19.17
CA SER A 650 -19.71 -8.57 19.82
C SER A 650 -20.35 -8.22 21.17
N ILE A 651 -21.67 -8.32 21.26
CA ILE A 651 -22.37 -8.04 22.51
C ILE A 651 -21.95 -9.01 23.62
N PRO A 652 -22.10 -10.34 23.48
CA PRO A 652 -21.69 -11.20 24.60
C PRO A 652 -20.22 -11.15 24.89
N MET A 653 -19.37 -10.89 23.89
CA MET A 653 -17.94 -10.84 24.16
C MET A 653 -17.59 -9.60 25.00
N CYS A 654 -18.06 -8.42 24.58
CA CYS A 654 -17.77 -7.22 25.36
C CYS A 654 -18.51 -7.20 26.69
N LEU A 655 -19.69 -7.86 26.76
CA LEU A 655 -20.38 -7.96 28.05
C LEU A 655 -19.59 -8.82 29.03
N SER A 656 -18.97 -9.91 28.56
CA SER A 656 -18.18 -10.74 29.46
C SER A 656 -16.92 -10.00 29.91
N LEU A 657 -16.41 -9.11 29.07
CA LEU A 657 -15.29 -8.25 29.47
C LEU A 657 -15.74 -7.15 30.42
N ALA A 658 -16.93 -6.58 30.20
CA ALA A 658 -17.46 -5.60 31.14
C ALA A 658 -17.63 -6.18 32.54
N LEU A 659 -18.13 -7.42 32.65
CA LEU A 659 -18.41 -7.97 33.96
C LEU A 659 -17.14 -8.16 34.78
N VAL A 660 -15.98 -8.30 34.14
CA VAL A 660 -14.74 -8.52 34.84
C VAL A 660 -13.87 -7.25 34.84
N GLY A 661 -14.49 -6.08 34.66
CA GLY A 661 -13.82 -4.82 34.87
C GLY A 661 -13.28 -4.16 33.62
N LEU A 662 -13.28 -4.83 32.48
CA LEU A 662 -12.74 -4.21 31.27
C LEU A 662 -13.90 -3.56 30.52
N SER A 663 -14.18 -2.30 30.86
CA SER A 663 -15.30 -1.56 30.27
C SER A 663 -14.98 -0.94 28.92
N PHE A 664 -13.71 -0.76 28.58
CA PHE A 664 -13.34 -0.05 27.36
C PHE A 664 -13.06 -1.08 26.25
N CYS A 665 -14.15 -1.67 25.77
CA CYS A 665 -14.15 -2.84 24.88
C CYS A 665 -14.90 -2.54 23.60
N GLY A 666 -14.51 -3.23 22.53
CA GLY A 666 -15.27 -3.18 21.30
C GLY A 666 -14.79 -4.24 20.33
N ALA A 667 -15.42 -4.26 19.16
CA ALA A 667 -15.05 -5.15 18.07
C ALA A 667 -14.90 -4.32 16.80
N ASP A 668 -14.05 -4.79 15.88
CA ASP A 668 -13.82 -4.11 14.60
C ASP A 668 -15.13 -3.92 13.83
N VAL A 669 -15.49 -2.67 13.61
CA VAL A 669 -16.73 -2.33 12.92
C VAL A 669 -16.60 -2.68 11.43
N GLY A 670 -17.47 -3.56 10.95
CA GLY A 670 -17.39 -4.09 9.61
C GLY A 670 -16.70 -5.44 9.53
N GLY A 671 -16.02 -5.85 10.60
CA GLY A 671 -15.30 -7.10 10.60
C GLY A 671 -13.92 -6.91 10.02
N PHE A 672 -12.94 -7.59 10.59
CA PHE A 672 -11.57 -7.44 10.10
C PHE A 672 -11.37 -8.16 8.77
N PHE A 673 -11.65 -9.46 8.73
CA PHE A 673 -11.53 -10.25 7.50
C PHE A 673 -12.72 -10.06 6.57
N LYS A 674 -12.46 -10.13 5.27
CA LYS A 674 -13.49 -10.19 4.23
C LYS A 674 -14.23 -8.88 4.06
N ASN A 675 -15.11 -8.79 3.05
CA ASN A 675 -15.76 -7.54 2.70
C ASN A 675 -17.21 -7.57 3.12
N PRO A 676 -17.66 -6.68 3.99
CA PRO A 676 -19.08 -6.69 4.37
C PRO A 676 -19.92 -6.04 3.28
N GLU A 677 -21.11 -6.61 3.06
CA GLU A 677 -22.11 -5.97 2.23
C GLU A 677 -22.55 -4.67 2.90
N PRO A 678 -22.98 -3.69 2.11
CA PRO A 678 -23.30 -2.37 2.71
C PRO A 678 -24.30 -2.45 3.86
N GLU A 679 -25.28 -3.34 3.78
CA GLU A 679 -26.28 -3.42 4.85
C GLU A 679 -25.64 -3.92 6.15
N LEU A 680 -24.75 -4.90 6.04
CA LEU A 680 -24.04 -5.35 7.23
C LEU A 680 -23.17 -4.24 7.81
N LEU A 681 -22.52 -3.45 6.93
CA LEU A 681 -21.67 -2.35 7.40
C LEU A 681 -22.48 -1.29 8.13
N VAL A 682 -23.66 -0.94 7.59
CA VAL A 682 -24.57 -0.02 8.26
C VAL A 682 -24.97 -0.55 9.64
N ARG A 683 -25.41 -1.82 9.72
CA ARG A 683 -25.81 -2.37 11.01
C ARG A 683 -24.64 -2.47 11.98
N TRP A 684 -23.42 -2.63 11.47
CA TRP A 684 -22.25 -2.67 12.35
C TRP A 684 -21.89 -1.29 12.85
N TYR A 685 -22.08 -0.25 12.03
CA TYR A 685 -21.90 1.11 12.53
C TYR A 685 -22.90 1.42 13.63
N GLN A 686 -24.16 1.01 13.45
CA GLN A 686 -25.16 1.27 14.49
C GLN A 686 -24.85 0.49 15.76
N MET A 687 -24.37 -0.75 15.61
CA MET A 687 -23.98 -1.54 16.78
C MET A 687 -22.77 -0.91 17.48
N GLY A 688 -21.71 -0.60 16.72
CA GLY A 688 -20.52 -0.04 17.32
C GLY A 688 -20.73 1.34 17.90
N ALA A 689 -21.67 2.11 17.32
CA ALA A 689 -21.99 3.43 17.83
C ALA A 689 -22.48 3.38 19.28
N TYR A 690 -22.97 2.23 19.76
CA TYR A 690 -23.43 2.09 21.14
C TYR A 690 -22.56 1.12 21.95
N GLN A 691 -21.33 0.89 21.51
CA GLN A 691 -20.39 0.09 22.29
C GLN A 691 -19.20 0.94 22.69
N PRO A 692 -18.53 0.62 23.78
CA PRO A 692 -17.57 1.57 24.38
C PRO A 692 -16.46 1.99 23.43
N PHE A 693 -15.72 1.02 22.88
CA PHE A 693 -14.63 1.30 21.95
C PHE A 693 -15.16 1.17 20.53
N PHE A 694 -15.07 2.25 19.76
CA PHE A 694 -15.79 2.43 18.51
C PHE A 694 -14.79 2.73 17.38
N ARG A 695 -14.29 1.67 16.74
CA ARG A 695 -13.29 1.75 15.68
C ARG A 695 -13.67 0.82 14.52
N ALA A 696 -13.67 1.37 13.31
CA ALA A 696 -13.72 0.58 12.08
C ALA A 696 -12.31 0.16 11.69
N HIS A 697 -12.13 -1.11 11.34
CA HIS A 697 -10.82 -1.62 10.99
C HIS A 697 -11.01 -2.70 9.91
N ALA A 698 -9.93 -3.00 9.19
CA ALA A 698 -10.06 -3.87 8.01
C ALA A 698 -8.71 -4.47 7.61
N HIS A 699 -8.79 -5.66 7.03
CA HIS A 699 -7.64 -6.43 6.59
C HIS A 699 -7.03 -5.81 5.33
N LEU A 700 -5.75 -6.11 5.11
CA LEU A 700 -4.97 -5.51 4.02
C LEU A 700 -5.62 -5.71 2.65
N ASP A 701 -6.24 -6.87 2.43
CA ASP A 701 -6.77 -7.20 1.12
C ASP A 701 -8.25 -6.86 0.98
N THR A 702 -8.87 -6.23 1.99
CA THR A 702 -10.28 -5.84 1.85
C THR A 702 -10.39 -4.59 1.00
N GLY A 703 -11.54 -4.41 0.36
CA GLY A 703 -11.81 -3.15 -0.31
C GLY A 703 -11.91 -2.01 0.69
N ARG A 704 -11.58 -0.80 0.23
CA ARG A 704 -11.71 0.39 1.07
C ARG A 704 -13.16 0.57 1.50
N ARG A 705 -13.38 0.85 2.80
CA ARG A 705 -14.76 1.01 3.24
C ARG A 705 -14.93 2.23 4.15
N GLU A 706 -14.17 3.29 3.91
CA GLU A 706 -14.50 4.56 4.54
C GLU A 706 -15.98 4.85 4.27
N PRO A 707 -16.72 5.37 5.26
CA PRO A 707 -18.19 5.32 5.19
C PRO A 707 -18.81 6.18 4.11
N TRP A 708 -18.08 7.08 3.48
CA TRP A 708 -18.65 7.84 2.37
C TRP A 708 -18.52 7.13 1.02
N LEU A 709 -17.84 5.98 0.97
CA LEU A 709 -17.71 5.26 -0.29
C LEU A 709 -18.94 4.45 -0.65
N LEU A 710 -19.99 4.48 0.17
CA LEU A 710 -21.20 3.72 -0.08
C LEU A 710 -22.26 4.59 -0.73
N ALA A 711 -23.30 3.94 -1.26
CA ALA A 711 -24.44 4.66 -1.82
C ALA A 711 -25.10 5.51 -0.75
N SER A 712 -25.81 6.55 -1.20
CA SER A 712 -26.26 7.59 -0.30
C SER A 712 -27.13 7.05 0.83
N GLN A 713 -28.02 6.09 0.52
CA GLN A 713 -28.90 5.56 1.56
C GLN A 713 -28.11 4.93 2.70
N TYR A 714 -27.00 4.25 2.39
CA TYR A 714 -26.14 3.67 3.43
C TYR A 714 -25.30 4.74 4.13
N GLN A 715 -24.74 5.68 3.36
CA GLN A 715 -24.03 6.82 3.94
C GLN A 715 -24.87 7.54 4.98
N ASP A 716 -26.15 7.77 4.66
CA ASP A 716 -27.00 8.55 5.55
C ASP A 716 -27.26 7.82 6.84
N ALA A 717 -27.49 6.51 6.79
CA ALA A 717 -27.72 5.77 8.03
C ALA A 717 -26.46 5.72 8.88
N ILE A 718 -25.29 5.59 8.24
CA ILE A 718 -24.03 5.61 8.98
C ILE A 718 -23.81 6.99 9.60
N ARG A 719 -24.07 8.06 8.86
CA ARG A 719 -23.93 9.38 9.42
C ARG A 719 -24.86 9.56 10.62
N ASP A 720 -26.10 9.06 10.51
CA ASP A 720 -27.04 9.16 11.63
C ASP A 720 -26.51 8.44 12.86
N ALA A 721 -25.92 7.25 12.67
CA ALA A 721 -25.33 6.55 13.80
C ALA A 721 -24.15 7.32 14.39
N LEU A 722 -23.34 7.96 13.54
CA LEU A 722 -22.20 8.71 14.06
C LEU A 722 -22.67 9.93 14.86
N PHE A 723 -23.70 10.63 14.36
CA PHE A 723 -24.24 11.77 15.09
C PHE A 723 -24.78 11.35 16.47
N GLN A 724 -25.52 10.25 16.53
CA GLN A 724 -26.05 9.79 17.82
C GLN A 724 -24.92 9.52 18.81
N ARG A 725 -23.82 8.95 18.33
CA ARG A 725 -22.69 8.68 19.21
C ARG A 725 -22.09 9.98 19.74
N TYR A 726 -21.84 10.94 18.85
CA TYR A 726 -21.24 12.20 19.26
C TYR A 726 -22.16 12.98 20.20
N SER A 727 -23.47 12.92 19.97
CA SER A 727 -24.40 13.58 20.88
C SER A 727 -24.39 12.98 22.29
N LEU A 728 -24.08 11.69 22.41
CA LEU A 728 -24.11 11.00 23.70
C LEU A 728 -22.78 11.03 24.44
N LEU A 729 -21.77 11.72 23.91
CA LEU A 729 -20.47 11.77 24.58
C LEU A 729 -20.55 12.26 26.03
N PRO A 730 -21.34 13.28 26.40
CA PRO A 730 -21.42 13.62 27.84
C PRO A 730 -21.90 12.46 28.68
N PHE A 731 -22.86 11.69 28.15
CA PHE A 731 -23.36 10.49 28.82
C PHE A 731 -22.27 9.41 28.91
N TRP A 732 -21.64 9.10 27.76
CA TRP A 732 -20.56 8.11 27.77
C TRP A 732 -19.48 8.51 28.76
N TYR A 733 -19.14 9.80 28.76
CA TYR A 733 -18.05 10.29 29.59
C TYR A 733 -18.38 10.14 31.07
N THR A 734 -19.64 10.41 31.43
CA THR A 734 -20.06 10.25 32.82
C THR A 734 -20.06 8.79 33.24
N LEU A 735 -20.59 7.89 32.39
CA LEU A 735 -20.55 6.47 32.69
C LEU A 735 -19.12 6.00 32.92
N PHE A 736 -18.16 6.54 32.14
CA PHE A 736 -16.76 6.15 32.33
C PHE A 736 -16.17 6.77 33.59
N TYR A 737 -16.66 7.93 34.02
CA TYR A 737 -16.18 8.47 35.30
C TYR A 737 -16.69 7.62 36.46
N GLN A 738 -17.96 7.16 36.38
CA GLN A 738 -18.48 6.24 37.39
C GLN A 738 -17.72 4.91 37.35
N ALA A 739 -17.39 4.41 36.15
CA ALA A 739 -16.57 3.20 36.08
C ALA A 739 -15.23 3.43 36.76
N HIS A 740 -14.67 4.64 36.58
CA HIS A 740 -13.34 4.95 37.10
C HIS A 740 -13.36 5.12 38.61
N LYS A 741 -14.41 5.72 39.15
CA LYS A 741 -14.49 5.95 40.59
C LYS A 741 -15.03 4.75 41.36
N GLU A 742 -16.02 4.03 40.81
CA GLU A 742 -16.73 3.01 41.56
C GLU A 742 -16.45 1.58 41.11
N GLY A 743 -15.94 1.38 39.89
CA GLY A 743 -15.75 0.05 39.36
C GLY A 743 -16.97 -0.55 38.71
N PHE A 744 -17.98 0.25 38.38
CA PHE A 744 -19.22 -0.24 37.77
C PHE A 744 -19.08 -0.30 36.25
N PRO A 745 -19.48 -1.39 35.59
CA PRO A 745 -19.29 -1.47 34.13
C PRO A 745 -20.16 -0.51 33.34
N VAL A 746 -19.64 -0.08 32.18
CA VAL A 746 -20.35 0.88 31.35
C VAL A 746 -21.43 0.18 30.54
N MET A 747 -21.04 -0.82 29.76
CA MET A 747 -21.97 -1.67 29.04
C MET A 747 -22.38 -2.82 29.96
N ARG A 748 -23.71 -3.02 30.15
CA ARG A 748 -24.19 -3.98 31.14
C ARG A 748 -25.21 -4.96 30.58
N PRO A 749 -25.14 -6.23 31.00
CA PRO A 749 -26.24 -7.16 30.75
C PRO A 749 -27.51 -6.72 31.47
N LEU A 750 -28.66 -7.05 30.88
CA LEU A 750 -29.93 -6.67 31.51
C LEU A 750 -30.08 -7.25 32.91
N TRP A 751 -29.49 -8.42 33.18
CA TRP A 751 -29.65 -8.99 34.52
C TRP A 751 -28.88 -8.23 35.59
N VAL A 752 -27.97 -7.34 35.23
CA VAL A 752 -27.29 -6.52 36.22
C VAL A 752 -28.25 -5.47 36.77
N GLN A 753 -29.13 -4.95 35.92
CA GLN A 753 -30.14 -3.99 36.31
C GLN A 753 -31.45 -4.63 36.76
N TYR A 754 -31.67 -5.91 36.45
CA TYR A 754 -32.90 -6.61 36.80
C TYR A 754 -32.56 -7.99 37.36
N PRO A 755 -31.87 -8.03 38.50
CA PRO A 755 -31.33 -9.32 38.99
C PRO A 755 -32.40 -10.32 39.36
N GLU A 756 -33.64 -9.91 39.56
CA GLU A 756 -34.69 -10.86 39.92
C GLU A 756 -35.52 -11.31 38.75
N ASP A 757 -35.23 -10.84 37.53
CA ASP A 757 -35.99 -11.23 36.34
C ASP A 757 -35.20 -12.33 35.63
N MET A 758 -35.54 -13.58 35.94
CA MET A 758 -34.80 -14.73 35.45
C MET A 758 -34.85 -14.84 33.93
N SER A 759 -35.83 -14.22 33.28
CA SER A 759 -35.82 -14.26 31.82
C SER A 759 -34.71 -13.39 31.20
N THR A 760 -33.96 -12.63 32.01
CA THR A 760 -32.87 -11.82 31.49
C THR A 760 -31.51 -12.47 31.65
N PHE A 761 -31.44 -13.58 32.39
CA PHE A 761 -30.16 -14.11 32.79
C PHE A 761 -29.26 -14.52 31.63
N SER A 762 -29.83 -14.79 30.45
CA SER A 762 -29.06 -15.21 29.31
C SER A 762 -29.12 -14.23 28.15
N ILE A 763 -29.84 -13.12 28.27
CA ILE A 763 -30.02 -12.22 27.13
C ILE A 763 -28.67 -11.69 26.66
N GLU A 764 -28.45 -11.74 25.36
CA GLU A 764 -27.21 -11.23 24.80
C GLU A 764 -27.41 -10.64 23.41
N ASP A 765 -28.64 -10.39 22.96
CA ASP A 765 -28.89 -9.56 21.80
C ASP A 765 -29.38 -8.17 22.19
N GLN A 766 -29.18 -7.81 23.45
CA GLN A 766 -29.65 -6.58 24.08
C GLN A 766 -28.69 -6.24 25.20
N PHE A 767 -28.52 -4.96 25.47
CA PHE A 767 -27.71 -4.55 26.61
C PHE A 767 -28.12 -3.17 27.08
N MET A 768 -27.62 -2.80 28.25
CA MET A 768 -27.85 -1.49 28.82
C MET A 768 -26.54 -0.71 28.85
N LEU A 769 -26.66 0.61 28.72
CA LEU A 769 -25.55 1.54 28.99
C LEU A 769 -25.89 2.20 30.31
N GLY A 770 -25.08 1.94 31.33
CA GLY A 770 -25.46 2.40 32.66
C GLY A 770 -26.83 1.84 33.00
N ASP A 771 -27.67 2.67 33.62
CA ASP A 771 -29.03 2.26 33.96
C ASP A 771 -30.08 2.97 33.12
N ALA A 772 -29.67 3.77 32.14
CA ALA A 772 -30.57 4.70 31.50
C ALA A 772 -30.99 4.30 30.10
N LEU A 773 -30.15 3.58 29.36
CA LEU A 773 -30.43 3.30 27.96
C LEU A 773 -30.36 1.80 27.73
N LEU A 774 -31.40 1.28 27.06
CA LEU A 774 -31.49 -0.11 26.64
C LEU A 774 -31.34 -0.14 25.12
N ILE A 775 -30.43 -0.98 24.62
CA ILE A 775 -30.08 -1.00 23.20
C ILE A 775 -30.37 -2.39 22.66
N HIS A 776 -31.08 -2.46 21.52
CA HIS A 776 -31.27 -3.72 20.78
C HIS A 776 -31.00 -3.45 19.31
N PRO A 777 -29.72 -3.47 18.90
CA PRO A 777 -29.40 -3.18 17.51
C PRO A 777 -29.91 -4.26 16.56
N VAL A 778 -30.29 -3.84 15.35
CA VAL A 778 -30.65 -4.82 14.34
C VAL A 778 -29.41 -5.59 13.92
N SER A 779 -29.47 -6.93 14.01
CA SER A 779 -28.33 -7.78 13.65
C SER A 779 -28.77 -8.94 12.76
N ASP A 780 -29.66 -8.67 11.80
CA ASP A 780 -30.07 -9.67 10.83
C ASP A 780 -30.34 -8.96 9.50
N ALA A 781 -29.84 -9.55 8.42
CA ALA A 781 -30.04 -8.99 7.09
C ALA A 781 -31.52 -8.97 6.71
N GLY A 782 -31.96 -7.86 6.13
CA GLY A 782 -33.33 -7.73 5.69
C GLY A 782 -34.38 -7.80 6.77
N ALA A 783 -34.02 -7.55 8.03
CA ALA A 783 -34.99 -7.62 9.11
C ALA A 783 -36.08 -6.58 8.92
N HIS A 784 -37.29 -6.92 9.35
CA HIS A 784 -38.40 -5.98 9.28
C HIS A 784 -38.80 -5.45 10.63
N GLY A 785 -38.42 -6.14 11.70
CA GLY A 785 -38.63 -5.68 13.06
C GLY A 785 -37.70 -6.44 13.99
N VAL A 786 -37.74 -6.06 15.28
CA VAL A 786 -37.01 -6.75 16.33
C VAL A 786 -37.92 -6.97 17.52
N GLN A 787 -37.62 -8.01 18.29
CA GLN A 787 -38.35 -8.31 19.51
C GLN A 787 -37.55 -7.74 20.67
N VAL A 788 -38.05 -6.67 21.28
CA VAL A 788 -37.31 -5.98 22.34
C VAL A 788 -37.96 -6.32 23.67
N TYR A 789 -37.20 -6.97 24.56
CA TYR A 789 -37.70 -7.22 25.91
C TYR A 789 -37.45 -5.98 26.77
N LEU A 790 -38.53 -5.31 27.17
CA LEU A 790 -38.46 -4.17 28.07
C LEU A 790 -38.76 -4.65 29.49
N PRO A 791 -37.76 -4.76 30.38
CA PRO A 791 -38.00 -5.38 31.68
C PRO A 791 -38.51 -4.41 32.75
N GLY A 792 -38.69 -4.93 33.98
CA GLY A 792 -39.05 -4.13 35.12
C GLY A 792 -40.54 -3.99 35.37
N GLN A 793 -40.99 -4.42 36.54
CA GLN A 793 -42.37 -4.15 36.95
C GLN A 793 -42.53 -2.68 37.31
N GLU A 794 -43.68 -2.11 36.95
CA GLU A 794 -43.97 -0.69 37.16
C GLU A 794 -42.94 0.22 36.50
N GLU A 795 -42.21 -0.29 35.52
CA GLU A 795 -41.16 0.43 34.82
C GLU A 795 -41.70 0.89 33.47
N VAL A 796 -41.36 2.11 33.08
CA VAL A 796 -41.70 2.59 31.74
C VAL A 796 -40.41 2.77 30.95
N TRP A 797 -40.56 2.74 29.63
CA TRP A 797 -39.46 2.94 28.70
C TRP A 797 -39.92 3.85 27.58
N TYR A 798 -39.04 4.74 27.13
CA TYR A 798 -39.35 5.69 26.07
C TYR A 798 -38.53 5.36 24.82
N ASP A 799 -39.21 5.12 23.71
CA ASP A 799 -38.58 5.04 22.41
C ASP A 799 -37.97 6.40 22.07
N ILE A 800 -36.63 6.49 22.04
CA ILE A 800 -36.02 7.81 21.92
C ILE A 800 -36.18 8.43 20.54
N GLN A 801 -36.68 7.68 19.55
CA GLN A 801 -36.94 8.23 18.22
C GLN A 801 -38.38 8.74 18.08
N SER A 802 -39.36 8.01 18.61
CA SER A 802 -40.76 8.41 18.51
C SER A 802 -41.32 8.99 19.80
N TYR A 803 -40.62 8.85 20.92
CA TYR A 803 -41.03 9.29 22.25
C TYR A 803 -42.22 8.49 22.77
N GLN A 804 -42.59 7.40 22.08
CA GLN A 804 -43.69 6.55 22.55
C GLN A 804 -43.28 5.87 23.85
N LYS A 805 -44.15 5.95 24.86
CA LYS A 805 -43.89 5.34 26.16
C LYS A 805 -44.42 3.91 26.17
N HIS A 806 -43.65 3.00 26.78
CA HIS A 806 -44.06 1.60 26.88
C HIS A 806 -43.86 1.13 28.32
N HIS A 807 -44.82 0.38 28.83
CA HIS A 807 -44.73 -0.15 30.18
C HIS A 807 -44.05 -1.51 30.15
N GLY A 808 -43.21 -1.77 31.14
CA GLY A 808 -42.62 -3.07 31.33
C GLY A 808 -43.39 -3.88 32.35
N PRO A 809 -43.19 -5.21 32.38
CA PRO A 809 -42.34 -5.99 31.47
C PRO A 809 -43.12 -6.51 30.29
N GLN A 810 -42.52 -6.47 29.10
CA GLN A 810 -43.14 -6.97 27.88
C GLN A 810 -42.03 -7.23 26.86
N THR A 811 -42.38 -7.99 25.82
CA THR A 811 -41.57 -8.12 24.62
C THR A 811 -42.30 -7.39 23.50
N LEU A 812 -41.76 -6.23 23.11
CA LEU A 812 -42.37 -5.39 22.10
C LEU A 812 -41.79 -5.73 20.73
N TYR A 813 -42.67 -5.89 19.74
CA TYR A 813 -42.24 -6.06 18.36
C TYR A 813 -42.14 -4.67 17.75
N LEU A 814 -40.94 -4.28 17.34
CA LEU A 814 -40.67 -2.93 16.84
C LEU A 814 -40.26 -3.00 15.39
N PRO A 815 -41.04 -2.45 14.46
CA PRO A 815 -40.61 -2.42 13.06
C PRO A 815 -39.41 -1.51 12.86
N VAL A 816 -38.55 -1.88 11.90
CA VAL A 816 -37.30 -1.17 11.66
C VAL A 816 -37.12 -0.89 10.17
N THR A 817 -36.34 0.14 9.87
CA THR A 817 -35.82 0.43 8.54
C THR A 817 -34.30 0.38 8.60
N LEU A 818 -33.65 0.74 7.48
CA LEU A 818 -32.20 0.72 7.43
C LEU A 818 -31.60 1.66 8.47
N SER A 819 -32.29 2.75 8.80
CA SER A 819 -31.81 3.80 9.69
C SER A 819 -32.17 3.57 11.16
N SER A 820 -32.83 2.48 11.49
CA SER A 820 -33.32 2.27 12.84
C SER A 820 -32.19 1.79 13.74
N ILE A 821 -32.06 2.40 14.91
CA ILE A 821 -31.27 1.86 16.02
C ILE A 821 -32.20 1.77 17.24
N PRO A 822 -32.77 0.59 17.52
CA PRO A 822 -33.70 0.49 18.65
C PRO A 822 -33.09 0.83 20.00
N VAL A 823 -33.39 2.04 20.49
CA VAL A 823 -32.86 2.53 21.75
C VAL A 823 -34.00 3.08 22.58
N PHE A 824 -34.01 2.73 23.87
CA PHE A 824 -35.06 3.14 24.79
C PHE A 824 -34.43 3.77 26.03
N GLN A 825 -35.00 4.89 26.48
CA GLN A 825 -34.56 5.52 27.73
C GLN A 825 -35.48 5.10 28.87
N ARG A 826 -34.88 4.70 29.98
CA ARG A 826 -35.65 4.23 31.12
C ARG A 826 -36.29 5.40 31.85
N GLY A 827 -37.55 5.23 32.23
CA GLY A 827 -38.19 6.24 33.06
C GLY A 827 -37.43 6.38 34.37
N GLY A 828 -37.36 7.61 34.86
CA GLY A 828 -36.60 7.91 36.07
C GLY A 828 -35.16 8.29 35.84
N THR A 829 -34.75 8.50 34.59
CA THR A 829 -33.37 8.83 34.29
C THR A 829 -33.30 10.13 33.50
N ILE A 830 -32.13 10.76 33.57
CA ILE A 830 -31.82 12.01 32.87
C ILE A 830 -30.51 11.83 32.12
N VAL A 831 -30.55 11.98 30.82
CA VAL A 831 -29.42 11.71 29.92
C VAL A 831 -28.95 13.04 29.32
N PRO A 832 -27.70 13.43 29.52
CA PRO A 832 -27.20 14.68 28.93
C PRO A 832 -26.63 14.45 27.55
N ARG A 833 -26.93 15.36 26.63
CA ARG A 833 -26.48 15.27 25.25
C ARG A 833 -25.90 16.60 24.80
N TRP A 834 -24.93 16.52 23.86
CA TRP A 834 -24.51 17.66 23.04
C TRP A 834 -25.24 17.57 21.72
N MET A 835 -26.24 18.40 21.51
CA MET A 835 -26.99 18.31 20.26
C MET A 835 -26.31 19.03 19.10
N ARG A 836 -25.17 19.67 19.30
CA ARG A 836 -24.44 20.36 18.24
C ARG A 836 -23.27 19.46 17.83
N VAL A 837 -23.55 18.55 16.90
CA VAL A 837 -22.52 17.63 16.42
C VAL A 837 -21.53 18.40 15.55
N ARG A 838 -20.25 18.30 15.90
CA ARG A 838 -19.19 18.93 15.13
C ARG A 838 -18.26 17.84 14.58
N ARG A 839 -17.14 18.25 13.98
CA ARG A 839 -16.31 17.27 13.27
C ARG A 839 -15.51 16.37 14.21
N SER A 840 -15.31 16.77 15.46
CA SER A 840 -14.58 15.93 16.39
C SER A 840 -14.96 16.35 17.80
N SER A 841 -14.56 15.54 18.78
CA SER A 841 -14.99 15.86 20.14
C SER A 841 -14.27 17.08 20.68
N ASP A 842 -13.00 17.31 20.31
CA ASP A 842 -12.32 18.52 20.78
C ASP A 842 -13.10 19.78 20.40
N CYS A 843 -13.78 19.78 19.25
CA CYS A 843 -14.55 20.94 18.84
C CYS A 843 -15.80 21.13 19.69
N MET A 844 -16.26 20.08 20.37
CA MET A 844 -17.52 20.09 21.07
C MET A 844 -17.40 20.32 22.56
N LYS A 845 -16.21 20.25 23.13
CA LYS A 845 -16.15 20.09 24.59
C LYS A 845 -16.39 21.38 25.36
N ASP A 846 -16.74 22.49 24.70
CA ASP A 846 -17.16 23.68 25.41
C ASP A 846 -18.59 24.07 25.06
N ASP A 847 -19.31 23.19 24.38
CA ASP A 847 -20.65 23.46 23.86
C ASP A 847 -21.73 23.23 24.92
N PRO A 848 -22.91 23.82 24.73
CA PRO A 848 -23.98 23.65 25.72
C PRO A 848 -24.61 22.26 25.67
N ILE A 849 -25.24 21.89 26.80
CA ILE A 849 -25.84 20.58 27.04
C ILE A 849 -27.35 20.68 26.90
N THR A 850 -27.97 19.65 26.31
CA THR A 850 -29.41 19.42 26.36
C THR A 850 -29.69 18.24 27.29
N LEU A 851 -30.64 18.39 28.22
CA LEU A 851 -30.96 17.35 29.19
C LEU A 851 -32.26 16.65 28.80
N PHE A 852 -32.22 15.33 28.69
CA PHE A 852 -33.38 14.53 28.32
C PHE A 852 -33.90 13.83 29.57
N VAL A 853 -35.03 14.29 30.08
CA VAL A 853 -35.61 13.79 31.32
C VAL A 853 -36.71 12.80 30.98
N ALA A 854 -36.54 11.54 31.40
CA ALA A 854 -37.54 10.51 31.23
C ALA A 854 -38.24 10.27 32.56
N LEU A 855 -39.49 10.72 32.66
CA LEU A 855 -40.20 10.69 33.93
C LEU A 855 -40.62 9.26 34.28
N SER A 856 -40.38 8.88 35.54
CA SER A 856 -40.89 7.64 36.08
C SER A 856 -42.41 7.71 36.15
N PRO A 857 -43.09 6.60 36.45
CA PRO A 857 -44.54 6.70 36.68
C PRO A 857 -44.87 7.57 37.89
N GLN A 858 -43.96 7.71 38.86
CA GLN A 858 -44.13 8.60 40.00
C GLN A 858 -43.71 10.04 39.70
N GLY A 859 -43.46 10.37 38.44
CA GLY A 859 -43.04 11.71 38.09
C GLY A 859 -41.66 12.11 38.59
N THR A 860 -40.73 11.17 38.72
CA THR A 860 -39.38 11.47 39.17
C THR A 860 -38.36 11.06 38.10
N ALA A 861 -37.15 11.58 38.23
CA ALA A 861 -36.01 11.21 37.39
C ALA A 861 -34.74 11.72 38.06
N GLN A 862 -33.62 11.07 37.74
CA GLN A 862 -32.33 11.44 38.29
C GLN A 862 -31.24 11.14 37.27
N GLY A 863 -30.12 11.86 37.36
CA GLY A 863 -28.99 11.64 36.47
C GLY A 863 -27.79 12.43 36.94
N GLU A 864 -26.63 12.07 36.38
CA GLU A 864 -25.38 12.75 36.70
C GLU A 864 -24.68 13.23 35.44
N LEU A 865 -23.66 14.05 35.66
CA LEU A 865 -22.85 14.57 34.57
C LEU A 865 -21.46 14.88 35.11
N PHE A 866 -20.44 14.35 34.44
CA PHE A 866 -19.05 14.64 34.75
C PHE A 866 -18.44 15.49 33.64
N LEU A 867 -17.65 16.49 34.03
CA LEU A 867 -16.99 17.39 33.09
C LEU A 867 -15.62 17.71 33.63
N ASP A 868 -14.65 17.86 32.74
CA ASP A 868 -13.31 18.31 33.08
C ASP A 868 -12.68 18.85 31.79
N ASP A 869 -11.35 19.02 31.77
CA ASP A 869 -10.74 19.57 30.54
C ASP A 869 -10.71 18.57 29.38
N GLY A 870 -11.00 17.29 29.64
CA GLY A 870 -11.12 16.30 28.59
C GLY A 870 -9.89 15.44 28.35
N HIS A 871 -8.75 15.72 28.98
CA HIS A 871 -7.55 14.95 28.63
C HIS A 871 -6.44 14.91 29.68
N THR A 872 -6.52 15.69 30.76
CA THR A 872 -5.42 15.68 31.72
C THR A 872 -5.84 14.98 33.00
N PHE A 873 -4.85 14.82 33.89
CA PHE A 873 -5.13 14.35 35.23
C PHE A 873 -5.49 15.48 36.19
N ASN A 874 -5.81 16.68 35.69
CA ASN A 874 -6.12 17.79 36.58
C ASN A 874 -7.33 17.49 37.46
N TYR A 875 -8.30 16.70 36.96
CA TYR A 875 -9.46 16.33 37.78
C TYR A 875 -9.01 15.67 39.08
N GLN A 876 -7.91 14.94 39.03
CA GLN A 876 -7.40 14.22 40.19
C GLN A 876 -6.38 15.04 40.99
N THR A 877 -5.44 15.73 40.33
CA THR A 877 -4.37 16.44 41.04
C THR A 877 -4.74 17.84 41.49
N ARG A 878 -5.75 18.45 40.88
CA ARG A 878 -6.18 19.80 41.22
C ARG A 878 -7.69 19.85 41.49
N HIS A 879 -8.38 18.71 41.42
CA HIS A 879 -9.82 18.64 41.60
C HIS A 879 -10.55 19.60 40.66
N GLU A 880 -10.03 19.70 39.43
CA GLU A 880 -10.62 20.56 38.41
C GLU A 880 -11.55 19.71 37.56
N PHE A 881 -12.81 19.68 37.97
CA PHE A 881 -13.87 18.95 37.30
C PHE A 881 -15.21 19.44 37.84
N LEU A 882 -16.28 18.98 37.23
CA LEU A 882 -17.62 19.19 37.75
C LEU A 882 -18.34 17.85 37.78
N LEU A 883 -18.94 17.52 38.92
CA LEU A 883 -19.87 16.39 39.01
C LEU A 883 -21.22 16.96 39.42
N ARG A 884 -22.16 17.02 38.47
CA ARG A 884 -23.48 17.56 38.74
C ARG A 884 -24.48 16.43 38.98
N ARG A 885 -25.47 16.70 39.83
CA ARG A 885 -26.63 15.84 39.98
C ARG A 885 -27.84 16.60 39.47
N PHE A 886 -28.60 15.97 38.57
CA PHE A 886 -29.88 16.49 38.14
C PHE A 886 -31.01 15.60 38.67
N SER A 887 -32.02 16.21 39.25
CA SER A 887 -33.09 15.45 39.86
C SER A 887 -34.42 16.14 39.60
N PHE A 888 -35.45 15.34 39.32
CA PHE A 888 -36.78 15.84 39.04
C PHE A 888 -37.74 15.16 40.02
N SER A 889 -38.56 15.96 40.69
CA SER A 889 -39.64 15.44 41.52
C SER A 889 -40.67 16.56 41.72
N GLY A 890 -41.89 16.15 42.00
CA GLY A 890 -42.98 17.09 42.04
C GLY A 890 -43.13 17.69 40.65
N SER A 891 -42.77 18.97 40.52
CA SER A 891 -42.78 19.59 39.20
C SER A 891 -41.53 20.44 39.01
N THR A 892 -40.45 20.05 39.67
CA THR A 892 -39.25 20.86 39.73
C THR A 892 -38.03 20.04 39.33
N LEU A 893 -37.27 20.58 38.39
CA LEU A 893 -35.97 20.03 37.99
C LEU A 893 -34.89 20.85 38.69
N VAL A 894 -33.98 20.16 39.39
CA VAL A 894 -32.99 20.82 40.24
C VAL A 894 -31.60 20.34 39.84
N SER A 895 -30.66 21.27 39.68
CA SER A 895 -29.26 20.94 39.51
C SER A 895 -28.49 21.28 40.77
N SER A 896 -27.79 20.30 41.32
CA SER A 896 -26.93 20.46 42.48
C SER A 896 -25.61 19.76 42.24
N SER A 897 -24.64 19.98 43.14
CA SER A 897 -23.34 19.35 43.07
C SER A 897 -23.38 17.95 43.67
N ALA A 898 -22.92 16.95 42.91
CA ALA A 898 -22.75 15.60 43.43
C ALA A 898 -21.38 15.38 44.03
N ASP A 899 -20.49 16.36 43.94
CA ASP A 899 -19.17 16.34 44.57
C ASP A 899 -18.70 17.79 44.69
N PRO A 900 -18.73 18.36 45.91
CA PRO A 900 -18.38 19.79 46.04
C PRO A 900 -16.91 20.06 45.85
N LYS A 901 -16.04 19.04 45.95
CA LYS A 901 -14.61 19.27 45.78
C LYS A 901 -14.25 19.65 44.36
N GLY A 902 -15.15 19.48 43.39
CA GLY A 902 -14.85 19.74 42.01
C GLY A 902 -15.29 21.12 41.56
N HIS A 903 -14.35 21.90 41.07
CA HIS A 903 -14.64 23.18 40.45
C HIS A 903 -13.97 23.22 39.07
N LEU A 904 -14.60 23.91 38.13
CA LEU A 904 -14.07 23.93 36.77
C LEU A 904 -14.47 25.23 36.08
N GLU A 905 -13.52 25.86 35.42
CA GLU A 905 -13.82 27.00 34.57
C GLU A 905 -14.27 26.48 33.21
N THR A 906 -15.52 26.78 32.84
CA THR A 906 -16.05 26.21 31.63
C THR A 906 -17.17 27.12 31.12
N PRO A 907 -17.26 27.30 29.80
CA PRO A 907 -18.42 28.02 29.25
C PRO A 907 -19.66 27.15 29.03
N ILE A 908 -19.62 25.87 29.39
CA ILE A 908 -20.74 25.00 29.08
C ILE A 908 -21.96 25.45 29.86
N TRP A 909 -23.10 25.53 29.16
CA TRP A 909 -24.36 25.96 29.74
C TRP A 909 -25.48 24.99 29.34
N ILE A 910 -26.66 25.21 29.90
CA ILE A 910 -27.83 24.39 29.61
C ILE A 910 -28.69 25.11 28.59
N GLU A 911 -28.68 24.64 27.33
CA GLU A 911 -29.43 25.31 26.28
C GLU A 911 -30.83 24.75 26.10
N ARG A 912 -31.15 23.62 26.70
CA ARG A 912 -32.43 22.99 26.40
C ARG A 912 -32.67 21.88 27.41
N VAL A 913 -33.94 21.68 27.74
CA VAL A 913 -34.39 20.56 28.55
C VAL A 913 -35.54 19.89 27.80
N VAL A 914 -35.42 18.59 27.57
CA VAL A 914 -36.47 17.80 26.91
C VAL A 914 -37.00 16.81 27.93
N ILE A 915 -38.29 16.95 28.27
CA ILE A 915 -38.93 16.13 29.29
C ILE A 915 -39.95 15.25 28.60
N MET A 916 -39.81 13.94 28.78
CA MET A 916 -40.71 12.96 28.19
C MET A 916 -41.69 12.47 29.25
N GLY A 917 -42.97 12.45 28.92
CA GLY A 917 -43.99 12.03 29.84
C GLY A 917 -44.58 13.12 30.70
N ALA A 918 -44.60 14.36 30.21
CA ALA A 918 -45.07 15.50 30.98
C ALA A 918 -46.31 16.10 30.35
N GLY A 919 -47.16 16.66 31.20
CA GLY A 919 -48.27 17.45 30.72
C GLY A 919 -47.85 18.88 30.41
N LYS A 920 -48.75 19.60 29.74
CA LYS A 920 -48.48 20.99 29.41
C LYS A 920 -48.56 21.85 30.66
N PRO A 921 -47.53 22.61 31.00
CA PRO A 921 -47.63 23.51 32.15
C PRO A 921 -48.28 24.81 31.73
N ALA A 922 -48.58 25.63 32.74
CA ALA A 922 -49.07 26.98 32.50
C ALA A 922 -47.94 28.00 32.44
N ALA A 923 -46.86 27.75 33.17
CA ALA A 923 -45.71 28.64 33.17
C ALA A 923 -44.49 27.84 33.60
N VAL A 924 -43.31 28.26 33.12
CA VAL A 924 -42.04 27.66 33.49
C VAL A 924 -41.14 28.74 34.05
N VAL A 925 -40.59 28.49 35.24
CA VAL A 925 -39.85 29.48 36.00
C VAL A 925 -38.51 28.88 36.39
N LEU A 926 -37.43 29.61 36.09
CA LEU A 926 -36.08 29.22 36.43
C LEU A 926 -35.57 30.11 37.55
N GLN A 927 -34.91 29.50 38.53
CA GLN A 927 -34.22 30.22 39.58
C GLN A 927 -32.81 29.65 39.70
N THR A 928 -31.82 30.53 39.67
CA THR A 928 -30.42 30.17 39.90
C THR A 928 -29.81 31.23 40.80
N LYS A 929 -28.94 30.80 41.72
CA LYS A 929 -28.28 31.74 42.63
C LYS A 929 -27.53 32.81 41.84
N GLY A 930 -27.71 34.07 42.24
CA GLY A 930 -27.07 35.21 41.62
C GLY A 930 -27.82 35.87 40.48
N SER A 931 -29.01 35.39 40.13
CA SER A 931 -29.73 35.89 38.97
C SER A 931 -31.19 36.14 39.34
N PRO A 932 -31.84 37.15 38.75
CA PRO A 932 -33.28 37.31 39.00
C PRO A 932 -34.06 36.09 38.53
N GLU A 933 -35.23 35.89 39.14
CA GLU A 933 -36.10 34.80 38.72
C GLU A 933 -36.52 35.01 37.27
N SER A 934 -36.35 33.97 36.46
CA SER A 934 -36.56 34.05 35.03
C SER A 934 -37.73 33.16 34.62
N ARG A 935 -38.41 33.56 33.55
CA ARG A 935 -39.43 32.72 32.93
C ARG A 935 -38.94 32.23 31.58
N LEU A 936 -39.18 30.94 31.31
CA LEU A 936 -38.73 30.27 30.10
C LEU A 936 -39.93 29.96 29.22
N SER A 937 -39.76 30.10 27.92
CA SER A 937 -40.78 29.69 26.99
C SER A 937 -40.64 28.20 26.69
N PHE A 938 -41.72 27.60 26.20
CA PHE A 938 -41.71 26.16 26.04
C PHE A 938 -42.65 25.75 24.91
N GLN A 939 -42.43 24.53 24.44
CA GLN A 939 -43.27 23.91 23.42
C GLN A 939 -43.70 22.55 23.95
N HIS A 940 -44.94 22.17 23.66
CA HIS A 940 -45.48 20.92 24.20
C HIS A 940 -46.30 20.19 23.15
N ASP A 941 -46.03 18.90 23.00
CA ASP A 941 -46.78 18.07 22.07
C ASP A 941 -47.76 17.21 22.85
N PRO A 942 -49.07 17.41 22.69
CA PRO A 942 -50.03 16.63 23.49
C PRO A 942 -50.08 15.15 23.12
N GLU A 943 -49.76 14.80 21.87
CA GLU A 943 -49.73 13.39 21.47
C GLU A 943 -48.63 12.61 22.18
N THR A 944 -47.40 13.17 22.21
CA THR A 944 -46.26 12.44 22.75
C THR A 944 -45.99 12.77 24.21
N SER A 945 -46.65 13.78 24.77
CA SER A 945 -46.35 14.26 26.12
C SER A 945 -44.85 14.57 26.25
N VAL A 946 -44.35 15.35 25.29
CA VAL A 946 -42.97 15.82 25.30
C VAL A 946 -42.98 17.32 25.53
N LEU A 947 -42.24 17.76 26.54
CA LEU A 947 -42.11 19.16 26.89
C LEU A 947 -40.68 19.61 26.64
N ILE A 948 -40.52 20.69 25.85
CA ILE A 948 -39.22 21.26 25.54
C ILE A 948 -39.13 22.64 26.19
N LEU A 949 -38.15 22.82 27.06
CA LEU A 949 -37.90 24.10 27.70
C LEU A 949 -36.84 24.84 26.88
N ARG A 950 -37.17 26.03 26.40
CA ARG A 950 -36.27 26.80 25.55
C ARG A 950 -35.21 27.50 26.39
N LYS A 951 -33.94 27.35 26.00
CA LYS A 951 -32.79 28.15 26.42
C LYS A 951 -32.81 28.53 27.91
N PRO A 952 -32.62 27.60 28.83
CA PRO A 952 -32.40 28.01 30.23
C PRO A 952 -31.23 28.97 30.38
N GLY A 953 -30.17 28.78 29.61
CA GLY A 953 -29.09 29.76 29.59
C GLY A 953 -28.27 29.82 30.85
N VAL A 954 -28.36 28.82 31.71
CA VAL A 954 -27.65 28.82 32.98
C VAL A 954 -26.34 28.05 32.82
N SER A 955 -25.29 28.51 33.50
CA SER A 955 -24.04 27.76 33.52
C SER A 955 -24.23 26.40 34.16
N VAL A 956 -23.53 25.40 33.62
CA VAL A 956 -23.56 24.05 34.18
C VAL A 956 -22.83 23.97 35.52
N ALA A 957 -22.03 24.97 35.88
CA ALA A 957 -21.38 24.97 37.17
C ALA A 957 -22.24 25.54 38.28
N SER A 958 -23.42 26.07 37.95
CA SER A 958 -24.27 26.76 38.92
C SER A 958 -25.41 25.86 39.39
N ASP A 959 -25.74 25.97 40.67
CA ASP A 959 -27.00 25.42 41.16
C ASP A 959 -28.16 26.20 40.55
N TRP A 960 -29.21 25.49 40.16
CA TRP A 960 -30.39 26.14 39.60
C TRP A 960 -31.57 25.20 39.77
N SER A 961 -32.77 25.73 39.60
CA SER A 961 -33.98 24.93 39.65
C SER A 961 -34.97 25.49 38.65
N ILE A 962 -35.75 24.59 38.03
CA ILE A 962 -36.78 24.95 37.07
C ILE A 962 -38.10 24.40 37.59
N HIS A 963 -39.11 25.24 37.68
CA HIS A 963 -40.40 24.83 38.21
C HIS A 963 -41.45 24.90 37.12
N LEU A 964 -42.21 23.82 36.98
CA LEU A 964 -43.31 23.76 36.02
C LEU A 964 -44.61 24.04 36.78
N ARG A 965 -45.24 25.17 36.48
CA ARG A 965 -46.42 25.60 37.23
C ARG A 965 -47.67 25.12 36.52
N TYR B 48 -43.29 58.20 20.65
CA TYR B 48 -42.26 57.24 20.30
C TYR B 48 -42.86 56.02 19.56
N GLU B 49 -42.12 55.51 18.56
CA GLU B 49 -42.52 54.30 17.85
C GLU B 49 -41.46 53.26 18.10
N GLU B 50 -41.75 51.99 17.80
CA GLU B 50 -40.92 50.86 18.22
C GLU B 50 -40.43 50.07 16.99
N SER B 51 -40.12 48.78 17.19
CA SER B 51 -39.52 47.93 16.18
C SER B 51 -40.41 46.73 15.84
N LYS B 52 -40.00 45.98 14.81
CA LYS B 52 -40.74 44.86 14.23
C LYS B 52 -40.08 43.52 14.55
N PRO B 53 -40.80 42.38 14.35
CA PRO B 53 -40.21 41.06 14.62
C PRO B 53 -39.59 40.39 13.40
N PHE B 54 -39.01 39.20 13.59
CA PHE B 54 -38.35 38.44 12.54
C PHE B 54 -39.18 37.22 12.15
N THR B 55 -39.25 36.94 10.85
CA THR B 55 -39.99 35.80 10.32
C THR B 55 -39.03 34.81 9.66
N CYS B 56 -39.11 33.54 10.07
CA CYS B 56 -38.27 32.52 9.46
C CYS B 56 -38.52 32.44 7.96
N LEU B 57 -37.44 32.19 7.21
CA LEU B 57 -37.54 32.15 5.76
C LEU B 57 -38.40 31.01 5.25
N ASP B 58 -38.59 29.95 6.05
CA ASP B 58 -39.50 28.88 5.67
C ASP B 58 -40.94 29.20 6.06
N GLY B 59 -41.17 30.27 6.80
CA GLY B 59 -42.50 30.68 7.20
C GLY B 59 -43.04 29.93 8.40
N THR B 60 -42.21 29.12 9.07
CA THR B 60 -42.69 28.31 10.18
C THR B 60 -42.97 29.11 11.43
N ALA B 61 -42.40 30.30 11.59
CA ALA B 61 -42.63 31.06 12.82
C ALA B 61 -42.32 32.54 12.59
N THR B 62 -42.69 33.33 13.59
CA THR B 62 -42.22 34.70 13.75
C THR B 62 -41.73 34.87 15.18
N ILE B 63 -40.54 35.42 15.34
CA ILE B 63 -39.91 35.59 16.65
C ILE B 63 -39.36 37.01 16.74
N PRO B 64 -39.15 37.51 17.96
CA PRO B 64 -38.53 38.83 18.09
C PRO B 64 -37.09 38.81 17.60
N PHE B 65 -36.59 39.99 17.22
CA PHE B 65 -35.23 40.08 16.69
C PHE B 65 -34.16 39.85 17.75
N ASP B 66 -34.52 39.87 19.03
CA ASP B 66 -33.53 39.57 20.05
C ASP B 66 -33.28 38.06 20.18
N GLN B 67 -34.04 37.25 19.44
CA GLN B 67 -33.77 35.82 19.30
C GLN B 67 -33.10 35.51 17.96
N VAL B 68 -32.67 36.53 17.22
CA VAL B 68 -31.82 36.32 16.06
C VAL B 68 -30.37 36.38 16.54
N ASN B 69 -29.61 35.32 16.23
CA ASN B 69 -28.22 35.18 16.68
C ASN B 69 -28.11 35.22 18.21
N ASP B 70 -29.06 34.60 18.92
CA ASP B 70 -28.98 34.50 20.37
C ASP B 70 -28.48 33.14 20.83
N ASP B 71 -27.85 32.38 19.93
CA ASP B 71 -27.19 31.10 20.22
C ASP B 71 -28.19 30.03 20.64
N TYR B 72 -29.40 30.07 20.09
CA TYR B 72 -30.39 29.02 20.26
C TYR B 72 -31.22 28.92 19.00
N CYS B 73 -31.49 27.70 18.54
CA CYS B 73 -32.15 27.52 17.26
C CYS B 73 -33.67 27.65 17.41
N ASP B 74 -34.25 28.69 16.80
CA ASP B 74 -35.68 28.89 16.85
C ASP B 74 -36.41 28.65 15.53
N CYS B 75 -35.71 28.64 14.39
CA CYS B 75 -36.30 28.39 13.09
C CYS B 75 -35.91 27.01 12.60
N LYS B 76 -36.89 26.26 12.09
CA LYS B 76 -36.63 24.90 11.63
C LYS B 76 -35.71 24.87 10.41
N ASP B 77 -35.60 25.96 9.68
CA ASP B 77 -34.65 26.05 8.58
C ASP B 77 -33.31 26.66 8.99
N GLY B 78 -33.15 27.02 10.26
CA GLY B 78 -31.90 27.58 10.75
C GLY B 78 -31.67 29.03 10.43
N SER B 79 -32.65 29.72 9.85
CA SER B 79 -32.41 31.07 9.36
C SER B 79 -32.25 32.11 10.46
N ASP B 80 -32.58 31.80 11.70
CA ASP B 80 -32.46 32.78 12.78
C ASP B 80 -31.07 32.83 13.39
N GLU B 81 -30.16 31.93 13.02
CA GLU B 81 -28.81 31.89 13.59
C GLU B 81 -27.74 31.84 12.50
N PRO B 82 -27.70 32.82 11.59
CA PRO B 82 -26.66 32.80 10.56
C PRO B 82 -25.26 33.05 11.10
N GLY B 83 -25.12 33.58 12.32
CA GLY B 83 -23.82 33.92 12.84
C GLY B 83 -23.30 33.06 13.97
N THR B 84 -23.99 31.98 14.33
CA THR B 84 -23.62 31.11 15.45
C THR B 84 -23.62 29.65 14.99
N ALA B 85 -23.31 28.76 15.94
CA ALA B 85 -23.34 27.31 15.70
C ALA B 85 -24.61 26.66 16.24
N ALA B 86 -25.66 27.43 16.44
CA ALA B 86 -26.80 26.91 17.20
C ALA B 86 -27.71 26.02 16.35
N CYS B 87 -27.79 26.27 15.04
CA CYS B 87 -28.75 25.46 14.32
C CYS B 87 -28.06 24.31 13.58
N PRO B 88 -28.66 23.12 13.56
CA PRO B 88 -28.00 22.01 12.86
C PRO B 88 -28.01 22.17 11.35
N ASN B 89 -28.98 22.90 10.79
CA ASN B 89 -29.11 23.04 9.36
C ASN B 89 -28.77 24.45 8.88
N GLY B 90 -28.07 25.21 9.68
CA GLY B 90 -27.75 26.56 9.32
C GLY B 90 -26.52 26.63 8.46
N SER B 91 -26.25 27.83 7.98
CA SER B 91 -25.06 28.10 7.20
C SER B 91 -24.47 29.43 7.67
N PHE B 92 -23.15 29.52 7.56
CA PHE B 92 -22.40 30.72 7.93
C PHE B 92 -21.69 31.23 6.68
N HIS B 93 -21.82 32.53 6.42
CA HIS B 93 -21.34 33.12 5.16
C HIS B 93 -19.95 33.73 5.37
N CYS B 94 -18.96 33.18 4.68
CA CYS B 94 -17.62 33.77 4.65
C CYS B 94 -17.60 34.82 3.55
N THR B 95 -17.36 36.08 3.91
CA THR B 95 -17.25 37.11 2.89
C THR B 95 -15.95 36.94 2.09
N ASN B 96 -14.82 36.78 2.78
CA ASN B 96 -13.53 36.41 2.18
C ASN B 96 -13.08 37.34 1.04
N THR B 97 -12.93 38.62 1.36
CA THR B 97 -12.47 39.56 0.34
C THR B 97 -11.06 39.17 -0.09
N GLY B 98 -10.80 39.24 -1.40
CA GLY B 98 -9.54 38.80 -1.95
C GLY B 98 -9.56 37.38 -2.49
N TYR B 99 -10.67 36.66 -2.30
CA TYR B 99 -10.87 35.33 -2.86
C TYR B 99 -12.37 35.14 -3.07
N LYS B 100 -12.76 33.90 -3.36
CA LYS B 100 -14.17 33.57 -3.55
C LYS B 100 -14.89 33.52 -2.20
N PRO B 101 -16.10 34.09 -2.10
CA PRO B 101 -16.88 33.91 -0.87
C PRO B 101 -17.46 32.50 -0.79
N LEU B 102 -17.63 32.01 0.44
CA LEU B 102 -17.97 30.61 0.68
C LEU B 102 -18.94 30.48 1.85
N TYR B 103 -19.84 29.51 1.75
CA TYR B 103 -20.73 29.12 2.84
C TYR B 103 -20.17 27.88 3.55
N ILE B 104 -20.29 27.85 4.87
CA ILE B 104 -19.89 26.69 5.65
C ILE B 104 -21.05 26.29 6.54
N LEU B 105 -21.01 25.03 7.02
CA LEU B 105 -22.01 24.57 7.97
C LEU B 105 -21.94 25.38 9.27
N SER B 106 -23.10 25.61 9.88
CA SER B 106 -23.14 26.30 11.16
C SER B 106 -22.33 25.57 12.22
N SER B 107 -22.26 24.24 12.16
CA SER B 107 -21.49 23.48 13.14
C SER B 107 -20.00 23.82 13.11
N ARG B 108 -19.51 24.51 12.08
CA ARG B 108 -18.09 24.83 11.99
C ARG B 108 -17.80 26.26 12.40
N VAL B 109 -18.77 26.96 12.98
CA VAL B 109 -18.56 28.30 13.54
C VAL B 109 -18.06 28.13 14.96
N ASN B 110 -16.86 28.66 15.22
CA ASN B 110 -16.23 28.56 16.53
C ASN B 110 -16.06 27.09 16.95
N ASP B 111 -15.70 26.24 15.99
CA ASP B 111 -15.26 24.89 16.34
C ASP B 111 -13.77 24.82 16.61
N GLY B 112 -13.07 25.96 16.51
CA GLY B 112 -11.62 25.97 16.68
C GLY B 112 -10.84 25.62 15.43
N VAL B 113 -11.51 25.43 14.30
CA VAL B 113 -10.88 25.09 13.04
C VAL B 113 -11.12 26.24 12.08
N CYS B 114 -10.07 26.65 11.38
CA CYS B 114 -10.15 27.74 10.39
C CYS B 114 -10.78 27.22 9.11
N ASP B 115 -12.01 27.63 8.82
CA ASP B 115 -12.74 27.23 7.62
C ASP B 115 -12.82 28.32 6.56
N CYS B 116 -13.08 29.57 6.94
CA CYS B 116 -13.02 30.68 6.00
C CYS B 116 -11.58 31.13 5.85
N CYS B 117 -11.19 31.47 4.61
CA CYS B 117 -9.85 32.02 4.43
C CYS B 117 -9.71 33.38 5.11
N ASP B 118 -10.82 34.10 5.31
CA ASP B 118 -10.75 35.37 6.03
C ASP B 118 -10.80 35.20 7.54
N GLY B 119 -11.02 33.99 8.03
CA GLY B 119 -10.95 33.68 9.45
C GLY B 119 -12.13 34.14 10.28
N THR B 120 -13.21 34.62 9.65
CA THR B 120 -14.33 35.15 10.41
C THR B 120 -15.17 34.06 11.08
N ASP B 121 -15.05 32.80 10.66
CA ASP B 121 -15.79 31.73 11.33
C ASP B 121 -15.29 31.46 12.74
N GLU B 122 -14.09 31.93 13.08
CA GLU B 122 -13.53 31.75 14.42
C GLU B 122 -13.39 33.13 15.06
N TYR B 123 -14.40 33.54 15.82
CA TYR B 123 -14.37 34.83 16.50
C TYR B 123 -14.45 34.74 18.01
N ASN B 124 -14.65 33.55 18.57
CA ASN B 124 -14.75 33.40 20.03
C ASN B 124 -14.40 31.98 20.46
N SER B 125 -13.43 31.36 19.81
CA SER B 125 -13.13 29.94 20.05
C SER B 125 -11.76 29.68 20.61
N GLY B 126 -10.92 30.69 20.78
CA GLY B 126 -9.55 30.47 21.19
C GLY B 126 -8.59 30.21 20.05
N THR B 127 -9.08 29.86 18.87
CA THR B 127 -8.25 29.76 17.69
C THR B 127 -8.30 31.10 16.95
N VAL B 128 -7.15 31.73 16.78
CA VAL B 128 -7.05 32.95 15.97
C VAL B 128 -6.65 32.54 14.55
N CYS B 129 -7.52 32.81 13.58
CA CYS B 129 -7.23 32.47 12.21
C CYS B 129 -6.68 33.68 11.47
N GLU B 130 -5.71 33.43 10.61
CA GLU B 130 -5.10 34.46 9.80
C GLU B 130 -5.75 34.48 8.43
N ASN B 131 -5.68 35.64 7.78
CA ASN B 131 -6.24 35.75 6.44
C ASN B 131 -5.34 35.00 5.47
N THR B 132 -5.93 34.14 4.64
CA THR B 132 -5.17 33.34 3.69
C THR B 132 -5.80 33.39 2.30
N CYS B 133 -6.65 34.38 2.04
CA CYS B 133 -7.41 34.43 0.81
C CYS B 133 -6.53 34.66 -0.41
N ARG B 134 -5.28 35.04 -0.19
CA ARG B 134 -4.24 35.11 -1.22
C ARG B 134 -4.08 33.76 -1.94
N VAL C 32 6.49 21.93 -13.10
CA VAL C 32 7.92 21.82 -12.77
C VAL C 32 8.40 23.10 -12.10
N ASP C 33 9.30 22.95 -11.12
CA ASP C 33 9.97 24.09 -10.48
C ASP C 33 11.25 24.35 -11.26
N ARG C 34 11.20 25.31 -12.19
CA ARG C 34 12.33 25.54 -13.08
C ARG C 34 13.50 26.22 -12.36
N SER C 35 13.26 26.84 -11.20
CA SER C 35 14.32 27.55 -10.50
C SER C 35 15.36 26.59 -9.94
N ASN C 36 14.99 25.33 -9.70
CA ASN C 36 15.94 24.34 -9.22
C ASN C 36 16.93 23.92 -10.30
N PHE C 37 16.64 24.19 -11.57
CA PHE C 37 17.48 23.74 -12.68
C PHE C 37 18.13 24.93 -13.37
N LYS C 38 19.45 24.84 -13.57
CA LYS C 38 20.23 25.94 -14.12
C LYS C 38 19.82 26.24 -15.56
N THR C 39 19.75 27.53 -15.88
CA THR C 39 19.77 27.99 -17.26
C THR C 39 21.23 28.07 -17.75
N CYS C 40 21.40 28.36 -19.05
CA CYS C 40 22.75 28.49 -19.59
C CYS C 40 23.51 29.62 -18.91
N ASP C 41 22.81 30.69 -18.51
CA ASP C 41 23.47 31.77 -17.78
C ASP C 41 23.94 31.32 -16.41
N GLU C 42 23.19 30.43 -15.76
CA GLU C 42 23.55 29.94 -14.44
C GLU C 42 24.58 28.82 -14.50
N SER C 43 24.84 28.26 -15.67
CA SER C 43 25.96 27.36 -15.87
C SER C 43 27.13 28.19 -16.38
N SER C 44 28.15 28.37 -15.53
CA SER C 44 29.19 29.35 -15.83
C SER C 44 29.98 28.97 -17.08
N PHE C 45 30.21 27.67 -17.30
CA PHE C 45 30.90 27.27 -18.53
C PHE C 45 30.02 27.49 -19.75
N CYS C 46 28.70 27.31 -19.64
CA CYS C 46 27.84 27.64 -20.77
C CYS C 46 27.83 29.13 -21.05
N LYS C 47 27.84 29.95 -19.98
CA LYS C 47 27.83 31.40 -20.16
C LYS C 47 29.12 31.89 -20.80
N ARG C 48 30.27 31.37 -20.35
CA ARG C 48 31.53 31.73 -20.99
C ARG C 48 31.51 31.40 -22.47
N GLN C 49 31.20 30.14 -22.81
CA GLN C 49 31.21 29.72 -24.20
C GLN C 49 30.18 30.49 -25.03
N ARG C 50 28.95 30.60 -24.53
CA ARG C 50 27.90 31.23 -25.30
C ARG C 50 28.09 32.74 -25.46
N SER C 51 29.02 33.34 -24.70
CA SER C 51 29.32 34.76 -24.86
C SER C 51 30.28 35.03 -26.01
N ILE C 52 30.98 34.00 -26.50
CA ILE C 52 31.78 34.12 -27.71
C ILE C 52 30.84 34.18 -28.91
N ARG C 53 30.87 35.30 -29.63
CA ARG C 53 29.96 35.55 -30.74
C ARG C 53 30.65 35.24 -32.06
N PRO C 54 29.89 35.05 -33.15
CA PRO C 54 30.52 34.68 -34.43
C PRO C 54 31.59 35.68 -34.86
N GLY C 55 32.71 35.16 -35.34
CA GLY C 55 33.82 36.01 -35.73
C GLY C 55 35.01 35.17 -36.13
N LEU C 56 36.14 35.85 -36.36
CA LEU C 56 37.35 35.15 -36.78
C LEU C 56 37.96 34.42 -35.60
N SER C 57 38.19 33.12 -35.77
CA SER C 57 38.68 32.31 -34.66
C SER C 57 40.13 32.66 -34.34
N PRO C 58 40.50 32.73 -33.07
CA PRO C 58 41.91 32.89 -32.71
C PRO C 58 42.73 31.63 -32.89
N TYR C 59 42.11 30.52 -33.26
CA TYR C 59 42.82 29.26 -33.44
C TYR C 59 43.38 29.17 -34.86
N ARG C 60 44.61 28.67 -34.97
CA ARG C 60 45.26 28.51 -36.26
C ARG C 60 46.13 27.25 -36.24
N ALA C 61 46.21 26.60 -37.39
CA ALA C 61 46.94 25.34 -37.53
C ALA C 61 48.37 25.58 -37.99
N LEU C 62 49.33 25.02 -37.25
CA LEU C 62 50.75 25.13 -37.56
C LEU C 62 51.11 24.02 -38.54
N LEU C 63 50.95 24.31 -39.84
CA LEU C 63 51.16 23.29 -40.87
C LEU C 63 52.58 22.75 -40.91
N ASP C 64 53.54 23.42 -40.27
CA ASP C 64 54.89 22.88 -40.15
C ASP C 64 54.91 21.62 -39.30
N THR C 65 53.95 21.47 -38.39
CA THR C 65 53.88 20.35 -37.47
C THR C 65 53.10 19.17 -38.02
N LEU C 66 52.47 19.32 -39.19
CA LEU C 66 51.60 18.29 -39.74
C LEU C 66 52.37 16.99 -39.97
N GLN C 67 51.78 15.87 -39.56
CA GLN C 67 52.34 14.54 -39.79
C GLN C 67 51.23 13.62 -40.26
N LEU C 68 51.50 12.87 -41.33
CA LEU C 68 50.51 12.01 -41.97
C LEU C 68 50.87 10.54 -41.86
N GLY C 69 50.23 9.83 -40.94
CA GLY C 69 50.41 8.40 -40.85
C GLY C 69 49.30 7.73 -41.65
N PRO C 70 49.30 6.40 -41.70
CA PRO C 70 48.23 5.72 -42.43
C PRO C 70 46.88 5.83 -41.73
N ASP C 71 46.85 5.90 -40.39
CA ASP C 71 45.60 5.92 -39.65
C ASP C 71 45.17 7.33 -39.23
N ALA C 72 46.04 8.32 -39.27
CA ALA C 72 45.65 9.62 -38.78
C ALA C 72 46.50 10.71 -39.40
N LEU C 73 45.99 11.92 -39.35
CA LEU C 73 46.76 13.14 -39.59
C LEU C 73 46.88 13.87 -38.26
N THR C 74 48.08 14.33 -37.95
CA THR C 74 48.33 15.09 -36.73
C THR C 74 48.78 16.49 -37.12
N VAL C 75 48.31 17.49 -36.37
CA VAL C 75 48.72 18.86 -36.61
C VAL C 75 48.47 19.65 -35.34
N HIS C 76 49.41 20.53 -35.00
CA HIS C 76 49.28 21.35 -33.81
C HIS C 76 48.38 22.55 -34.09
N LEU C 77 47.58 22.92 -33.10
CA LEU C 77 46.82 24.18 -33.16
C LEU C 77 47.34 25.13 -32.10
N ILE C 78 47.11 26.42 -32.32
CA ILE C 78 47.59 27.47 -31.41
C ILE C 78 46.49 28.50 -31.22
N HIS C 79 46.32 28.94 -29.98
CA HIS C 79 45.51 30.11 -29.68
C HIS C 79 46.41 31.33 -29.80
N GLU C 80 46.02 32.28 -30.66
CA GLU C 80 46.93 33.37 -31.00
C GLU C 80 47.21 34.27 -29.80
N VAL C 81 46.28 34.36 -28.86
CA VAL C 81 46.43 35.23 -27.71
C VAL C 81 47.03 34.49 -26.52
N THR C 82 46.44 33.35 -26.14
CA THR C 82 46.92 32.59 -24.98
C THR C 82 48.18 31.79 -25.27
N LYS C 83 48.45 31.50 -26.55
CA LYS C 83 49.57 30.67 -26.99
C LYS C 83 49.49 29.24 -26.46
N VAL C 84 48.27 28.76 -26.15
CA VAL C 84 48.08 27.37 -25.76
C VAL C 84 48.17 26.48 -27.00
N LEU C 85 48.87 25.35 -26.86
CA LEU C 85 49.09 24.43 -27.97
C LEU C 85 48.17 23.22 -27.83
N LEU C 86 47.34 23.00 -28.86
CA LEU C 86 46.46 21.84 -28.97
C LEU C 86 46.99 20.88 -30.02
N VAL C 87 46.38 19.70 -30.08
CA VAL C 87 46.70 18.69 -31.09
C VAL C 87 45.42 18.25 -31.77
N LEU C 88 45.36 18.43 -33.09
CA LEU C 88 44.25 17.91 -33.88
C LEU C 88 44.63 16.54 -34.44
N GLU C 89 43.78 15.55 -34.20
CA GLU C 89 43.91 14.22 -34.78
C GLU C 89 42.74 14.04 -35.75
N LEU C 90 43.06 13.99 -37.04
CA LEU C 90 42.05 13.89 -38.09
C LEU C 90 42.12 12.50 -38.71
N GLN C 91 40.97 11.86 -38.88
CA GLN C 91 40.93 10.49 -39.37
C GLN C 91 39.77 10.30 -40.33
N GLY C 92 40.07 9.70 -41.48
CA GLY C 92 39.03 9.11 -42.29
C GLY C 92 38.75 7.70 -41.82
N LEU C 93 37.49 7.33 -41.84
CA LEU C 93 37.16 5.98 -41.36
C LEU C 93 36.39 5.23 -42.44
N GLN C 94 36.41 3.91 -42.35
CA GLN C 94 35.59 3.07 -43.25
C GLN C 94 34.12 3.35 -42.93
N LYS C 95 33.27 3.25 -43.95
CA LYS C 95 31.80 3.49 -43.98
C LYS C 95 31.57 5.00 -44.13
N ASP C 96 32.49 5.67 -44.80
CA ASP C 96 32.39 7.12 -45.09
C ASP C 96 32.20 7.92 -43.82
N MET C 97 33.13 7.80 -42.89
CA MET C 97 32.99 8.60 -41.67
C MET C 97 34.32 9.29 -41.40
N THR C 98 34.24 10.45 -40.77
CA THR C 98 35.41 11.21 -40.36
C THR C 98 35.35 11.42 -38.86
N ARG C 99 36.50 11.33 -38.19
CA ARG C 99 36.60 11.54 -36.75
C ARG C 99 37.56 12.70 -36.47
N ILE C 100 37.12 13.65 -35.64
CA ILE C 100 37.91 14.81 -35.24
C ILE C 100 38.12 14.73 -33.74
N ARG C 101 39.38 14.70 -33.31
CA ARG C 101 39.74 14.73 -31.90
C ARG C 101 40.76 15.82 -31.64
N ILE C 102 40.50 16.63 -30.62
CA ILE C 102 41.35 17.75 -30.25
C ILE C 102 41.63 17.66 -28.75
N ASP C 103 42.90 17.64 -28.38
CA ASP C 103 43.30 17.57 -26.98
C ASP C 103 44.44 18.57 -26.76
N GLU C 104 44.77 18.81 -25.49
CA GLU C 104 45.93 19.63 -25.18
C GLU C 104 47.20 18.88 -25.55
N LEU C 105 48.21 19.63 -26.02
CA LEU C 105 49.46 19.01 -26.44
C LEU C 105 50.21 18.44 -25.25
N GLU C 106 50.38 19.24 -24.20
CA GLU C 106 50.92 18.78 -22.93
C GLU C 106 50.05 19.32 -21.81
N PRO C 107 48.95 18.64 -21.49
CA PRO C 107 48.13 19.06 -20.36
C PRO C 107 48.81 18.69 -19.06
N ARG C 108 48.48 19.44 -18.00
CA ARG C 108 49.04 19.11 -16.68
C ARG C 108 48.56 17.74 -16.22
N ARG C 109 47.35 17.37 -16.60
CA ARG C 109 46.74 16.08 -16.29
C ARG C 109 45.96 15.64 -17.51
N PRO C 110 45.81 14.33 -17.72
CA PRO C 110 45.05 13.85 -18.88
C PRO C 110 43.57 14.23 -18.75
N ARG C 111 42.97 14.56 -19.88
CA ARG C 111 41.54 14.86 -19.95
C ARG C 111 40.75 13.58 -20.19
N TYR C 112 39.45 13.64 -19.88
CA TYR C 112 38.60 12.44 -19.93
C TYR C 112 38.24 12.08 -21.37
N ARG C 113 38.40 10.80 -21.70
CA ARG C 113 37.94 10.22 -22.95
C ARG C 113 36.95 9.10 -22.65
N VAL C 114 35.76 9.18 -23.25
CA VAL C 114 34.63 8.33 -22.87
C VAL C 114 34.85 6.85 -23.18
N PRO C 115 34.91 5.97 -22.18
CA PRO C 115 35.08 4.54 -22.43
C PRO C 115 33.76 3.80 -22.62
N ASP C 116 33.88 2.55 -23.05
CA ASP C 116 32.81 1.55 -23.07
C ASP C 116 31.62 1.90 -23.95
N VAL C 117 31.59 3.08 -24.56
CA VAL C 117 30.48 3.40 -25.44
C VAL C 117 30.74 2.86 -26.84
N LEU C 118 31.96 3.05 -27.35
CA LEU C 118 32.34 2.50 -28.65
C LEU C 118 32.53 0.99 -28.53
N VAL C 119 31.92 0.24 -29.46
CA VAL C 119 32.02 -1.22 -29.42
C VAL C 119 33.31 -1.75 -30.00
N ALA C 120 34.04 -0.94 -30.76
CA ALA C 120 35.31 -1.35 -31.32
C ALA C 120 36.10 -0.11 -31.70
N ASP C 121 37.38 -0.32 -31.94
CA ASP C 121 38.21 0.69 -32.59
C ASP C 121 37.80 0.81 -34.06
N PRO C 122 37.28 1.95 -34.50
CA PRO C 122 36.75 2.05 -35.88
C PRO C 122 37.84 1.83 -36.91
N PRO C 123 37.57 0.99 -37.92
CA PRO C 123 38.52 0.83 -39.03
C PRO C 123 38.77 2.14 -39.76
N THR C 124 40.04 2.40 -40.04
CA THR C 124 40.48 3.66 -40.65
C THR C 124 40.46 3.60 -42.17
N ALA C 125 40.46 4.78 -42.78
CA ALA C 125 40.74 4.97 -44.20
C ALA C 125 41.89 5.94 -44.35
N ARG C 126 42.75 5.72 -45.35
CA ARG C 126 43.90 6.58 -45.54
C ARG C 126 43.52 7.93 -46.09
N LEU C 127 44.16 8.97 -45.56
CA LEU C 127 44.12 10.30 -46.14
C LEU C 127 45.34 10.47 -47.02
N SER C 128 45.16 11.16 -48.15
CA SER C 128 46.26 11.48 -49.06
C SER C 128 46.28 12.97 -49.31
N VAL C 129 47.48 13.55 -49.38
CA VAL C 129 47.60 14.95 -49.76
C VAL C 129 47.34 15.07 -51.26
N SER C 130 46.31 15.86 -51.61
CA SER C 130 45.98 16.17 -53.00
C SER C 130 46.04 17.66 -53.28
N GLY C 131 46.51 18.45 -52.33
CA GLY C 131 46.62 19.90 -52.48
C GLY C 131 47.21 20.50 -51.22
N ARG C 132 48.06 21.51 -51.39
CA ARG C 132 48.76 22.09 -50.24
C ARG C 132 49.39 23.42 -50.64
N ASP C 133 49.13 24.47 -49.88
CA ASP C 133 49.82 25.74 -50.01
C ASP C 133 50.15 26.24 -48.61
N ASP C 134 50.42 27.54 -48.48
CA ASP C 134 50.81 28.11 -47.19
C ASP C 134 49.67 28.18 -46.19
N ASN C 135 48.41 28.17 -46.65
CA ASN C 135 47.27 28.32 -45.74
C ASN C 135 46.22 27.22 -45.93
N SER C 136 46.57 26.11 -46.58
CA SER C 136 45.56 25.12 -46.92
C SER C 136 46.23 23.79 -47.24
N VAL C 137 45.59 22.69 -46.81
CA VAL C 137 45.98 21.34 -47.21
C VAL C 137 44.70 20.60 -47.59
N GLU C 138 44.67 20.04 -48.80
CA GLU C 138 43.55 19.24 -49.26
C GLU C 138 43.93 17.77 -49.15
N LEU C 139 43.03 16.99 -48.56
CA LEU C 139 43.24 15.58 -48.27
C LEU C 139 42.12 14.75 -48.90
N THR C 140 42.50 13.67 -49.56
CA THR C 140 41.56 12.75 -50.18
C THR C 140 41.46 11.49 -49.33
N VAL C 141 40.23 11.04 -49.08
CA VAL C 141 40.00 9.86 -48.25
C VAL C 141 40.00 8.62 -49.13
N ALA C 142 40.96 7.72 -48.88
CA ALA C 142 41.16 6.51 -49.68
C ALA C 142 41.31 6.94 -51.13
N GLU C 143 40.46 6.49 -52.05
CA GLU C 143 40.52 6.91 -53.43
C GLU C 143 39.31 7.76 -53.82
N GLY C 144 38.73 8.46 -52.85
CA GLY C 144 37.61 9.34 -53.13
C GLY C 144 36.29 8.64 -52.91
N PRO C 145 35.19 9.37 -53.05
CA PRO C 145 35.15 10.77 -53.48
C PRO C 145 35.25 11.82 -52.38
N TYR C 146 35.52 11.40 -51.14
CA TYR C 146 35.47 12.31 -50.01
C TYR C 146 36.82 12.97 -49.79
N LYS C 147 36.80 14.31 -49.67
CA LYS C 147 38.00 15.11 -49.45
C LYS C 147 37.76 16.08 -48.29
N ILE C 148 38.83 16.38 -47.56
CA ILE C 148 38.79 17.27 -46.39
C ILE C 148 39.79 18.40 -46.60
N ILE C 149 39.30 19.63 -46.58
CA ILE C 149 40.14 20.81 -46.73
C ILE C 149 40.45 21.38 -45.34
N LEU C 150 41.72 21.30 -44.94
CA LEU C 150 42.21 21.91 -43.71
C LEU C 150 42.74 23.31 -44.01
N THR C 151 42.06 24.33 -43.50
CA THR C 151 42.54 25.71 -43.56
C THR C 151 43.38 26.02 -42.33
N ALA C 152 44.50 26.73 -42.53
CA ALA C 152 45.43 26.99 -41.43
C ALA C 152 45.06 28.23 -40.62
N GLN C 153 44.73 29.33 -41.28
CA GLN C 153 44.40 30.57 -40.59
C GLN C 153 43.23 31.27 -41.29
N PRO C 154 42.07 31.42 -40.64
CA PRO C 154 41.74 30.81 -39.35
C PRO C 154 41.49 29.30 -39.49
N PHE C 155 41.67 28.55 -38.39
CA PHE C 155 41.49 27.10 -38.44
C PHE C 155 40.08 26.73 -38.88
N ARG C 156 39.99 25.80 -39.83
CA ARG C 156 38.73 25.40 -40.42
C ARG C 156 38.93 24.07 -41.12
N LEU C 157 37.88 23.25 -41.12
CA LEU C 157 37.84 22.01 -41.87
C LEU C 157 36.58 22.00 -42.71
N ASP C 158 36.71 21.61 -43.97
CA ASP C 158 35.58 21.46 -44.87
C ASP C 158 35.57 20.03 -45.37
N LEU C 159 34.38 19.45 -45.52
CA LEU C 159 34.23 18.09 -46.01
C LEU C 159 33.38 18.09 -47.27
N LEU C 160 33.88 17.46 -48.31
CA LEU C 160 33.22 17.47 -49.60
C LEU C 160 33.15 16.05 -50.16
N GLU C 161 32.12 15.80 -50.94
CA GLU C 161 32.09 14.66 -51.85
C GLU C 161 32.32 15.22 -53.25
N ASP C 162 33.53 14.97 -53.79
CA ASP C 162 34.02 15.61 -55.01
C ASP C 162 33.97 17.12 -54.83
N ARG C 163 33.04 17.83 -55.48
CA ARG C 163 32.98 19.29 -55.35
C ARG C 163 31.74 19.80 -54.62
N SER C 164 30.93 18.93 -54.02
CA SER C 164 29.83 19.36 -53.18
C SER C 164 30.30 19.45 -51.73
N LEU C 165 30.24 20.64 -51.15
CA LEU C 165 30.59 20.83 -49.74
C LEU C 165 29.46 20.28 -48.86
N LEU C 166 29.78 19.31 -48.02
CA LEU C 166 28.79 18.70 -47.14
C LEU C 166 28.69 19.41 -45.80
N LEU C 167 29.82 19.80 -45.22
CA LEU C 167 29.89 20.23 -43.84
C LEU C 167 31.23 20.89 -43.61
N SER C 168 31.23 21.97 -42.82
CA SER C 168 32.45 22.64 -42.41
C SER C 168 32.48 22.79 -40.91
N VAL C 169 33.70 22.80 -40.36
CA VAL C 169 33.94 22.88 -38.93
C VAL C 169 34.61 24.22 -38.63
N ASN C 170 34.07 24.94 -37.65
CA ASN C 170 34.60 26.22 -37.18
C ASN C 170 34.38 27.33 -38.18
N ALA C 171 33.38 27.18 -39.06
CA ALA C 171 33.09 28.20 -40.06
C ALA C 171 32.61 29.50 -39.42
N ARG C 172 32.02 29.44 -38.22
CA ARG C 172 31.63 30.64 -37.51
C ARG C 172 32.61 31.00 -36.40
N GLY C 173 33.74 30.30 -36.33
CA GLY C 173 34.83 30.63 -35.41
C GLY C 173 34.49 30.49 -33.95
N LEU C 174 33.54 29.62 -33.60
CA LEU C 174 33.07 29.47 -32.23
C LEU C 174 33.86 28.45 -31.43
N MET C 175 34.93 27.90 -31.99
CA MET C 175 35.73 26.91 -31.26
C MET C 175 36.35 27.51 -30.01
N ALA C 176 36.19 26.82 -28.88
CA ALA C 176 36.74 27.28 -27.61
C ALA C 176 37.22 26.07 -26.82
N PHE C 177 38.46 26.11 -26.35
CA PHE C 177 39.07 24.99 -25.62
C PHE C 177 39.81 25.57 -24.41
N GLU C 178 39.14 25.58 -23.27
CA GLU C 178 39.72 26.11 -22.02
C GLU C 178 40.75 25.12 -21.50
N HIS C 179 42.01 25.52 -21.50
CA HIS C 179 43.08 24.66 -21.02
C HIS C 179 43.07 24.57 -19.49
N GLN C 180 43.65 23.49 -18.99
CA GLN C 180 43.74 23.26 -17.56
C GLN C 180 44.77 24.21 -16.95
N ARG C 181 44.32 25.15 -16.12
CA ARG C 181 45.18 26.14 -15.48
C ARG C 181 45.71 25.60 -14.16
N ALA C 182 46.62 26.38 -13.54
CA ALA C 182 47.27 25.97 -12.29
C ALA C 182 46.22 25.82 -11.20
N PRO C 183 46.02 24.60 -10.68
CA PRO C 183 44.87 24.34 -9.80
C PRO C 183 44.92 25.15 -8.50
N ARG C 184 43.78 25.18 -7.82
CA ARG C 184 43.64 25.90 -6.56
C ARG C 184 42.94 25.02 -5.52
N GLU C 243 35.27 35.38 -15.37
CA GLU C 243 35.81 35.33 -14.02
C GLU C 243 34.84 34.77 -12.96
N PRO C 244 33.61 35.30 -12.87
CA PRO C 244 32.69 34.80 -11.83
C PRO C 244 32.27 33.37 -12.10
N GLY C 245 32.41 32.51 -11.09
CA GLY C 245 32.05 31.11 -11.23
C GLY C 245 32.96 30.28 -12.10
N ALA C 246 34.11 30.83 -12.51
CA ALA C 246 35.06 30.04 -13.28
C ALA C 246 35.72 28.97 -12.43
N TRP C 247 35.92 29.25 -11.13
CA TRP C 247 36.42 28.25 -10.21
C TRP C 247 35.30 27.86 -9.26
N GLU C 248 35.45 28.08 -7.95
CA GLU C 248 34.36 27.77 -7.02
C GLU C 248 33.09 28.49 -7.44
N GLU C 249 32.00 27.74 -7.44
CA GLU C 249 30.73 28.21 -7.97
C GLU C 249 29.61 27.61 -7.13
N THR C 250 28.61 28.42 -6.81
CA THR C 250 27.48 27.97 -6.04
C THR C 250 26.18 28.17 -6.80
N PHE C 251 25.28 27.20 -6.67
CA PHE C 251 23.92 27.32 -7.17
C PHE C 251 22.98 26.92 -6.06
N LYS C 252 22.02 27.79 -5.73
CA LYS C 252 21.16 27.64 -4.55
C LYS C 252 22.07 27.49 -3.33
N THR C 253 22.06 26.35 -2.64
CA THR C 253 22.85 26.15 -1.43
C THR C 253 24.02 25.21 -1.66
N HIS C 254 24.24 24.78 -2.91
CA HIS C 254 25.26 23.79 -3.21
C HIS C 254 26.49 24.49 -3.78
N SER C 255 27.66 24.11 -3.27
CA SER C 255 28.92 24.71 -3.65
C SER C 255 29.74 23.70 -4.45
N ASP C 256 30.03 24.05 -5.70
CA ASP C 256 30.96 23.28 -6.53
C ASP C 256 32.37 23.79 -6.24
N SER C 257 33.20 22.97 -5.59
CA SER C 257 34.54 23.41 -5.24
C SER C 257 35.41 23.57 -6.48
N LYS C 258 35.09 22.86 -7.57
CA LYS C 258 35.70 23.06 -8.88
C LYS C 258 37.23 23.05 -8.85
N PRO C 259 37.85 21.95 -8.42
CA PRO C 259 39.30 21.95 -8.24
C PRO C 259 40.11 22.13 -9.52
N TYR C 260 39.51 22.04 -10.70
CA TYR C 260 40.25 22.18 -11.96
C TYR C 260 39.91 23.46 -12.71
N GLY C 261 38.99 24.27 -12.22
CA GLY C 261 38.68 25.52 -12.86
C GLY C 261 38.05 25.30 -14.23
N PRO C 262 38.06 26.33 -15.07
CA PRO C 262 37.43 26.22 -16.39
C PRO C 262 38.16 25.21 -17.26
N THR C 263 37.38 24.29 -17.86
CA THR C 263 37.91 23.22 -18.70
C THR C 263 37.03 22.93 -19.90
N SER C 264 36.10 23.81 -20.25
CA SER C 264 35.08 23.44 -21.23
C SER C 264 35.65 23.46 -22.65
N VAL C 265 35.02 22.67 -23.51
CA VAL C 265 35.40 22.54 -24.92
C VAL C 265 34.16 22.76 -25.75
N GLY C 266 34.36 23.31 -26.94
CA GLY C 266 33.24 23.67 -27.81
C GLY C 266 33.67 23.77 -29.25
N LEU C 267 32.70 23.64 -30.14
CA LEU C 267 32.99 23.60 -31.57
C LEU C 267 31.69 23.73 -32.35
N ASP C 268 31.76 24.42 -33.49
CA ASP C 268 30.57 24.63 -34.30
C ASP C 268 30.72 23.91 -35.63
N PHE C 269 29.57 23.71 -36.28
CA PHE C 269 29.49 22.92 -37.50
C PHE C 269 28.43 23.56 -38.38
N SER C 270 28.73 23.65 -39.67
CA SER C 270 27.83 24.30 -40.62
C SER C 270 27.32 23.27 -41.62
N LEU C 271 25.99 23.25 -41.79
CA LEU C 271 25.32 22.25 -42.61
C LEU C 271 24.66 22.97 -43.77
N PRO C 272 25.38 23.19 -44.86
CA PRO C 272 24.77 23.84 -46.02
C PRO C 272 23.74 22.91 -46.65
N GLY C 273 22.56 23.45 -46.93
CA GLY C 273 21.47 22.70 -47.50
C GLY C 273 20.49 22.13 -46.50
N MET C 274 20.89 22.04 -45.23
CA MET C 274 20.04 21.44 -44.19
C MET C 274 19.21 22.51 -43.50
N GLU C 275 17.91 22.29 -43.41
CA GLU C 275 17.04 23.14 -42.61
C GLU C 275 16.28 22.37 -41.55
N HIS C 276 16.43 21.05 -41.49
CA HIS C 276 15.76 20.19 -40.51
C HIS C 276 16.79 19.32 -39.81
N VAL C 277 16.90 19.46 -38.49
CA VAL C 277 17.76 18.60 -37.69
C VAL C 277 16.93 17.94 -36.58
N TYR C 278 17.41 16.78 -36.13
CA TYR C 278 16.69 15.92 -35.20
C TYR C 278 17.67 15.26 -34.26
N GLY C 279 17.13 14.71 -33.16
CA GLY C 279 17.91 13.91 -32.23
C GLY C 279 18.15 14.57 -30.89
N ILE C 280 19.37 14.44 -30.40
CA ILE C 280 19.83 14.81 -29.05
C ILE C 280 18.73 14.66 -28.00
N PRO C 281 18.17 13.46 -27.81
CA PRO C 281 17.26 13.25 -26.68
C PRO C 281 18.03 13.33 -25.36
N GLU C 282 17.32 13.60 -24.27
CA GLU C 282 15.86 13.54 -24.19
C GLU C 282 15.25 14.88 -23.79
N HIS C 283 14.22 15.29 -24.52
CA HIS C 283 13.55 16.54 -24.27
C HIS C 283 12.07 16.35 -24.55
N ALA C 284 11.21 16.99 -23.76
CA ALA C 284 9.78 16.97 -24.05
C ALA C 284 9.52 18.04 -25.12
N ASP C 285 9.91 17.71 -26.35
CA ASP C 285 9.91 18.70 -27.42
C ASP C 285 9.60 18.01 -28.74
N SER C 286 9.42 18.83 -29.77
CA SER C 286 9.01 18.31 -31.05
C SER C 286 10.13 17.51 -31.71
N LEU C 287 9.72 16.62 -32.62
CA LEU C 287 10.68 15.79 -33.34
C LEU C 287 11.70 16.65 -34.06
N ARG C 288 11.24 17.57 -34.90
CA ARG C 288 12.13 18.53 -35.56
C ARG C 288 12.60 19.58 -34.56
N LEU C 289 13.90 19.64 -34.34
CA LEU C 289 14.45 20.52 -33.32
C LEU C 289 14.29 21.98 -33.72
N LYS C 290 14.08 22.84 -32.73
CA LYS C 290 13.89 24.27 -32.94
C LYS C 290 15.22 25.02 -32.88
N VAL C 291 15.22 26.23 -33.47
CA VAL C 291 16.35 27.13 -33.31
C VAL C 291 16.44 27.59 -31.85
N THR C 292 17.66 27.80 -31.40
CA THR C 292 17.91 28.18 -30.02
C THR C 292 18.30 29.64 -29.87
N GLU C 293 18.27 30.42 -30.96
CA GLU C 293 18.87 31.76 -30.97
C GLU C 293 18.27 32.67 -29.90
N GLY C 294 16.96 32.83 -29.91
CA GLY C 294 16.33 33.71 -28.93
C GLY C 294 16.02 33.09 -27.59
N GLY C 295 16.59 31.92 -27.28
CA GLY C 295 16.27 31.21 -26.04
C GLY C 295 17.42 30.35 -25.55
N GLU C 296 17.06 29.25 -24.87
CA GLU C 296 18.03 28.35 -24.27
C GLU C 296 18.60 27.37 -25.29
N PRO C 297 19.85 26.94 -25.11
CA PRO C 297 20.33 25.78 -25.88
C PRO C 297 19.67 24.51 -25.36
N TYR C 298 19.63 23.49 -26.22
CA TYR C 298 19.21 22.18 -25.76
C TYR C 298 20.27 21.65 -24.82
N ARG C 299 19.83 21.12 -23.66
CA ARG C 299 20.74 20.66 -22.62
C ARG C 299 20.73 19.14 -22.58
N LEU C 300 21.93 18.57 -22.42
CA LEU C 300 22.11 17.12 -22.32
C LEU C 300 22.80 16.89 -20.99
N TYR C 301 21.99 16.62 -19.96
CA TYR C 301 22.50 16.39 -18.61
C TYR C 301 21.42 15.61 -17.87
N ASN C 302 21.70 14.34 -17.61
CA ASN C 302 20.70 13.44 -17.04
C ASN C 302 20.19 13.95 -15.70
N LEU C 303 18.93 14.39 -15.68
CA LEU C 303 18.33 15.02 -14.53
C LEU C 303 16.92 14.50 -14.32
N ASP C 304 16.52 14.49 -13.05
CA ASP C 304 15.21 14.05 -12.61
C ASP C 304 14.35 15.29 -12.43
N VAL C 305 13.48 15.54 -13.40
CA VAL C 305 12.69 16.76 -13.46
C VAL C 305 11.26 16.42 -13.03
N PHE C 306 10.85 16.91 -11.85
CA PHE C 306 9.57 16.54 -11.28
C PHE C 306 8.43 17.23 -12.03
N GLN C 307 7.45 16.43 -12.48
CA GLN C 307 6.29 16.90 -13.25
C GLN C 307 6.72 17.80 -14.42
N TYR C 308 7.60 17.25 -15.26
CA TYR C 308 8.14 18.02 -16.36
C TYR C 308 7.04 18.43 -17.33
N GLU C 309 7.26 19.56 -17.98
CA GLU C 309 6.29 20.18 -18.88
C GLU C 309 6.73 20.02 -20.33
N LEU C 310 5.83 20.37 -21.24
CA LEU C 310 6.00 20.12 -22.65
C LEU C 310 6.53 21.33 -23.41
N ASN C 311 7.25 21.04 -24.49
CA ASN C 311 7.74 22.03 -25.46
C ASN C 311 8.73 23.03 -24.84
N ASN C 312 9.81 22.48 -24.28
CA ASN C 312 10.89 23.29 -23.75
C ASN C 312 12.17 22.47 -23.81
N PRO C 313 13.32 23.11 -23.76
CA PRO C 313 14.58 22.37 -23.95
C PRO C 313 15.26 21.94 -22.66
N MET C 314 14.54 21.89 -21.54
CA MET C 314 15.17 21.44 -20.31
C MET C 314 15.65 20.01 -20.46
N ALA C 315 16.78 19.71 -19.82
CA ALA C 315 17.34 18.37 -19.83
C ALA C 315 16.46 17.40 -19.03
N LEU C 316 16.15 16.24 -19.61
CA LEU C 316 15.44 15.20 -18.89
C LEU C 316 16.42 14.07 -18.54
N TYR C 317 15.91 12.82 -18.49
CA TYR C 317 16.57 11.74 -17.78
C TYR C 317 17.75 11.17 -18.54
N GLY C 318 17.75 11.24 -19.88
CA GLY C 318 18.79 10.64 -20.68
C GLY C 318 19.39 11.65 -21.65
N SER C 319 20.55 11.29 -22.19
CA SER C 319 21.32 12.14 -23.09
C SER C 319 21.98 11.28 -24.16
N VAL C 320 21.64 11.49 -25.42
CA VAL C 320 22.32 10.86 -26.55
C VAL C 320 22.85 11.96 -27.46
N PRO C 321 24.16 12.24 -27.41
CA PRO C 321 24.74 13.35 -28.20
C PRO C 321 24.89 12.99 -29.67
N VAL C 322 23.75 12.79 -30.32
CA VAL C 322 23.69 12.43 -31.73
C VAL C 322 22.65 13.32 -32.39
N LEU C 323 23.05 14.00 -33.46
CA LEU C 323 22.19 14.93 -34.18
C LEU C 323 22.14 14.50 -35.64
N LEU C 324 20.94 14.44 -36.22
CA LEU C 324 20.77 14.04 -37.60
C LEU C 324 20.27 15.21 -38.41
N ALA C 325 20.80 15.38 -39.62
CA ALA C 325 20.37 16.43 -40.53
C ALA C 325 19.85 15.79 -41.81
N HIS C 326 18.63 16.16 -42.19
CA HIS C 326 17.96 15.61 -43.36
C HIS C 326 17.58 16.72 -44.35
N SER C 327 17.79 16.45 -45.63
CA SER C 327 17.23 17.27 -46.70
C SER C 327 16.75 16.37 -47.82
N PHE C 328 16.11 16.98 -48.83
CA PHE C 328 15.76 16.27 -50.05
C PHE C 328 16.96 15.54 -50.64
N HIS C 329 18.17 16.09 -50.47
CA HIS C 329 19.35 15.62 -51.17
C HIS C 329 20.23 14.67 -50.36
N ARG C 330 20.32 14.83 -49.04
CA ARG C 330 21.29 14.04 -48.30
C ARG C 330 20.89 13.93 -46.84
N ASP C 331 21.54 12.99 -46.16
CA ASP C 331 21.41 12.80 -44.71
C ASP C 331 22.80 12.76 -44.10
N LEU C 332 22.94 13.44 -42.96
CA LEU C 332 24.20 13.48 -42.22
C LEU C 332 23.91 13.27 -40.74
N GLY C 333 24.94 12.87 -40.01
CA GLY C 333 24.84 12.72 -38.57
C GLY C 333 26.11 13.17 -37.90
N ILE C 334 25.94 13.74 -36.70
CA ILE C 334 27.04 14.19 -35.86
C ILE C 334 26.95 13.49 -34.52
N PHE C 335 28.04 12.87 -34.09
CA PHE C 335 28.13 12.10 -32.85
C PHE C 335 29.21 12.74 -32.00
N TRP C 336 28.80 13.48 -30.99
CA TRP C 336 29.71 14.23 -30.11
C TRP C 336 29.99 13.37 -28.89
N LEU C 337 31.09 12.62 -28.93
CA LEU C 337 31.37 11.63 -27.89
C LEU C 337 31.94 12.32 -26.65
N ASN C 338 31.03 12.90 -25.86
CA ASN C 338 31.39 13.56 -24.62
C ASN C 338 30.37 13.17 -23.55
N ALA C 339 30.86 12.88 -22.34
CA ALA C 339 30.01 12.43 -21.24
C ALA C 339 29.67 13.53 -20.24
N ALA C 340 30.23 14.72 -20.39
CA ALA C 340 30.00 15.81 -19.45
C ALA C 340 28.75 16.60 -19.86
N GLU C 341 28.35 17.53 -18.99
CA GLU C 341 27.24 18.41 -19.31
C GLU C 341 27.49 19.11 -20.64
N THR C 342 26.51 19.05 -21.53
CA THR C 342 26.66 19.52 -22.89
C THR C 342 25.45 20.35 -23.27
N TRP C 343 25.69 21.52 -23.83
CA TRP C 343 24.65 22.36 -24.40
C TRP C 343 24.80 22.38 -25.91
N VAL C 344 23.68 22.42 -26.61
CA VAL C 344 23.65 22.35 -28.06
C VAL C 344 22.85 23.53 -28.56
N ASP C 345 23.49 24.40 -29.35
CA ASP C 345 22.82 25.52 -29.98
C ASP C 345 22.55 25.22 -31.45
N ILE C 346 21.40 25.67 -31.93
CA ILE C 346 20.96 25.42 -33.30
C ILE C 346 20.52 26.76 -33.90
N SER C 347 21.11 27.14 -35.03
CA SER C 347 20.80 28.41 -35.68
C SER C 347 20.62 28.21 -37.18
N SER C 348 19.67 28.94 -37.74
CA SER C 348 19.32 28.87 -39.16
C SER C 348 19.82 30.11 -39.90
N ASN C 349 20.02 29.93 -41.21
CA ASN C 349 20.45 31.04 -42.07
C ASN C 349 19.54 31.15 -43.29
N THR C 369 21.49 28.23 -50.62
CA THR C 369 21.57 29.20 -49.52
C THR C 369 21.06 28.73 -48.14
N PRO C 370 20.00 27.92 -48.07
CA PRO C 370 19.54 27.43 -46.76
C PRO C 370 20.62 26.65 -46.01
N GLN C 371 20.79 26.97 -44.73
CA GLN C 371 21.85 26.37 -43.94
C GLN C 371 21.47 26.37 -42.46
N THR C 372 21.89 25.33 -41.74
CA THR C 372 21.74 25.23 -40.29
C THR C 372 23.12 25.09 -39.65
N ASP C 373 23.36 25.85 -38.58
CA ASP C 373 24.59 25.75 -37.81
C ASP C 373 24.33 25.07 -36.47
N ILE C 374 25.27 24.24 -36.03
CA ILE C 374 25.16 23.46 -34.81
C ILE C 374 26.40 23.69 -33.97
N ARG C 375 26.22 23.98 -32.68
CA ARG C 375 27.34 24.24 -31.77
C ARG C 375 27.20 23.38 -30.53
N TRP C 376 28.25 22.60 -30.23
CA TRP C 376 28.33 21.74 -29.05
C TRP C 376 29.22 22.39 -28.01
N MET C 377 28.79 22.34 -26.75
CA MET C 377 29.51 22.95 -25.64
C MET C 377 29.48 22.00 -24.45
N SER C 378 30.64 21.50 -24.03
CA SER C 378 30.74 20.50 -22.98
C SER C 378 31.69 20.98 -21.89
N GLU C 379 31.44 20.50 -20.66
CA GLU C 379 32.14 21.03 -19.48
C GLU C 379 33.57 20.53 -19.34
N SER C 380 33.87 19.30 -19.77
CA SER C 380 35.23 18.78 -19.66
C SER C 380 35.43 17.70 -20.72
N GLY C 381 36.48 16.90 -20.56
CA GLY C 381 36.82 15.95 -21.58
C GLY C 381 37.46 16.63 -22.78
N ILE C 382 37.66 15.83 -23.82
CA ILE C 382 38.26 16.29 -25.07
C ILE C 382 37.16 16.60 -26.08
N ILE C 383 37.54 17.22 -27.19
CA ILE C 383 36.66 17.25 -28.37
C ILE C 383 36.84 15.95 -29.13
N ASP C 384 35.74 15.23 -29.33
CA ASP C 384 35.76 13.92 -29.98
C ASP C 384 34.42 13.79 -30.69
N VAL C 385 34.42 14.00 -32.00
CA VAL C 385 33.19 14.08 -32.76
C VAL C 385 33.31 13.18 -33.98
N PHE C 386 32.21 12.52 -34.33
CA PHE C 386 32.14 11.67 -35.50
C PHE C 386 31.19 12.28 -36.51
N LEU C 387 31.67 12.44 -37.73
CA LEU C 387 30.86 12.97 -38.81
C LEU C 387 30.46 11.81 -39.70
N MET C 388 29.16 11.57 -39.80
CA MET C 388 28.63 10.38 -40.45
C MET C 388 27.93 10.86 -41.72
N LEU C 389 28.55 10.57 -42.87
CA LEU C 389 28.29 11.32 -44.10
C LEU C 389 27.18 10.73 -44.95
N GLY C 390 26.52 9.67 -44.50
CA GLY C 390 25.43 9.08 -45.26
C GLY C 390 25.93 8.38 -46.49
N PRO C 391 25.33 8.66 -47.65
CA PRO C 391 24.34 9.72 -47.94
C PRO C 391 22.88 9.48 -47.55
N SER C 392 22.44 8.23 -47.44
CA SER C 392 21.04 8.03 -47.05
C SER C 392 20.93 7.95 -45.52
N VAL C 393 19.70 8.11 -45.04
CA VAL C 393 19.48 8.03 -43.60
C VAL C 393 19.81 6.64 -43.06
N PHE C 394 19.61 5.61 -43.90
CA PHE C 394 19.97 4.26 -43.49
C PHE C 394 21.48 4.06 -43.49
N ASP C 395 22.21 4.80 -44.32
CA ASP C 395 23.67 4.79 -44.21
C ASP C 395 24.10 5.37 -42.86
N VAL C 396 23.43 6.43 -42.40
CA VAL C 396 23.76 7.02 -41.11
C VAL C 396 23.54 6.00 -40.00
N PHE C 397 22.38 5.33 -40.02
CA PHE C 397 22.12 4.26 -39.06
C PHE C 397 23.26 3.25 -39.05
N ARG C 398 23.62 2.73 -40.23
CA ARG C 398 24.71 1.75 -40.32
C ARG C 398 26.00 2.33 -39.77
N GLN C 399 26.30 3.58 -40.11
CA GLN C 399 27.53 4.21 -39.64
C GLN C 399 27.54 4.30 -38.11
N TYR C 400 26.45 4.80 -37.52
CA TYR C 400 26.37 4.95 -36.07
C TYR C 400 26.36 3.60 -35.37
N ALA C 401 25.60 2.63 -35.90
CA ALA C 401 25.58 1.29 -35.32
C ALA C 401 26.95 0.66 -35.31
N SER C 402 27.75 0.89 -36.37
CA SER C 402 29.10 0.33 -36.38
C SER C 402 29.94 0.91 -35.25
N LEU C 403 29.60 2.12 -34.78
CA LEU C 403 30.32 2.77 -33.68
C LEU C 403 29.81 2.31 -32.29
N THR C 404 28.50 2.41 -32.03
CA THR C 404 27.99 2.20 -30.67
C THR C 404 27.13 0.95 -30.53
N GLY C 405 27.01 0.13 -31.57
CA GLY C 405 26.28 -1.11 -31.46
C GLY C 405 24.82 -0.95 -31.82
N THR C 406 24.10 -2.05 -31.70
CA THR C 406 22.71 -2.13 -32.09
C THR C 406 21.84 -2.48 -30.89
N GLN C 407 20.53 -2.42 -31.13
CA GLN C 407 19.53 -2.78 -30.15
C GLN C 407 19.64 -4.25 -29.75
N ALA C 408 19.71 -4.50 -28.44
CA ALA C 408 19.69 -5.87 -27.93
C ALA C 408 18.37 -6.55 -28.29
N LEU C 409 18.46 -7.78 -28.76
CA LEU C 409 17.25 -8.51 -29.12
C LEU C 409 16.38 -8.74 -27.88
N PRO C 410 15.21 -8.12 -27.79
CA PRO C 410 14.38 -8.30 -26.60
C PRO C 410 13.85 -9.71 -26.56
N PRO C 411 13.77 -10.31 -25.36
CA PRO C 411 13.00 -11.55 -25.23
C PRO C 411 11.56 -11.29 -25.62
N LEU C 412 10.93 -12.29 -26.23
CA LEU C 412 9.61 -12.07 -26.82
C LEU C 412 8.62 -11.48 -25.80
N PHE C 413 8.63 -11.99 -24.56
CA PHE C 413 7.64 -11.56 -23.56
C PHE C 413 7.70 -10.06 -23.33
N SER C 414 8.90 -9.48 -23.38
CA SER C 414 9.00 -8.04 -23.11
C SER C 414 8.40 -7.19 -24.21
N LEU C 415 7.99 -7.78 -25.33
CA LEU C 415 7.24 -7.06 -26.36
C LEU C 415 5.74 -7.19 -26.17
N GLY C 416 5.28 -7.93 -25.17
CA GLY C 416 3.87 -7.94 -24.83
C GLY C 416 3.50 -6.73 -23.99
N TYR C 417 2.37 -6.86 -23.29
CA TYR C 417 1.84 -5.79 -22.46
C TYR C 417 2.31 -5.95 -21.02
N HIS C 418 2.76 -4.85 -20.42
CA HIS C 418 3.24 -4.82 -19.05
C HIS C 418 2.23 -4.08 -18.16
N GLN C 419 1.86 -4.68 -17.03
CA GLN C 419 0.93 -4.05 -16.08
C GLN C 419 1.71 -3.64 -14.84
N SER C 420 1.71 -2.35 -14.55
CA SER C 420 2.52 -1.79 -13.48
C SER C 420 1.75 -0.68 -12.77
N ARG C 421 2.18 -0.42 -11.54
CA ARG C 421 1.83 0.80 -10.83
C ARG C 421 2.72 0.89 -9.61
N TRP C 422 2.73 2.06 -9.03
CA TRP C 422 3.26 2.30 -7.70
C TRP C 422 2.01 2.35 -6.83
N ASN C 423 1.71 1.27 -6.08
CA ASN C 423 2.41 -0.01 -6.01
C ASN C 423 1.36 -1.13 -5.82
N TYR C 424 1.67 -2.37 -6.20
CA TYR C 424 0.81 -3.48 -5.79
C TYR C 424 1.15 -3.87 -4.36
N ARG C 425 0.11 -4.09 -3.54
CA ARG C 425 0.26 -4.14 -2.08
C ARG C 425 1.15 -5.29 -1.63
N ASP C 426 0.88 -6.49 -2.14
CA ASP C 426 1.39 -7.71 -1.56
C ASP C 426 1.22 -8.84 -2.59
N GLU C 427 1.67 -10.04 -2.22
CA GLU C 427 1.54 -11.20 -3.10
C GLU C 427 0.09 -11.45 -3.51
N ALA C 428 -0.87 -11.32 -2.57
CA ALA C 428 -2.27 -11.52 -2.95
C ALA C 428 -2.71 -10.53 -4.03
N ASP C 429 -2.27 -9.28 -3.92
CA ASP C 429 -2.65 -8.28 -4.91
C ASP C 429 -2.09 -8.65 -6.29
N VAL C 430 -0.80 -9.02 -6.35
CA VAL C 430 -0.20 -9.47 -7.60
C VAL C 430 -1.00 -10.63 -8.20
N LEU C 431 -1.40 -11.60 -7.37
CA LEU C 431 -2.14 -12.73 -7.89
C LEU C 431 -3.56 -12.36 -8.29
N GLU C 432 -4.18 -11.39 -7.60
CA GLU C 432 -5.50 -10.93 -8.04
C GLU C 432 -5.40 -10.22 -9.37
N VAL C 433 -4.36 -9.39 -9.56
CA VAL C 433 -4.16 -8.74 -10.84
C VAL C 433 -3.99 -9.79 -11.93
N ASP C 434 -3.16 -10.80 -11.68
CA ASP C 434 -2.97 -11.88 -12.65
C ASP C 434 -4.30 -12.54 -13.02
N GLN C 435 -5.13 -12.84 -12.01
CA GLN C 435 -6.39 -13.51 -12.28
C GLN C 435 -7.39 -12.60 -12.98
N GLY C 436 -7.34 -11.30 -12.70
CA GLY C 436 -8.25 -10.37 -13.32
C GLY C 436 -8.07 -10.31 -14.83
N PHE C 437 -6.82 -10.39 -15.29
CA PHE C 437 -6.58 -10.44 -16.72
C PHE C 437 -7.28 -11.65 -17.34
N ASP C 438 -7.12 -12.83 -16.74
CA ASP C 438 -7.72 -14.02 -17.32
C ASP C 438 -9.24 -13.98 -17.21
N ASP C 439 -9.77 -13.55 -16.06
CA ASP C 439 -11.22 -13.47 -15.87
C ASP C 439 -11.86 -12.44 -16.79
N HIS C 440 -11.08 -11.52 -17.36
CA HIS C 440 -11.63 -10.49 -18.22
C HIS C 440 -11.10 -10.59 -19.64
N ASN C 441 -10.45 -11.71 -19.96
CA ASN C 441 -9.99 -12.04 -21.31
C ASN C 441 -9.15 -10.90 -21.90
N MET C 442 -8.09 -10.55 -21.19
CA MET C 442 -7.15 -9.54 -21.64
C MET C 442 -5.76 -10.15 -21.53
N PRO C 443 -4.93 -10.09 -22.56
CA PRO C 443 -3.59 -10.66 -22.47
C PRO C 443 -2.66 -9.73 -21.69
N CYS C 444 -1.66 -10.33 -21.05
CA CYS C 444 -0.65 -9.61 -20.29
C CYS C 444 0.53 -10.53 -20.02
N ASP C 445 1.76 -10.04 -20.21
CA ASP C 445 2.94 -10.87 -20.04
C ASP C 445 3.66 -10.64 -18.72
N VAL C 446 3.68 -9.41 -18.21
CA VAL C 446 4.49 -9.04 -17.06
C VAL C 446 3.69 -8.18 -16.09
N ILE C 447 3.80 -8.49 -14.80
CA ILE C 447 3.31 -7.66 -13.72
C ILE C 447 4.53 -7.11 -12.99
N TRP C 448 4.47 -5.85 -12.58
CA TRP C 448 5.64 -5.14 -12.06
C TRP C 448 5.50 -4.80 -10.58
N LEU C 449 6.63 -4.84 -9.87
CA LEU C 449 6.71 -4.52 -8.44
C LEU C 449 7.58 -3.29 -8.27
N ASP C 450 6.97 -2.18 -7.86
CA ASP C 450 7.67 -0.93 -7.65
C ASP C 450 8.32 -0.96 -6.25
N ILE C 451 8.78 0.20 -5.78
CA ILE C 451 9.69 0.23 -4.62
C ILE C 451 9.06 -0.29 -3.33
N GLU C 452 7.72 -0.30 -3.22
CA GLU C 452 7.13 -0.75 -1.96
C GLU C 452 7.22 -2.25 -1.76
N HIS C 453 7.70 -3.00 -2.75
CA HIS C 453 7.81 -4.44 -2.57
C HIS C 453 9.02 -4.82 -1.74
N ALA C 454 9.99 -3.92 -1.59
CA ALA C 454 11.19 -4.22 -0.84
C ALA C 454 11.02 -3.86 0.63
N ASP C 455 12.03 -4.19 1.43
CA ASP C 455 12.04 -3.91 2.86
C ASP C 455 12.54 -2.49 3.08
N GLY C 456 11.62 -1.53 3.12
CA GLY C 456 11.94 -0.14 3.38
C GLY C 456 12.88 0.45 2.36
N LYS C 457 12.70 0.09 1.08
CA LYS C 457 13.50 0.56 -0.05
C LYS C 457 14.96 0.12 0.07
N ARG C 458 15.20 -1.04 0.70
CA ARG C 458 16.49 -1.74 0.60
C ARG C 458 16.38 -2.70 -0.58
N TYR C 459 17.01 -2.34 -1.71
CA TYR C 459 16.86 -3.12 -2.92
C TYR C 459 17.53 -4.48 -2.74
N PHE C 460 17.09 -5.44 -3.55
CA PHE C 460 17.39 -6.87 -3.44
C PHE C 460 16.73 -7.50 -2.21
N THR C 461 15.77 -6.84 -1.57
CA THR C 461 15.08 -7.46 -0.44
C THR C 461 13.57 -7.49 -0.67
N TRP C 462 12.89 -8.19 0.24
CA TRP C 462 11.45 -8.35 0.18
C TRP C 462 10.84 -7.94 1.52
N ASP C 463 9.78 -7.16 1.46
CA ASP C 463 9.09 -6.80 2.67
C ASP C 463 8.63 -8.07 3.35
N PRO C 464 9.03 -8.32 4.60
CA PRO C 464 8.77 -9.64 5.19
C PRO C 464 7.32 -9.91 5.50
N THR C 465 6.46 -8.88 5.49
CA THR C 465 5.03 -9.08 5.71
C THR C 465 4.25 -9.19 4.42
N ARG C 466 4.45 -8.26 3.49
CA ARG C 466 3.62 -8.24 2.29
C ARG C 466 4.17 -9.11 1.17
N PHE C 467 5.46 -9.43 1.20
CA PHE C 467 6.08 -10.34 0.23
C PHE C 467 6.94 -11.36 0.94
N PRO C 468 6.32 -12.22 1.78
CA PRO C 468 7.12 -13.15 2.56
C PRO C 468 7.64 -14.34 1.78
N GLN C 469 6.99 -14.70 0.66
CA GLN C 469 7.37 -15.88 -0.12
C GLN C 469 7.45 -15.52 -1.60
N PRO C 470 8.49 -14.79 -2.01
CA PRO C 470 8.55 -14.38 -3.42
C PRO C 470 8.66 -15.56 -4.38
N LEU C 471 9.36 -16.62 -4.02
CA LEU C 471 9.46 -17.78 -4.91
C LEU C 471 8.10 -18.37 -5.23
N ASN C 472 7.22 -18.48 -4.23
CA ASN C 472 5.88 -19.02 -4.47
C ASN C 472 5.08 -18.10 -5.38
N MET C 473 5.17 -16.79 -5.16
CA MET C 473 4.53 -15.87 -6.08
C MET C 473 5.07 -16.04 -7.49
N LEU C 474 6.41 -16.13 -7.61
CA LEU C 474 7.01 -16.28 -8.93
C LEU C 474 6.60 -17.60 -9.59
N GLU C 475 6.45 -18.67 -8.81
CA GLU C 475 6.04 -19.95 -9.39
C GLU C 475 4.57 -19.94 -9.80
N HIS C 476 3.71 -19.24 -9.06
CA HIS C 476 2.33 -19.09 -9.51
CA HIS C 476 2.33 -19.08 -9.51
C HIS C 476 2.28 -18.35 -10.84
N LEU C 477 3.02 -17.24 -10.95
CA LEU C 477 3.07 -16.52 -12.21
C LEU C 477 3.63 -17.40 -13.32
N ALA C 478 4.66 -18.20 -13.01
CA ALA C 478 5.21 -19.12 -14.01
C ALA C 478 4.18 -20.12 -14.49
N SER C 479 3.26 -20.54 -13.61
CA SER C 479 2.25 -21.51 -14.02
C SER C 479 1.20 -20.89 -14.93
N LYS C 480 1.04 -19.57 -14.90
CA LYS C 480 0.27 -18.83 -15.88
C LYS C 480 1.15 -18.38 -17.04
N ARG C 481 2.42 -18.77 -17.03
CA ARG C 481 3.36 -18.43 -18.11
C ARG C 481 3.49 -16.92 -18.24
N ARG C 482 3.62 -16.26 -17.10
CA ARG C 482 3.85 -14.83 -17.04
C ARG C 482 5.13 -14.55 -16.26
N LYS C 483 5.58 -13.31 -16.37
CA LYS C 483 6.82 -12.87 -15.77
C LYS C 483 6.53 -11.79 -14.74
N LEU C 484 7.57 -11.41 -14.01
CA LEU C 484 7.50 -10.32 -13.06
C LEU C 484 8.73 -9.43 -13.24
N VAL C 485 8.56 -8.14 -13.02
CA VAL C 485 9.68 -7.21 -12.99
C VAL C 485 9.75 -6.60 -11.59
N ALA C 486 10.92 -6.63 -10.99
CA ALA C 486 11.19 -6.00 -9.70
C ALA C 486 12.14 -4.81 -9.90
N ILE C 487 11.85 -3.71 -9.22
CA ILE C 487 12.66 -2.50 -9.35
C ILE C 487 13.90 -2.65 -8.46
N VAL C 488 15.04 -2.23 -9.00
CA VAL C 488 16.31 -2.20 -8.27
C VAL C 488 16.96 -0.87 -8.64
N ASP C 489 16.99 0.08 -7.70
CA ASP C 489 17.55 1.41 -7.94
C ASP C 489 19.01 1.44 -7.52
N PRO C 490 19.79 2.41 -8.03
CA PRO C 490 21.23 2.43 -7.73
C PRO C 490 21.58 3.24 -6.49
N HIS C 491 20.66 3.47 -5.57
CA HIS C 491 21.01 4.08 -4.30
C HIS C 491 20.81 3.07 -3.18
N ILE C 492 21.78 2.99 -2.26
CA ILE C 492 21.83 1.94 -1.26
C ILE C 492 21.64 2.58 0.12
N LYS C 493 20.65 2.11 0.87
CA LYS C 493 20.34 2.69 2.17
C LYS C 493 21.54 2.61 3.11
N VAL C 494 21.87 3.71 3.77
CA VAL C 494 22.92 3.71 4.78
C VAL C 494 22.39 3.05 6.04
N ASP C 495 22.80 1.81 6.27
CA ASP C 495 22.18 0.96 7.27
C ASP C 495 23.12 -0.21 7.54
N SER C 496 23.70 -0.26 8.74
CA SER C 496 24.66 -1.30 9.07
C SER C 496 24.06 -2.69 9.14
N GLY C 497 22.73 -2.82 9.16
CA GLY C 497 22.13 -4.14 9.08
C GLY C 497 21.80 -4.61 7.68
N TYR C 498 22.10 -3.78 6.68
CA TYR C 498 21.81 -4.06 5.27
C TYR C 498 23.08 -4.60 4.63
N ARG C 499 23.10 -5.89 4.34
CA ARG C 499 24.35 -6.52 3.89
C ARG C 499 24.89 -5.88 2.62
N VAL C 500 24.01 -5.46 1.71
CA VAL C 500 24.46 -4.80 0.48
C VAL C 500 25.29 -3.56 0.83
N HIS C 501 24.78 -2.72 1.73
CA HIS C 501 25.51 -1.52 2.13
C HIS C 501 26.83 -1.88 2.79
N GLU C 502 26.82 -2.86 3.70
CA GLU C 502 28.04 -3.17 4.43
C GLU C 502 29.14 -3.65 3.49
N GLU C 503 28.78 -4.53 2.56
CA GLU C 503 29.77 -5.04 1.61
C GLU C 503 30.29 -3.93 0.70
N LEU C 504 29.42 -3.07 0.16
CA LEU C 504 29.90 -1.99 -0.68
C LEU C 504 30.78 -1.02 0.10
N ARG C 505 30.42 -0.78 1.36
CA ARG C 505 31.24 0.07 2.23
C ARG C 505 32.57 -0.58 2.54
N ASN C 506 32.57 -1.89 2.87
CA ASN C 506 33.83 -2.55 3.23
C ASN C 506 34.78 -2.66 2.04
N HIS C 507 34.26 -2.72 0.81
CA HIS C 507 35.07 -2.90 -0.39
C HIS C 507 35.32 -1.59 -1.13
N GLY C 508 34.92 -0.46 -0.55
CA GLY C 508 35.24 0.82 -1.16
C GLY C 508 34.62 1.02 -2.52
N LEU C 509 33.40 0.51 -2.72
CA LEU C 509 32.78 0.59 -4.04
C LEU C 509 31.81 1.75 -4.15
N TYR C 510 31.79 2.64 -3.17
CA TYR C 510 30.92 3.80 -3.22
C TYR C 510 31.60 5.00 -3.88
N VAL C 511 30.78 5.83 -4.52
CA VAL C 511 31.20 7.17 -4.92
C VAL C 511 31.73 7.91 -3.70
N LYS C 512 32.76 8.72 -3.89
CA LYS C 512 33.46 9.38 -2.79
C LYS C 512 33.32 10.89 -2.86
N THR C 513 33.43 11.53 -1.71
CA THR C 513 33.62 12.97 -1.63
C THR C 513 35.12 13.28 -1.61
N ARG C 514 35.45 14.57 -1.66
CA ARG C 514 36.84 14.97 -1.74
C ARG C 514 37.63 14.62 -0.48
N ASP C 515 36.97 14.44 0.67
CA ASP C 515 37.67 14.11 1.91
C ASP C 515 37.85 12.61 2.11
N GLY C 516 37.49 11.78 1.13
CA GLY C 516 37.75 10.36 1.22
C GLY C 516 36.64 9.54 1.87
N SER C 517 35.57 10.16 2.29
CA SER C 517 34.44 9.39 2.81
C SER C 517 33.42 9.16 1.70
N ASP C 518 32.56 8.16 1.91
CA ASP C 518 31.54 7.80 0.94
C ASP C 518 30.48 8.88 0.83
N TYR C 519 30.12 9.23 -0.40
CA TYR C 519 29.08 10.23 -0.58
C TYR C 519 27.75 9.72 -0.02
N GLU C 520 27.04 10.59 0.70
CA GLU C 520 25.72 10.25 1.24
C GLU C 520 24.72 11.32 0.84
N GLY C 521 23.68 10.91 0.12
CA GLY C 521 22.59 11.80 -0.19
C GLY C 521 21.26 11.29 0.34
N TRP C 522 20.17 11.91 -0.08
CA TRP C 522 18.84 11.53 0.35
C TRP C 522 18.06 11.01 -0.84
N CYS C 523 17.46 9.83 -0.66
CA CYS C 523 16.57 9.32 -1.69
C CYS C 523 15.43 8.54 -1.02
N TRP C 524 14.83 7.59 -1.73
CA TRP C 524 13.69 6.84 -1.19
C TRP C 524 13.93 6.24 0.19
N PRO C 525 15.09 5.65 0.51
CA PRO C 525 15.24 5.08 1.86
C PRO C 525 15.77 6.04 2.91
N GLY C 526 15.67 7.33 2.67
CA GLY C 526 16.34 8.28 3.54
C GLY C 526 17.79 8.43 3.11
N SER C 527 18.71 8.38 4.06
CA SER C 527 20.12 8.53 3.75
CA SER C 527 20.12 8.53 3.75
C SER C 527 20.60 7.35 2.90
N ALA C 528 21.26 7.68 1.78
CA ALA C 528 21.68 6.66 0.84
C ALA C 528 23.05 6.99 0.25
N SER C 529 23.79 5.93 -0.05
CA SER C 529 25.06 6.05 -0.76
C SER C 529 24.92 5.45 -2.15
N TYR C 530 25.85 5.81 -3.02
CA TYR C 530 25.75 5.55 -4.45
C TYR C 530 26.90 4.67 -4.91
N PRO C 531 26.64 3.45 -5.35
CA PRO C 531 27.73 2.60 -5.85
C PRO C 531 28.39 3.25 -7.06
N ASP C 532 29.70 3.06 -7.18
CA ASP C 532 30.45 3.71 -8.26
C ASP C 532 30.40 2.81 -9.48
N PHE C 533 29.35 2.96 -10.27
CA PHE C 533 29.17 2.10 -11.43
C PHE C 533 30.16 2.39 -12.56
N THR C 534 30.95 3.48 -12.49
CA THR C 534 32.04 3.60 -13.46
C THR C 534 33.22 2.70 -13.13
N ASN C 535 33.21 2.06 -11.97
CA ASN C 535 34.30 1.18 -11.57
C ASN C 535 34.02 -0.24 -12.05
N PRO C 536 34.85 -0.81 -12.92
CA PRO C 536 34.59 -2.19 -13.39
C PRO C 536 34.44 -3.20 -12.26
N ARG C 537 35.12 -2.99 -11.13
CA ARG C 537 34.95 -3.89 -9.98
C ARG C 537 33.54 -3.78 -9.40
N MET C 538 32.97 -2.57 -9.40
CA MET C 538 31.61 -2.37 -8.91
CA MET C 538 31.61 -2.34 -8.92
C MET C 538 30.59 -3.01 -9.86
N ARG C 539 30.77 -2.83 -11.16
CA ARG C 539 29.86 -3.47 -12.10
C ARG C 539 29.90 -4.99 -11.98
N ALA C 540 31.07 -5.55 -11.68
CA ALA C 540 31.16 -7.00 -11.50
C ALA C 540 30.41 -7.45 -10.24
N TRP C 541 30.60 -6.74 -9.13
CA TRP C 541 29.87 -7.02 -7.89
C TRP C 541 28.36 -6.96 -8.14
N TRP C 542 27.91 -5.88 -8.77
CA TRP C 542 26.48 -5.70 -9.05
C TRP C 542 25.93 -6.84 -9.90
N SER C 543 26.67 -7.23 -10.94
CA SER C 543 26.22 -8.32 -11.78
CA SER C 543 26.22 -8.32 -11.78
C SER C 543 26.12 -9.62 -10.98
N ASN C 544 27.12 -9.92 -10.17
CA ASN C 544 27.12 -11.14 -9.37
C ASN C 544 25.99 -11.12 -8.33
N MET C 545 25.53 -9.93 -7.91
CA MET C 545 24.43 -9.82 -6.95
C MET C 545 23.10 -10.36 -7.49
N PHE C 546 22.95 -10.50 -8.80
CA PHE C 546 21.72 -11.03 -9.36
C PHE C 546 21.73 -12.56 -9.48
N SER C 547 22.79 -13.22 -9.03
CA SER C 547 22.76 -14.68 -9.00
C SER C 547 21.63 -15.14 -8.08
N PHE C 548 21.10 -16.33 -8.38
CA PHE C 548 19.97 -16.82 -7.60
C PHE C 548 20.33 -17.07 -6.14
N ASP C 549 21.61 -17.30 -5.84
CA ASP C 549 22.05 -17.43 -4.45
C ASP C 549 22.14 -16.09 -3.73
N ASN C 550 22.53 -15.02 -4.45
CA ASN C 550 22.69 -13.73 -3.81
C ASN C 550 21.37 -12.97 -3.72
N TYR C 551 20.64 -12.91 -4.82
CA TYR C 551 19.32 -12.28 -4.84
C TYR C 551 18.27 -13.29 -4.41
N GLU C 552 18.26 -13.59 -3.12
CA GLU C 552 17.31 -14.55 -2.56
C GLU C 552 15.89 -14.12 -2.84
N GLY C 553 15.06 -15.08 -3.21
CA GLY C 553 13.71 -14.80 -3.64
C GLY C 553 13.54 -14.64 -5.14
N SER C 554 14.61 -14.47 -5.90
CA SER C 554 14.50 -14.29 -7.34
C SER C 554 14.43 -15.65 -8.05
N ALA C 555 13.98 -15.62 -9.31
CA ALA C 555 13.75 -16.81 -10.12
C ALA C 555 13.90 -16.42 -11.57
N PRO C 556 14.02 -17.40 -12.49
CA PRO C 556 14.26 -17.05 -13.91
C PRO C 556 13.18 -16.20 -14.54
N ASN C 557 11.94 -16.21 -14.05
CA ASN C 557 10.93 -15.32 -14.59
C ASN C 557 10.82 -13.99 -13.84
N LEU C 558 11.86 -13.58 -13.10
CA LEU C 558 11.93 -12.25 -12.48
CA LEU C 558 11.93 -12.25 -12.48
C LEU C 558 12.94 -11.41 -13.25
N TYR C 559 12.48 -10.27 -13.77
CA TYR C 559 13.35 -9.35 -14.49
C TYR C 559 13.38 -8.01 -13.73
N VAL C 560 14.11 -7.04 -14.27
CA VAL C 560 14.57 -5.93 -13.44
C VAL C 560 14.29 -4.59 -14.10
N TRP C 561 14.00 -3.60 -13.23
CA TRP C 561 13.73 -2.22 -13.61
C TRP C 561 14.73 -1.35 -12.88
N ASN C 562 15.59 -0.64 -13.63
CA ASN C 562 16.52 0.34 -13.06
C ASN C 562 15.92 1.73 -13.19
N ASP C 563 15.69 2.39 -12.05
CA ASP C 563 15.10 3.73 -12.00
C ASP C 563 16.05 4.67 -11.27
N MET C 564 15.78 5.97 -11.38
CA MET C 564 16.52 7.00 -10.63
C MET C 564 18.01 6.96 -10.92
N ASN C 565 18.42 6.42 -12.07
CA ASN C 565 19.84 6.17 -12.30
C ASN C 565 20.52 7.32 -13.02
N GLU C 566 20.01 8.55 -12.87
CA GLU C 566 20.67 9.73 -13.43
C GLU C 566 22.06 10.02 -12.85
N PRO C 567 22.33 9.87 -11.53
CA PRO C 567 21.52 9.42 -10.39
C PRO C 567 20.66 10.51 -9.79
N SER C 568 19.48 10.13 -9.33
CA SER C 568 18.60 11.07 -8.64
C SER C 568 19.05 11.17 -7.18
N VAL C 569 19.20 12.42 -6.70
CA VAL C 569 19.60 12.72 -5.32
C VAL C 569 18.71 13.86 -4.84
N PHE C 570 17.83 13.58 -3.88
CA PHE C 570 16.77 14.52 -3.54
C PHE C 570 17.32 15.83 -2.97
N ASN C 571 18.39 15.77 -2.19
CA ASN C 571 18.96 16.98 -1.60
C ASN C 571 20.17 17.49 -2.36
N GLY C 572 20.45 16.96 -3.55
CA GLY C 572 21.60 17.36 -4.32
C GLY C 572 21.28 18.47 -5.31
N PRO C 573 22.31 19.09 -5.86
CA PRO C 573 22.09 20.21 -6.79
C PRO C 573 21.42 19.71 -8.05
N GLU C 574 20.30 20.34 -8.41
CA GLU C 574 19.48 19.91 -9.55
C GLU C 574 18.98 18.47 -9.38
N VAL C 575 18.84 18.04 -8.13
CA VAL C 575 18.34 16.71 -7.77
C VAL C 575 19.26 15.63 -8.33
N THR C 576 20.57 15.91 -8.37
CA THR C 576 21.54 14.88 -8.77
C THR C 576 22.81 15.05 -7.94
N MET C 577 23.82 14.26 -8.30
CA MET C 577 25.07 14.14 -7.55
CA MET C 577 25.05 14.16 -7.52
C MET C 577 25.92 15.41 -7.68
N LEU C 578 26.71 15.68 -6.64
CA LEU C 578 27.62 16.83 -6.66
C LEU C 578 28.62 16.73 -7.81
N LYS C 579 28.90 17.87 -8.44
CA LYS C 579 29.87 17.91 -9.53
C LYS C 579 31.26 17.49 -9.07
N ASP C 580 31.62 17.74 -7.82
CA ASP C 580 32.97 17.46 -7.34
C ASP C 580 33.07 16.16 -6.54
N ALA C 581 32.07 15.30 -6.60
CA ALA C 581 32.24 13.93 -6.13
C ALA C 581 33.25 13.21 -7.02
N VAL C 582 33.84 12.15 -6.49
CA VAL C 582 35.01 11.52 -7.08
C VAL C 582 34.70 10.06 -7.37
N HIS C 583 35.05 9.61 -8.59
CA HIS C 583 34.76 8.27 -9.07
C HIS C 583 36.06 7.51 -9.31
N TYR C 584 35.90 6.29 -9.77
CA TYR C 584 37.00 5.42 -10.15
C TYR C 584 38.02 6.16 -11.01
N GLY C 585 39.31 5.93 -10.71
CA GLY C 585 40.40 6.59 -11.41
C GLY C 585 40.53 8.07 -11.15
N GLY C 586 39.98 8.57 -10.05
CA GLY C 586 40.12 9.96 -9.67
C GLY C 586 39.26 10.93 -10.44
N TRP C 587 38.48 10.46 -11.42
CA TRP C 587 37.67 11.36 -12.22
C TRP C 587 36.55 11.98 -11.38
N GLU C 588 36.21 13.22 -11.70
CA GLU C 588 35.10 13.88 -11.04
C GLU C 588 33.78 13.41 -11.62
N HIS C 589 32.71 13.68 -10.87
CA HIS C 589 31.40 13.31 -11.37
C HIS C 589 31.00 14.14 -12.58
N ARG C 590 31.51 15.38 -12.70
CA ARG C 590 31.21 16.18 -13.89
C ARG C 590 31.78 15.55 -15.16
N ASP C 591 32.86 14.76 -15.03
CA ASP C 591 33.45 14.15 -16.21
C ASP C 591 32.56 13.02 -16.75
N ILE C 592 31.93 12.26 -15.85
CA ILE C 592 31.34 10.97 -16.18
C ILE C 592 29.84 10.99 -16.16
N HIS C 593 29.21 12.12 -15.83
CA HIS C 593 27.82 12.12 -15.37
C HIS C 593 26.88 11.36 -16.29
N ASN C 594 26.98 11.61 -17.60
CA ASN C 594 25.94 11.13 -18.50
C ASN C 594 26.07 9.65 -18.85
N ILE C 595 27.11 8.96 -18.39
CA ILE C 595 27.20 7.51 -18.59
C ILE C 595 27.01 6.75 -17.28
N TYR C 596 26.65 7.43 -16.19
CA TYR C 596 26.40 6.75 -14.93
C TYR C 596 25.22 5.77 -15.04
N GLY C 597 24.09 6.25 -15.54
CA GLY C 597 22.94 5.38 -15.69
C GLY C 597 23.19 4.24 -16.65
N LEU C 598 23.89 4.54 -17.77
CA LEU C 598 24.21 3.50 -18.74
C LEU C 598 24.98 2.36 -18.08
N TYR C 599 25.91 2.70 -17.19
CA TYR C 599 26.66 1.67 -16.47
C TYR C 599 25.74 0.85 -15.57
N VAL C 600 24.75 1.49 -14.95
CA VAL C 600 23.79 0.73 -14.16
C VAL C 600 23.04 -0.25 -15.04
N HIS C 601 22.46 0.26 -16.12
CA HIS C 601 21.72 -0.54 -17.08
C HIS C 601 22.55 -1.72 -17.58
N MET C 602 23.85 -1.48 -17.82
CA MET C 602 24.76 -2.49 -18.37
C MET C 602 25.06 -3.58 -17.35
N ALA C 603 25.35 -3.19 -16.11
CA ALA C 603 25.69 -4.17 -15.08
C ALA C 603 24.47 -5.01 -14.73
N THR C 604 23.28 -4.40 -14.69
CA THR C 604 22.06 -5.15 -14.43
C THR C 604 21.81 -6.18 -15.52
N ALA C 605 21.90 -5.76 -16.79
CA ALA C 605 21.69 -6.71 -17.87
C ALA C 605 22.72 -7.84 -17.84
N ASP C 606 23.99 -7.53 -17.57
CA ASP C 606 24.99 -8.60 -17.44
C ASP C 606 24.64 -9.53 -16.29
N GLY C 607 24.08 -9.00 -15.20
CA GLY C 607 23.70 -9.85 -14.08
C GLY C 607 22.63 -10.85 -14.46
N LEU C 608 21.63 -10.41 -15.24
CA LEU C 608 20.60 -11.32 -15.70
C LEU C 608 21.13 -12.35 -16.69
N ILE C 609 22.15 -11.99 -17.47
CA ILE C 609 22.76 -12.96 -18.37
C ILE C 609 23.52 -14.00 -17.56
N GLN C 610 24.36 -13.53 -16.64
CA GLN C 610 25.25 -14.40 -15.88
C GLN C 610 24.47 -15.35 -14.96
N ARG C 611 23.39 -14.88 -14.33
CA ARG C 611 22.69 -15.74 -13.38
C ARG C 611 22.19 -17.01 -14.05
N SER C 612 22.02 -16.98 -15.38
CA SER C 612 21.53 -18.11 -16.16
C SER C 612 22.66 -18.96 -16.72
N GLY C 613 23.92 -18.58 -16.46
CA GLY C 613 25.02 -19.25 -17.11
C GLY C 613 25.28 -18.80 -18.52
N GLY C 614 24.88 -17.57 -18.86
CA GLY C 614 25.09 -17.04 -20.20
C GLY C 614 24.08 -17.45 -21.25
N ILE C 615 22.93 -18.00 -20.86
CA ILE C 615 21.98 -18.54 -21.81
C ILE C 615 20.82 -17.58 -22.08
N GLU C 616 20.26 -16.98 -21.02
CA GLU C 616 19.01 -16.24 -21.15
C GLU C 616 19.26 -14.79 -21.56
N ARG C 617 18.42 -14.29 -22.46
CA ARG C 617 18.49 -12.88 -22.80
C ARG C 617 17.93 -12.06 -21.64
N PRO C 618 18.48 -10.88 -21.37
CA PRO C 618 17.98 -10.06 -20.27
C PRO C 618 16.78 -9.25 -20.71
N PHE C 619 16.10 -8.67 -19.73
CA PHE C 619 15.24 -7.52 -19.96
C PHE C 619 15.43 -6.55 -18.79
N VAL C 620 15.89 -5.33 -19.10
CA VAL C 620 16.06 -4.27 -18.12
C VAL C 620 15.51 -2.97 -18.69
N LEU C 621 14.57 -2.36 -17.99
CA LEU C 621 14.13 -1.01 -18.26
C LEU C 621 15.01 -0.02 -17.49
N SER C 622 15.41 1.07 -18.17
CA SER C 622 16.27 2.08 -17.56
C SER C 622 15.67 3.46 -17.80
N ARG C 623 15.88 4.36 -16.84
CA ARG C 623 15.38 5.72 -17.03
C ARG C 623 16.45 6.62 -17.65
N ALA C 624 17.65 6.58 -17.10
CA ALA C 624 18.78 7.32 -17.65
C ALA C 624 19.46 6.48 -18.73
N PHE C 625 20.06 7.17 -19.70
CA PHE C 625 20.70 6.46 -20.79
C PHE C 625 21.69 7.38 -21.49
N PHE C 626 22.49 6.77 -22.37
CA PHE C 626 23.48 7.47 -23.15
C PHE C 626 23.66 6.72 -24.47
N SER C 627 24.49 7.25 -25.35
CA SER C 627 24.91 6.52 -26.52
C SER C 627 25.41 5.14 -26.12
N GLY C 628 24.91 4.13 -26.81
CA GLY C 628 25.23 2.75 -26.48
C GLY C 628 24.21 2.04 -25.60
N SER C 629 23.27 2.77 -24.97
CA SER C 629 22.27 2.14 -24.10
C SER C 629 21.37 1.16 -24.84
N GLN C 630 21.26 1.29 -26.16
CA GLN C 630 20.44 0.37 -26.93
C GLN C 630 20.90 -1.08 -26.76
N ARG C 631 22.15 -1.29 -26.36
CA ARG C 631 22.69 -2.63 -26.24
C ARG C 631 22.21 -3.36 -24.99
N PHE C 632 21.49 -2.68 -24.08
CA PHE C 632 21.21 -3.26 -22.76
C PHE C 632 19.74 -3.41 -22.42
N GLY C 633 18.83 -2.91 -23.25
CA GLY C 633 17.43 -3.17 -23.02
C GLY C 633 16.53 -2.03 -23.44
N ALA C 634 15.62 -1.64 -22.56
CA ALA C 634 14.60 -0.67 -22.91
C ALA C 634 14.77 0.59 -22.08
N VAL C 635 14.14 1.67 -22.55
CA VAL C 635 14.03 2.91 -21.82
C VAL C 635 12.58 3.42 -21.96
N TRP C 636 12.20 4.32 -21.07
CA TRP C 636 10.90 4.98 -21.19
C TRP C 636 11.07 6.44 -20.77
N THR C 637 10.07 7.25 -21.09
CA THR C 637 10.18 8.70 -20.98
C THR C 637 9.91 9.23 -19.56
N GLY C 638 10.01 8.39 -18.53
CA GLY C 638 9.89 8.89 -17.15
C GLY C 638 8.48 9.25 -16.75
N ASP C 639 8.36 10.30 -15.93
CA ASP C 639 7.11 10.66 -15.26
C ASP C 639 6.30 11.63 -16.10
N ASN C 640 5.56 11.08 -17.07
CA ASN C 640 4.62 11.89 -17.82
C ASN C 640 3.35 12.09 -16.98
N THR C 641 2.35 12.75 -17.56
CA THR C 641 1.14 13.16 -16.85
C THR C 641 -0.09 12.71 -17.62
N ALA C 642 -1.15 12.33 -16.90
CA ALA C 642 -2.41 11.90 -17.50
C ALA C 642 -3.14 13.03 -18.22
N GLU C 643 -2.56 13.55 -19.30
CA GLU C 643 -3.17 14.63 -20.05
C GLU C 643 -2.99 14.36 -21.54
N TRP C 644 -3.89 14.95 -22.34
CA TRP C 644 -3.93 14.67 -23.77
C TRP C 644 -2.65 15.11 -24.48
N ASP C 645 -2.07 16.24 -24.06
CA ASP C 645 -0.83 16.69 -24.69
CA ASP C 645 -0.83 16.70 -24.67
C ASP C 645 0.33 15.76 -24.37
N HIS C 646 0.36 15.18 -23.17
CA HIS C 646 1.38 14.18 -22.87
C HIS C 646 1.20 12.93 -23.72
N LEU C 647 -0.05 12.56 -24.01
CA LEU C 647 -0.29 11.46 -24.93
C LEU C 647 0.29 11.76 -26.31
N LYS C 648 0.06 12.99 -26.81
CA LYS C 648 0.56 13.38 -28.12
C LYS C 648 2.09 13.31 -28.18
N ILE C 649 2.77 13.77 -27.13
CA ILE C 649 4.22 13.94 -27.22
C ILE C 649 4.99 12.64 -27.12
N SER C 650 4.33 11.52 -26.82
CA SER C 650 5.04 10.25 -26.77
C SER C 650 5.61 9.89 -28.14
N ILE C 651 4.90 10.21 -29.22
CA ILE C 651 5.37 9.94 -30.58
C ILE C 651 6.67 10.70 -30.87
N PRO C 652 6.74 12.03 -30.76
CA PRO C 652 8.02 12.70 -31.08
C PRO C 652 9.15 12.33 -30.13
N MET C 653 8.85 12.03 -28.87
CA MET C 653 9.91 11.67 -27.93
C MET C 653 10.51 10.31 -28.27
N CYS C 654 9.66 9.30 -28.51
CA CYS C 654 10.19 7.99 -28.88
C CYS C 654 10.76 7.99 -30.30
N LEU C 655 10.22 8.82 -31.20
CA LEU C 655 10.83 8.93 -32.53
C LEU C 655 12.21 9.54 -32.45
N SER C 656 12.40 10.54 -31.59
CA SER C 656 13.74 11.12 -31.49
C SER C 656 14.71 10.13 -30.86
N LEU C 657 14.23 9.22 -30.02
CA LEU C 657 15.12 8.19 -29.48
C LEU C 657 15.40 7.12 -30.52
N ALA C 658 14.40 6.75 -31.31
CA ALA C 658 14.58 5.76 -32.37
C ALA C 658 15.66 6.19 -33.36
N LEU C 659 15.69 7.50 -33.71
CA LEU C 659 16.65 7.97 -34.72
C LEU C 659 18.07 7.82 -34.24
N VAL C 660 18.30 7.83 -32.94
CA VAL C 660 19.63 7.74 -32.37
C VAL C 660 19.92 6.34 -31.84
N GLY C 661 19.18 5.33 -32.31
CA GLY C 661 19.52 3.95 -32.04
C GLY C 661 18.77 3.29 -30.88
N LEU C 662 17.98 4.06 -30.12
CA LEU C 662 17.24 3.50 -28.99
C LEU C 662 15.84 3.15 -29.46
N SER C 663 15.68 1.92 -29.98
CA SER C 663 14.41 1.49 -30.57
C SER C 663 13.40 1.00 -29.55
N PHE C 664 13.85 0.61 -28.36
CA PHE C 664 13.00 -0.01 -27.35
C PHE C 664 12.53 1.07 -26.37
N CYS C 665 11.59 1.89 -26.84
CA CYS C 665 11.13 3.10 -26.16
C CYS C 665 9.62 3.05 -25.98
N GLY C 666 9.14 3.73 -24.95
CA GLY C 666 7.71 3.91 -24.75
C GLY C 666 7.43 4.93 -23.67
N ALA C 667 6.15 5.16 -23.41
CA ALA C 667 5.75 6.06 -22.35
C ALA C 667 4.70 5.40 -21.47
N ASP C 668 4.64 5.84 -20.20
CA ASP C 668 3.67 5.30 -19.26
C ASP C 668 2.26 5.44 -19.84
N VAL C 669 1.60 4.30 -20.04
CA VAL C 669 0.25 4.26 -20.61
C VAL C 669 -0.76 4.73 -19.57
N GLY C 670 -1.48 5.81 -19.90
CA GLY C 670 -2.40 6.45 -18.98
C GLY C 670 -1.82 7.64 -18.25
N GLY C 671 -0.49 7.82 -18.30
CA GLY C 671 0.18 8.90 -17.61
C GLY C 671 0.54 8.51 -16.20
N PHE C 672 1.72 8.93 -15.74
CA PHE C 672 2.16 8.59 -14.40
C PHE C 672 1.42 9.39 -13.33
N PHE C 673 1.46 10.72 -13.44
CA PHE C 673 0.77 11.60 -12.50
C PHE C 673 -0.71 11.73 -12.86
N LYS C 674 -1.53 11.90 -11.82
CA LYS C 674 -2.95 12.25 -11.97
C LYS C 674 -3.74 11.07 -12.53
N ASN C 675 -5.07 11.24 -12.60
CA ASN C 675 -5.99 10.18 -12.99
C ASN C 675 -6.55 10.48 -14.37
N PRO C 676 -6.36 9.60 -15.36
CA PRO C 676 -6.90 9.87 -16.70
C PRO C 676 -8.38 9.54 -16.78
N GLU C 677 -9.12 10.38 -17.51
CA GLU C 677 -10.50 10.05 -17.80
C GLU C 677 -10.54 8.82 -18.70
N PRO C 678 -11.60 8.02 -18.62
CA PRO C 678 -11.62 6.74 -19.36
C PRO C 678 -11.32 6.85 -20.85
N GLU C 679 -11.78 7.93 -21.49
CA GLU C 679 -11.53 8.08 -22.92
C GLU C 679 -10.05 8.31 -23.20
N LEU C 680 -9.36 9.08 -22.36
CA LEU C 680 -7.92 9.27 -22.53
C LEU C 680 -7.18 7.95 -22.30
N LEU C 681 -7.61 7.16 -21.32
CA LEU C 681 -6.93 5.88 -21.05
C LEU C 681 -7.06 4.94 -22.24
N VAL C 682 -8.27 4.85 -22.81
CA VAL C 682 -8.48 4.06 -24.03
C VAL C 682 -7.55 4.53 -25.14
N ARG C 683 -7.53 5.85 -25.39
CA ARG C 683 -6.67 6.38 -26.44
C ARG C 683 -5.20 6.13 -26.13
N TRP C 684 -4.83 6.08 -24.85
CA TRP C 684 -3.43 5.79 -24.54
C TRP C 684 -3.12 4.31 -24.74
N TYR C 685 -4.08 3.42 -24.48
CA TYR C 685 -3.89 2.01 -24.77
C TYR C 685 -3.72 1.78 -26.27
N GLN C 686 -4.48 2.49 -27.09
CA GLN C 686 -4.33 2.33 -28.53
C GLN C 686 -2.98 2.84 -29.00
N MET C 687 -2.54 3.96 -28.42
CA MET C 687 -1.24 4.52 -28.76
C MET C 687 -0.11 3.59 -28.31
N GLY C 688 -0.13 3.17 -27.05
CA GLY C 688 0.95 2.33 -26.55
C GLY C 688 1.01 0.98 -27.22
N ALA C 689 -0.16 0.44 -27.61
CA ALA C 689 -0.22 -0.85 -28.31
C ALA C 689 0.56 -0.82 -29.61
N TYR C 690 0.84 0.35 -30.16
CA TYR C 690 1.65 0.45 -31.36
C TYR C 690 2.97 1.14 -31.10
N GLN C 691 3.42 1.20 -29.85
CA GLN C 691 4.75 1.69 -29.58
C GLN C 691 5.60 0.58 -28.95
N PRO C 692 6.93 0.64 -29.09
CA PRO C 692 7.76 -0.54 -28.77
C PRO C 692 7.61 -1.07 -27.35
N PHE C 693 7.85 -0.21 -26.36
CA PHE C 693 7.71 -0.59 -24.95
C PHE C 693 6.32 -0.20 -24.47
N PHE C 694 5.56 -1.19 -24.02
CA PHE C 694 4.10 -1.06 -23.83
C PHE C 694 3.79 -1.39 -22.36
N ARG C 695 3.81 -0.35 -21.51
CA ARG C 695 3.62 -0.52 -20.07
C ARG C 695 2.66 0.54 -19.55
N ALA C 696 1.61 0.10 -18.84
CA ALA C 696 0.77 0.99 -18.05
C ALA C 696 1.40 1.15 -16.67
N HIS C 697 1.47 2.39 -16.19
CA HIS C 697 2.09 2.70 -14.90
C HIS C 697 1.38 3.92 -14.30
N ALA C 698 1.54 4.09 -12.98
CA ALA C 698 0.75 5.08 -12.26
C ALA C 698 1.39 5.42 -10.92
N HIS C 699 1.15 6.66 -10.48
CA HIS C 699 1.68 7.20 -9.24
C HIS C 699 0.96 6.59 -8.04
N LEU C 700 1.62 6.67 -6.88
CA LEU C 700 1.13 6.06 -5.64
C LEU C 700 -0.28 6.52 -5.25
N ASP C 701 -0.64 7.77 -5.54
CA ASP C 701 -1.91 8.34 -5.12
C ASP C 701 -2.99 8.29 -6.20
N THR C 702 -2.71 7.71 -7.35
CA THR C 702 -3.74 7.57 -8.38
C THR C 702 -4.69 6.43 -8.02
N GLY C 703 -5.92 6.52 -8.50
CA GLY C 703 -6.82 5.40 -8.38
C GLY C 703 -6.35 4.22 -9.24
N ARG C 704 -6.70 3.02 -8.80
CA ARG C 704 -6.39 1.82 -9.56
C ARG C 704 -7.00 1.91 -10.95
N ARG C 705 -6.23 1.57 -11.97
CA ARG C 705 -6.76 1.65 -13.34
C ARG C 705 -6.40 0.40 -14.15
N GLU C 706 -6.33 -0.76 -13.51
CA GLU C 706 -6.29 -1.99 -14.27
C GLU C 706 -7.44 -2.00 -15.27
N PRO C 707 -7.22 -2.44 -16.51
CA PRO C 707 -8.14 -2.07 -17.61
C PRO C 707 -9.52 -2.66 -17.50
N TRP C 708 -9.75 -3.64 -16.63
CA TRP C 708 -11.10 -4.16 -16.46
C TRP C 708 -11.93 -3.37 -15.45
N LEU C 709 -11.34 -2.35 -14.80
CA LEU C 709 -12.08 -1.54 -13.84
C LEU C 709 -12.92 -0.45 -14.48
N LEU C 710 -12.91 -0.33 -15.81
CA LEU C 710 -13.68 0.67 -16.53
C LEU C 710 -15.01 0.10 -17.00
N ALA C 711 -15.89 1.01 -17.41
CA ALA C 711 -17.16 0.59 -18.02
C ALA C 711 -16.89 -0.25 -19.27
N SER C 712 -17.89 -1.08 -19.61
CA SER C 712 -17.68 -2.12 -20.62
C SER C 712 -17.23 -1.54 -21.96
N GLN C 713 -17.77 -0.39 -22.35
CA GLN C 713 -17.39 0.19 -23.62
C GLN C 713 -15.90 0.48 -23.67
N TYR C 714 -15.32 0.95 -22.55
CA TYR C 714 -13.88 1.19 -22.50
C TYR C 714 -13.10 -0.12 -22.38
N GLN C 715 -13.58 -1.06 -21.57
CA GLN C 715 -12.96 -2.39 -21.51
C GLN C 715 -12.78 -2.98 -22.89
N ASP C 716 -13.82 -2.88 -23.71
CA ASP C 716 -13.82 -3.54 -25.02
C ASP C 716 -12.83 -2.86 -25.95
N ALA C 717 -12.78 -1.52 -25.95
CA ALA C 717 -11.83 -0.85 -26.83
C ALA C 717 -10.38 -1.13 -26.40
N ILE C 718 -10.15 -1.21 -25.08
CA ILE C 718 -8.83 -1.56 -24.57
C ILE C 718 -8.48 -3.01 -24.90
N ARG C 719 -9.44 -3.92 -24.73
CA ARG C 719 -9.20 -5.31 -25.08
C ARG C 719 -8.87 -5.47 -26.55
N ASP C 720 -9.59 -4.76 -27.43
CA ASP C 720 -9.29 -4.87 -28.85
C ASP C 720 -7.87 -4.37 -29.13
N ALA C 721 -7.45 -3.28 -28.45
CA ALA C 721 -6.08 -2.80 -28.64
C ALA C 721 -5.05 -3.85 -28.22
N LEU C 722 -5.29 -4.55 -27.12
CA LEU C 722 -4.34 -5.55 -26.65
C LEU C 722 -4.27 -6.74 -27.62
N PHE C 723 -5.42 -7.17 -28.14
CA PHE C 723 -5.42 -8.24 -29.13
C PHE C 723 -4.61 -7.83 -30.36
N GLN C 724 -4.76 -6.59 -30.82
CA GLN C 724 -4.00 -6.15 -31.98
C GLN C 724 -2.50 -6.20 -31.71
N ARG C 725 -2.09 -5.79 -30.50
CA ARG C 725 -0.66 -5.85 -30.17
C ARG C 725 -0.18 -7.29 -30.17
N TYR C 726 -0.94 -8.18 -29.53
CA TYR C 726 -0.52 -9.57 -29.42
C TYR C 726 -0.50 -10.26 -30.79
N SER C 727 -1.49 -9.98 -31.64
CA SER C 727 -1.48 -10.58 -32.98
C SER C 727 -0.26 -10.15 -33.79
N LEU C 728 0.25 -8.95 -33.54
CA LEU C 728 1.36 -8.42 -34.32
C LEU C 728 2.72 -8.76 -33.75
N LEU C 729 2.78 -9.57 -32.70
CA LEU C 729 4.07 -9.92 -32.11
C LEU C 729 5.08 -10.51 -33.09
N PRO C 730 4.71 -11.41 -34.03
CA PRO C 730 5.72 -11.88 -35.01
C PRO C 730 6.30 -10.75 -35.82
N PHE C 731 5.46 -9.77 -36.17
CA PHE C 731 5.92 -8.57 -36.86
C PHE C 731 6.86 -7.73 -35.98
N TRP C 732 6.45 -7.45 -34.74
CA TRP C 732 7.31 -6.69 -33.83
C TRP C 732 8.65 -7.40 -33.64
N TYR C 733 8.62 -8.72 -33.47
CA TYR C 733 9.83 -9.47 -33.20
C TYR C 733 10.80 -9.40 -34.38
N THR C 734 10.26 -9.48 -35.60
CA THR C 734 11.10 -9.39 -36.78
C THR C 734 11.71 -8.01 -36.94
N LEU C 735 10.92 -6.94 -36.74
CA LEU C 735 11.49 -5.59 -36.76
C LEU C 735 12.63 -5.44 -35.76
N PHE C 736 12.49 -6.04 -34.56
CA PHE C 736 13.57 -5.91 -33.59
C PHE C 736 14.78 -6.75 -33.96
N TYR C 737 14.56 -7.89 -34.62
CA TYR C 737 15.73 -8.63 -35.10
C TYR C 737 16.45 -7.85 -36.19
N GLN C 738 15.69 -7.19 -37.08
CA GLN C 738 16.35 -6.33 -38.06
C GLN C 738 17.04 -5.16 -37.39
N ALA C 739 16.42 -4.57 -36.36
CA ALA C 739 17.11 -3.54 -35.59
C ALA C 739 18.37 -4.11 -34.94
N HIS C 740 18.33 -5.39 -34.54
CA HIS C 740 19.46 -6.00 -33.84
C HIS C 740 20.64 -6.29 -34.78
N LYS C 741 20.34 -6.72 -36.01
CA LYS C 741 21.35 -7.06 -37.01
C LYS C 741 21.83 -5.85 -37.80
N GLU C 742 20.94 -4.90 -38.13
CA GLU C 742 21.30 -3.82 -39.04
C GLU C 742 21.43 -2.48 -38.36
N GLY C 743 20.85 -2.29 -37.18
CA GLY C 743 20.88 -0.98 -36.56
C GLY C 743 19.80 -0.05 -37.05
N PHE C 744 18.77 -0.57 -37.71
CA PHE C 744 17.66 0.22 -38.26
C PHE C 744 16.57 0.39 -37.20
N PRO C 745 16.04 1.60 -37.01
CA PRO C 745 15.04 1.79 -35.95
C PRO C 745 13.72 1.10 -36.28
N VAL C 746 13.01 0.72 -35.20
CA VAL C 746 11.73 0.05 -35.34
C VAL C 746 10.62 1.05 -35.61
N MET C 747 10.50 2.05 -34.75
CA MET C 747 9.54 3.13 -34.93
C MET C 747 10.19 4.21 -35.77
N ARG C 748 9.53 4.63 -36.86
CA ARG C 748 10.23 5.56 -37.77
C ARG C 748 9.39 6.78 -38.12
N PRO C 749 10.03 7.96 -38.21
CA PRO C 749 9.35 9.11 -38.81
C PRO C 749 9.02 8.83 -40.27
N LEU C 750 7.96 9.45 -40.76
CA LEU C 750 7.59 9.27 -42.16
C LEU C 750 8.72 9.67 -43.10
N TRP C 751 9.54 10.66 -42.72
CA TRP C 751 10.61 11.08 -43.62
C TRP C 751 11.76 10.11 -43.72
N VAL C 752 11.85 9.13 -42.83
CA VAL C 752 12.85 8.09 -42.99
C VAL C 752 12.49 7.20 -44.17
N GLN C 753 11.20 7.00 -44.38
CA GLN C 753 10.66 6.20 -45.46
C GLN C 753 10.37 7.01 -46.73
N TYR C 754 10.23 8.34 -46.63
CA TYR C 754 9.91 9.19 -47.77
C TYR C 754 10.81 10.43 -47.71
N PRO C 755 12.13 10.23 -47.87
CA PRO C 755 13.07 11.33 -47.63
C PRO C 755 12.93 12.50 -48.60
N GLU C 756 12.28 12.30 -49.75
CA GLU C 756 12.11 13.35 -50.74
C GLU C 756 10.76 14.05 -50.65
N ASP C 757 9.91 13.67 -49.69
CA ASP C 757 8.61 14.30 -49.49
C ASP C 757 8.78 15.31 -48.34
N MET C 758 9.03 16.57 -48.71
CA MET C 758 9.30 17.61 -47.74
C MET C 758 8.13 17.88 -46.81
N SER C 759 6.91 17.54 -47.21
CA SER C 759 5.79 17.72 -46.31
C SER C 759 5.81 16.75 -45.12
N THR C 760 6.73 15.78 -45.09
CA THR C 760 6.82 14.82 -43.98
C THR C 760 7.98 15.13 -43.02
N PHE C 761 8.81 16.13 -43.31
CA PHE C 761 10.01 16.32 -42.53
C PHE C 761 9.73 16.69 -41.07
N SER C 762 8.53 17.21 -40.75
CA SER C 762 8.20 17.60 -39.39
C SER C 762 7.04 16.83 -38.79
N ILE C 763 6.45 15.88 -39.52
CA ILE C 763 5.25 15.21 -39.03
C ILE C 763 5.57 14.45 -37.75
N GLU C 764 4.68 14.57 -36.75
CA GLU C 764 4.89 13.87 -35.50
C GLU C 764 3.58 13.42 -34.84
N ASP C 765 2.44 13.49 -35.54
CA ASP C 765 1.24 12.79 -35.09
C ASP C 765 1.04 11.48 -35.85
N GLN C 766 2.09 11.00 -36.52
CA GLN C 766 2.06 9.81 -37.33
C GLN C 766 3.44 9.20 -37.29
N PHE C 767 3.50 7.88 -37.40
CA PHE C 767 4.77 7.19 -37.50
C PHE C 767 4.56 5.89 -38.24
N MET C 768 5.66 5.28 -38.61
CA MET C 768 5.62 3.96 -39.23
C MET C 768 6.35 2.95 -38.38
N LEU C 769 5.93 1.70 -38.50
CA LEU C 769 6.64 0.56 -37.92
C LEU C 769 7.30 -0.19 -39.07
N GLY C 770 8.63 -0.16 -39.10
CA GLY C 770 9.34 -0.66 -40.26
C GLY C 770 8.92 0.13 -41.49
N ASP C 771 8.72 -0.59 -42.60
CA ASP C 771 8.22 0.00 -43.83
C ASP C 771 6.81 -0.44 -44.15
N ALA C 772 6.14 -1.14 -43.24
CA ALA C 772 4.91 -1.83 -43.59
C ALA C 772 3.65 -1.20 -43.02
N LEU C 773 3.74 -0.55 -41.87
CA LEU C 773 2.54 -0.07 -41.18
C LEU C 773 2.68 1.41 -40.89
N LEU C 774 1.66 2.18 -41.24
CA LEU C 774 1.55 3.60 -40.91
C LEU C 774 0.47 3.76 -39.86
N ILE C 775 0.79 4.46 -38.77
CA ILE C 775 -0.09 4.56 -37.59
C ILE C 775 -0.40 6.03 -37.35
N HIS C 776 -1.69 6.35 -37.16
CA HIS C 776 -2.15 7.69 -36.76
C HIS C 776 -3.16 7.53 -35.63
N PRO C 777 -2.69 7.36 -34.39
CA PRO C 777 -3.61 7.17 -33.27
C PRO C 777 -4.42 8.43 -32.98
N VAL C 778 -5.67 8.22 -32.57
CA VAL C 778 -6.50 9.34 -32.14
C VAL C 778 -5.95 9.90 -30.84
N SER C 779 -5.69 11.20 -30.81
CA SER C 779 -5.11 11.84 -29.64
C SER C 779 -5.84 13.13 -29.28
N ASP C 780 -7.17 13.13 -29.40
CA ASP C 780 -7.99 14.27 -29.05
C ASP C 780 -9.30 13.79 -28.46
N ALA C 781 -9.72 14.41 -27.37
CA ALA C 781 -10.98 14.03 -26.73
C ALA C 781 -12.15 14.32 -27.66
N GLY C 782 -13.07 13.36 -27.75
CA GLY C 782 -14.27 13.49 -28.54
C GLY C 782 -14.06 13.67 -30.03
N ALA C 783 -12.90 13.29 -30.55
CA ALA C 783 -12.65 13.44 -31.98
C ALA C 783 -13.62 12.57 -32.78
N HIS C 784 -14.01 13.08 -33.94
CA HIS C 784 -14.85 12.32 -34.86
C HIS C 784 -14.11 11.85 -36.09
N GLY C 785 -12.92 12.39 -36.34
CA GLY C 785 -12.09 11.87 -37.41
C GLY C 785 -10.67 12.33 -37.19
N VAL C 786 -9.79 11.82 -38.05
CA VAL C 786 -8.40 12.25 -38.10
C VAL C 786 -8.03 12.50 -39.54
N GLN C 787 -7.07 13.37 -39.74
CA GLN C 787 -6.51 13.66 -41.06
C GLN C 787 -5.25 12.85 -41.21
N VAL C 788 -5.29 11.84 -42.08
CA VAL C 788 -4.19 10.90 -42.24
C VAL C 788 -3.46 11.23 -43.53
N TYR C 789 -2.19 11.60 -43.43
CA TYR C 789 -1.37 11.80 -44.61
C TYR C 789 -0.76 10.48 -45.06
N LEU C 790 -1.24 9.94 -46.18
CA LEU C 790 -0.70 8.73 -46.78
C LEU C 790 0.31 9.13 -47.85
N PRO C 791 1.61 9.00 -47.60
CA PRO C 791 2.59 9.54 -48.56
C PRO C 791 2.94 8.59 -49.69
N GLY C 792 3.84 9.03 -50.56
CA GLY C 792 4.38 8.19 -51.62
C GLY C 792 3.60 8.21 -52.93
N GLN C 793 4.25 8.64 -54.00
CA GLN C 793 3.70 8.43 -55.34
C GLN C 793 3.90 6.98 -55.75
N GLU C 794 2.98 6.49 -56.57
CA GLU C 794 2.92 5.08 -56.94
C GLU C 794 2.71 4.17 -55.73
N GLU C 795 2.30 4.74 -54.60
CA GLU C 795 2.12 3.98 -53.38
C GLU C 795 0.63 3.81 -53.10
N VAL C 796 0.24 2.58 -52.72
CA VAL C 796 -1.12 2.31 -52.26
C VAL C 796 -1.05 1.94 -50.79
N TRP C 797 -2.15 2.20 -50.10
CA TRP C 797 -2.28 1.96 -48.66
C TRP C 797 -3.60 1.26 -48.42
N TYR C 798 -3.59 0.30 -47.51
CA TYR C 798 -4.78 -0.44 -47.17
C TYR C 798 -5.17 -0.12 -45.74
N ASP C 799 -6.41 0.32 -45.57
CA ASP C 799 -7.01 0.39 -44.25
C ASP C 799 -7.14 -1.02 -43.71
N ILE C 800 -6.39 -1.37 -42.66
CA ILE C 800 -6.37 -2.78 -42.23
C ILE C 800 -7.66 -3.24 -41.57
N GLN C 801 -8.57 -2.33 -41.25
CA GLN C 801 -9.87 -2.69 -40.70
C GLN C 801 -10.93 -2.88 -41.78
N SER C 802 -10.93 -2.03 -42.81
CA SER C 802 -11.91 -2.12 -43.88
C SER C 802 -11.34 -2.71 -45.17
N TYR C 803 -10.03 -2.86 -45.27
CA TYR C 803 -9.31 -3.34 -46.45
C TYR C 803 -9.42 -2.36 -47.61
N GLN C 804 -10.00 -1.19 -47.40
CA GLN C 804 -10.15 -0.20 -48.46
C GLN C 804 -8.80 0.34 -48.91
N LYS C 805 -8.63 0.41 -50.23
CA LYS C 805 -7.42 0.91 -50.83
C LYS C 805 -7.45 2.44 -50.89
N HIS C 806 -6.29 3.05 -50.65
CA HIS C 806 -6.13 4.49 -50.82
C HIS C 806 -4.82 4.77 -51.53
N HIS C 807 -4.88 5.66 -52.50
CA HIS C 807 -3.75 6.03 -53.33
C HIS C 807 -2.95 7.15 -52.67
N GLY C 808 -1.63 7.05 -52.74
CA GLY C 808 -0.78 8.13 -52.32
C GLY C 808 -0.26 8.94 -53.49
N PRO C 809 0.11 10.21 -53.25
CA PRO C 809 0.02 10.91 -51.97
C PRO C 809 -1.29 11.68 -51.78
N GLN C 810 -1.86 11.62 -50.58
CA GLN C 810 -3.10 12.31 -50.28
C GLN C 810 -3.19 12.50 -48.78
N THR C 811 -4.07 13.41 -48.35
CA THR C 811 -4.44 13.53 -46.95
C THR C 811 -5.87 13.05 -46.83
N LEU C 812 -6.05 11.89 -46.24
CA LEU C 812 -7.36 11.28 -46.12
C LEU C 812 -7.98 11.66 -44.78
N TYR C 813 -9.25 12.06 -44.81
CA TYR C 813 -10.04 12.26 -43.61
C TYR C 813 -10.72 10.94 -43.28
N LEU C 814 -10.43 10.40 -42.11
CA LEU C 814 -10.93 9.09 -41.70
C LEU C 814 -11.81 9.25 -40.47
N PRO C 815 -13.10 8.94 -40.55
CA PRO C 815 -13.94 9.00 -39.36
C PRO C 815 -13.54 7.92 -38.38
N VAL C 816 -13.70 8.23 -37.09
CA VAL C 816 -13.26 7.35 -36.02
C VAL C 816 -14.36 7.23 -34.97
N THR C 817 -14.31 6.13 -34.24
CA THR C 817 -15.10 5.91 -33.04
C THR C 817 -14.15 5.64 -31.87
N LEU C 818 -14.72 5.28 -30.72
CA LEU C 818 -13.88 4.99 -29.55
C LEU C 818 -12.92 3.84 -29.82
N SER C 819 -13.30 2.88 -30.68
CA SER C 819 -12.51 1.67 -30.94
C SER C 819 -11.54 1.82 -32.09
N SER C 820 -11.48 2.96 -32.75
CA SER C 820 -10.68 3.10 -33.95
C SER C 820 -9.20 3.28 -33.62
N ILE C 821 -8.36 2.51 -34.29
CA ILE C 821 -6.93 2.74 -34.34
C ILE C 821 -6.53 2.87 -35.81
N PRO C 822 -6.38 4.10 -36.31
CA PRO C 822 -6.02 4.26 -37.73
C PRO C 822 -4.66 3.66 -38.06
N VAL C 823 -4.68 2.50 -38.71
CA VAL C 823 -3.49 1.77 -39.10
C VAL C 823 -3.64 1.39 -40.57
N PHE C 824 -2.59 1.61 -41.36
CA PHE C 824 -2.61 1.32 -42.78
C PHE C 824 -1.41 0.46 -43.14
N GLN C 825 -1.63 -0.55 -43.97
CA GLN C 825 -0.54 -1.38 -44.46
C GLN C 825 -0.12 -0.90 -45.84
N ARG C 826 1.18 -0.74 -46.03
CA ARG C 826 1.73 -0.27 -47.29
C ARG C 826 1.74 -1.38 -48.33
N GLY C 827 1.33 -1.04 -49.55
CA GLY C 827 1.41 -2.01 -50.64
C GLY C 827 2.83 -2.44 -50.87
N GLY C 828 3.00 -3.70 -51.23
CA GLY C 828 4.33 -4.26 -51.38
C GLY C 828 4.92 -4.91 -50.16
N THR C 829 4.14 -5.10 -49.08
CA THR C 829 4.65 -5.66 -47.83
C THR C 829 3.84 -6.89 -47.42
N ILE C 830 4.48 -7.73 -46.62
CA ILE C 830 3.87 -8.94 -46.09
C ILE C 830 4.08 -8.92 -44.59
N VAL C 831 2.98 -8.90 -43.84
CA VAL C 831 2.97 -8.72 -42.39
C VAL C 831 2.53 -10.01 -41.73
N PRO C 832 3.33 -10.59 -40.84
CA PRO C 832 2.93 -11.84 -40.16
C PRO C 832 2.22 -11.61 -38.84
N ARG C 833 1.15 -12.37 -38.61
CA ARG C 833 0.36 -12.25 -37.40
C ARG C 833 0.08 -13.62 -36.79
N TRP C 834 -0.05 -13.64 -35.46
CA TRP C 834 -0.65 -14.73 -34.70
C TRP C 834 -2.10 -14.33 -34.42
N MET C 835 -3.05 -14.92 -35.13
CA MET C 835 -4.45 -14.57 -34.96
C MET C 835 -5.14 -15.29 -33.82
N ARG C 836 -4.44 -16.16 -33.10
CA ARG C 836 -5.01 -16.87 -31.96
C ARG C 836 -4.46 -16.19 -30.71
N VAL C 837 -5.14 -15.11 -30.29
CA VAL C 837 -4.64 -14.36 -29.15
C VAL C 837 -4.89 -15.18 -27.89
N ARG C 838 -3.83 -15.40 -27.13
CA ARG C 838 -3.90 -16.13 -25.87
C ARG C 838 -3.54 -15.17 -24.73
N ARG C 839 -3.38 -15.72 -23.53
CA ARG C 839 -3.26 -14.91 -22.33
C ARG C 839 -1.89 -14.26 -22.18
N SER C 840 -0.86 -14.78 -22.83
CA SER C 840 0.48 -14.21 -22.79
C SER C 840 1.26 -14.73 -23.99
N SER C 841 2.42 -14.12 -24.25
CA SER C 841 3.18 -14.47 -25.45
C SER C 841 3.78 -15.87 -25.35
N ASP C 842 4.18 -16.31 -24.15
CA ASP C 842 4.68 -17.68 -24.00
C ASP C 842 3.65 -18.70 -24.45
N CYS C 843 2.36 -18.42 -24.25
CA CYS C 843 1.33 -19.36 -24.68
C CYS C 843 1.18 -19.40 -26.18
N MET C 844 1.64 -18.37 -26.88
CA MET C 844 1.39 -18.22 -28.31
C MET C 844 2.56 -18.64 -29.18
N LYS C 845 3.74 -18.89 -28.60
CA LYS C 845 4.93 -18.90 -29.44
C LYS C 845 5.12 -20.20 -30.21
N ASP C 846 4.17 -21.13 -30.19
CA ASP C 846 4.23 -22.26 -31.10
C ASP C 846 3.02 -22.30 -32.03
N ASP C 847 2.24 -21.22 -32.08
CA ASP C 847 0.99 -21.18 -32.83
C ASP C 847 1.20 -20.84 -34.31
N PRO C 848 0.22 -21.17 -35.15
CA PRO C 848 0.37 -20.89 -36.58
C PRO C 848 0.27 -19.41 -36.93
N ILE C 849 0.87 -19.08 -38.09
CA ILE C 849 1.00 -17.72 -38.60
C ILE C 849 -0.04 -17.50 -39.69
N THR C 850 -0.64 -16.30 -39.69
CA THR C 850 -1.42 -15.80 -40.81
C THR C 850 -0.61 -14.71 -41.49
N LEU C 851 -0.47 -14.79 -42.81
CA LEU C 851 0.30 -13.82 -43.57
C LEU C 851 -0.64 -12.84 -44.25
N PHE C 852 -0.42 -11.54 -44.02
CA PHE C 852 -1.23 -10.47 -44.63
C PHE C 852 -0.40 -9.86 -45.74
N VAL C 853 -0.78 -10.14 -46.98
CA VAL C 853 -0.05 -9.70 -48.17
C VAL C 853 -0.79 -8.51 -48.76
N ALA C 854 -0.14 -7.35 -48.76
CA ALA C 854 -0.69 -6.13 -49.35
C ALA C 854 0.00 -5.89 -50.71
N LEU C 855 -0.74 -6.06 -51.80
CA LEU C 855 -0.12 -5.99 -53.12
C LEU C 855 0.20 -4.55 -53.54
N SER C 856 1.41 -4.38 -54.10
CA SER C 856 1.85 -3.15 -54.74
C SER C 856 1.06 -2.88 -56.03
N PRO C 857 1.23 -1.71 -56.63
CA PRO C 857 0.60 -1.49 -57.96
C PRO C 857 1.13 -2.42 -59.03
N GLN C 858 2.35 -2.92 -58.89
CA GLN C 858 2.88 -3.96 -59.79
C GLN C 858 2.50 -5.37 -59.37
N GLY C 859 1.56 -5.54 -58.43
CA GLY C 859 1.19 -6.86 -57.99
C GLY C 859 2.28 -7.61 -57.25
N THR C 860 3.14 -6.90 -56.53
CA THR C 860 4.22 -7.51 -55.80
C THR C 860 4.12 -7.20 -54.30
N ALA C 861 4.82 -8.00 -53.50
CA ALA C 861 4.94 -7.79 -52.06
C ALA C 861 6.06 -8.65 -51.52
N GLN C 862 6.68 -8.18 -50.44
CA GLN C 862 7.71 -8.97 -49.78
C GLN C 862 7.75 -8.64 -48.30
N GLY C 863 8.27 -9.59 -47.53
CA GLY C 863 8.35 -9.43 -46.09
C GLY C 863 9.23 -10.51 -45.52
N GLU C 864 9.59 -10.32 -44.25
CA GLU C 864 10.42 -11.28 -43.54
C GLU C 864 9.73 -11.72 -42.25
N LEU C 865 10.28 -12.76 -41.66
CA LEU C 865 9.78 -13.29 -40.39
C LEU C 865 10.95 -13.96 -39.69
N PHE C 866 11.21 -13.55 -38.44
CA PHE C 866 12.22 -14.14 -37.59
C PHE C 866 11.56 -14.94 -36.47
N LEU C 867 12.13 -16.10 -36.17
CA LEU C 867 11.62 -17.02 -35.16
C LEU C 867 12.80 -17.64 -34.43
N ASP C 868 12.62 -17.88 -33.12
CA ASP C 868 13.59 -18.61 -32.31
C ASP C 868 12.87 -19.11 -31.06
N ASP C 869 13.63 -19.53 -30.03
CA ASP C 869 12.97 -20.07 -28.83
C ASP C 869 12.30 -19.00 -28.00
N GLY C 870 12.56 -17.71 -28.29
CA GLY C 870 11.88 -16.61 -27.69
C GLY C 870 12.62 -15.95 -26.54
N HIS C 871 13.74 -16.51 -26.07
CA HIS C 871 14.34 -15.96 -24.86
C HIS C 871 15.82 -16.24 -24.63
N THR C 872 16.48 -17.10 -25.44
CA THR C 872 17.88 -17.43 -25.20
C THR C 872 18.78 -16.80 -26.26
N PHE C 873 20.09 -16.94 -26.06
CA PHE C 873 21.08 -16.55 -27.06
C PHE C 873 21.39 -17.66 -28.05
N ASN C 874 20.57 -18.72 -28.10
CA ASN C 874 20.83 -19.82 -29.02
C ASN C 874 20.80 -19.36 -30.47
N TYR C 875 20.00 -18.35 -30.80
CA TYR C 875 20.01 -17.84 -32.18
C TYR C 875 21.42 -17.46 -32.59
N GLN C 876 22.21 -16.96 -31.66
CA GLN C 876 23.55 -16.48 -31.92
C GLN C 876 24.64 -17.52 -31.68
N THR C 877 24.56 -18.30 -30.62
CA THR C 877 25.59 -19.26 -30.26
C THR C 877 25.44 -20.61 -30.96
N ARG C 878 24.23 -20.95 -31.39
CA ARG C 878 23.94 -22.23 -32.03
C ARG C 878 23.23 -22.07 -33.36
N HIS C 879 22.98 -20.83 -33.81
CA HIS C 879 22.28 -20.58 -35.06
C HIS C 879 20.95 -21.30 -35.10
N GLU C 880 20.29 -21.37 -33.95
CA GLU C 880 18.98 -22.02 -33.81
C GLU C 880 17.92 -20.93 -33.95
N PHE C 881 17.48 -20.69 -35.17
CA PHE C 881 16.48 -19.67 -35.49
C PHE C 881 15.99 -19.92 -36.91
N LEU C 882 14.99 -19.15 -37.31
CA LEU C 882 14.54 -19.11 -38.69
C LEU C 882 14.45 -17.64 -39.11
N LEU C 883 14.99 -17.32 -40.29
CA LEU C 883 14.72 -16.04 -40.96
C LEU C 883 14.04 -16.42 -42.26
N ARG C 884 12.73 -16.25 -42.32
CA ARG C 884 11.98 -16.63 -43.50
C ARG C 884 11.73 -15.41 -44.35
N ARG C 885 11.65 -15.65 -45.64
CA ARG C 885 11.19 -14.63 -46.55
C ARG C 885 9.99 -15.05 -47.35
N PHE C 886 8.99 -14.19 -47.36
CA PHE C 886 7.82 -14.34 -48.19
C PHE C 886 7.86 -13.26 -49.27
N SER C 887 7.62 -13.66 -50.51
CA SER C 887 7.68 -12.75 -51.64
C SER C 887 6.56 -13.11 -52.60
N PHE C 888 5.93 -12.09 -53.14
CA PHE C 888 4.80 -12.27 -54.05
C PHE C 888 5.02 -11.46 -55.30
N SER C 889 4.79 -12.08 -56.45
CA SER C 889 4.71 -11.38 -57.72
C SER C 889 3.93 -12.25 -58.69
N GLY C 890 3.29 -11.60 -59.65
CA GLY C 890 2.42 -12.31 -60.55
C GLY C 890 1.25 -12.96 -59.84
N SER C 891 1.33 -14.28 -59.70
CA SER C 891 0.26 -14.98 -59.01
C SER C 891 0.83 -15.99 -58.02
N THR C 892 2.05 -15.79 -57.54
CA THR C 892 2.72 -16.78 -56.72
C THR C 892 3.27 -16.15 -55.45
N LEU C 893 2.92 -16.76 -54.32
CA LEU C 893 3.50 -16.44 -53.01
C LEU C 893 4.52 -17.52 -52.70
N VAL C 894 5.74 -17.10 -52.38
CA VAL C 894 6.85 -18.02 -52.19
C VAL C 894 7.47 -17.77 -50.82
N SER C 895 7.73 -18.84 -50.08
CA SER C 895 8.52 -18.78 -48.87
C SER C 895 9.89 -19.37 -49.16
N SER C 896 10.93 -18.59 -48.90
CA SER C 896 12.29 -19.07 -49.06
C SER C 896 13.09 -18.67 -47.82
N SER C 897 14.30 -19.19 -47.71
CA SER C 897 15.14 -18.84 -46.58
C SER C 897 15.85 -17.52 -46.83
N ALA C 898 15.72 -16.57 -45.90
CA ALA C 898 16.49 -15.33 -45.96
C ALA C 898 17.83 -15.43 -45.25
N ASP C 899 18.12 -16.55 -44.62
CA ASP C 899 19.41 -16.81 -44.01
C ASP C 899 19.54 -18.31 -43.82
N PRO C 900 20.36 -18.97 -44.64
CA PRO C 900 20.39 -20.45 -44.62
C PRO C 900 21.11 -21.02 -43.41
N LYS C 901 21.96 -20.25 -42.71
CA LYS C 901 22.63 -20.82 -41.56
C LYS C 901 21.68 -21.08 -40.39
N GLY C 902 20.46 -20.53 -40.41
CA GLY C 902 19.53 -20.70 -39.32
C GLY C 902 18.56 -21.85 -39.49
N HIS C 903 18.55 -22.79 -38.53
CA HIS C 903 17.61 -23.90 -38.47
C HIS C 903 16.94 -23.91 -37.10
N LEU C 904 15.71 -24.40 -37.05
CA LEU C 904 14.95 -24.38 -35.81
C LEU C 904 13.92 -25.50 -35.80
N GLU C 905 13.84 -26.16 -34.66
CA GLU C 905 12.79 -27.12 -34.39
C GLU C 905 11.57 -26.36 -33.87
N THR C 906 10.47 -26.36 -34.64
CA THR C 906 9.31 -25.58 -34.27
C THR C 906 8.04 -26.19 -34.87
N PRO C 907 6.94 -26.19 -34.13
CA PRO C 907 5.66 -26.62 -34.73
C PRO C 907 4.94 -25.53 -35.50
N ILE C 908 5.53 -24.33 -35.64
CA ILE C 908 4.78 -23.23 -36.25
C ILE C 908 4.47 -23.56 -37.70
N TRP C 909 3.23 -23.32 -38.11
CA TRP C 909 2.80 -23.54 -39.47
C TRP C 909 2.04 -22.32 -40.00
N ILE C 910 1.70 -22.35 -41.28
CA ILE C 910 0.97 -21.29 -41.92
C ILE C 910 -0.47 -21.75 -42.03
N GLU C 911 -1.36 -21.15 -41.23
CA GLU C 911 -2.75 -21.55 -41.21
C GLU C 911 -3.61 -20.72 -42.13
N ARG C 912 -3.08 -19.61 -42.65
CA ARG C 912 -3.95 -18.70 -43.38
C ARG C 912 -3.08 -17.69 -44.11
N VAL C 913 -3.55 -17.28 -45.29
CA VAL C 913 -2.96 -16.20 -46.07
C VAL C 913 -4.08 -15.26 -46.47
N VAL C 914 -3.90 -13.96 -46.19
CA VAL C 914 -4.86 -12.91 -46.53
C VAL C 914 -4.17 -11.98 -47.53
N ILE C 915 -4.73 -11.88 -48.75
CA ILE C 915 -4.12 -11.08 -49.80
C ILE C 915 -5.05 -9.90 -50.12
N MET C 916 -4.51 -8.70 -50.03
CA MET C 916 -5.26 -7.47 -50.30
C MET C 916 -4.91 -6.93 -51.68
N GLY C 917 -5.94 -6.65 -52.48
CA GLY C 917 -5.77 -6.16 -53.83
C GLY C 917 -5.64 -7.24 -54.87
N ALA C 918 -6.25 -8.40 -54.65
CA ALA C 918 -6.13 -9.53 -55.56
C ALA C 918 -7.48 -9.90 -56.14
N GLY C 919 -7.46 -10.35 -57.38
CA GLY C 919 -8.68 -10.87 -57.98
C GLY C 919 -8.94 -12.32 -57.61
N LYS C 920 -10.17 -12.74 -57.88
CA LYS C 920 -10.56 -14.10 -57.58
C LYS C 920 -9.88 -15.06 -58.55
N PRO C 921 -9.15 -16.06 -58.07
CA PRO C 921 -8.58 -17.06 -58.98
C PRO C 921 -9.61 -18.14 -59.31
N ALA C 922 -9.21 -19.03 -60.20
CA ALA C 922 -10.02 -20.20 -60.49
C ALA C 922 -9.67 -21.38 -59.60
N ALA C 923 -8.42 -21.46 -59.16
CA ALA C 923 -7.94 -22.50 -58.28
C ALA C 923 -6.70 -21.97 -57.58
N VAL C 924 -6.45 -22.49 -56.39
CA VAL C 924 -5.27 -22.17 -55.60
C VAL C 924 -4.53 -23.46 -55.33
N VAL C 925 -3.22 -23.45 -55.54
CA VAL C 925 -2.38 -24.64 -55.54
C VAL C 925 -1.18 -24.39 -54.66
N LEU C 926 -0.91 -25.31 -53.74
CA LEU C 926 0.24 -25.22 -52.85
C LEU C 926 1.26 -26.28 -53.25
N GLN C 927 2.54 -25.89 -53.28
CA GLN C 927 3.67 -26.78 -53.52
C GLN C 927 4.68 -26.61 -52.40
N THR C 928 5.08 -27.73 -51.80
CA THR C 928 6.10 -27.73 -50.76
C THR C 928 7.10 -28.84 -51.03
N LYS C 929 8.38 -28.54 -50.80
CA LYS C 929 9.40 -29.56 -50.97
C LYS C 929 9.08 -30.74 -50.05
N GLY C 930 9.08 -31.94 -50.61
CA GLY C 930 8.79 -33.13 -49.83
C GLY C 930 7.32 -33.53 -49.78
N SER C 931 6.44 -32.79 -50.45
CA SER C 931 5.00 -33.04 -50.39
C SER C 931 4.38 -33.00 -51.78
N PRO C 932 3.33 -33.80 -52.00
CA PRO C 932 2.59 -33.69 -53.26
C PRO C 932 1.94 -32.33 -53.42
N GLU C 933 1.67 -31.97 -54.67
CA GLU C 933 0.96 -30.74 -54.94
C GLU C 933 -0.45 -30.81 -54.36
N SER C 934 -0.81 -29.79 -53.58
CA SER C 934 -2.05 -29.73 -52.84
C SER C 934 -2.96 -28.63 -53.40
N ARG C 935 -4.27 -28.80 -53.25
CA ARG C 935 -5.24 -27.78 -53.62
C ARG C 935 -5.83 -27.14 -52.37
N LEU C 936 -5.93 -25.82 -52.36
CA LEU C 936 -6.45 -25.07 -51.22
C LEU C 936 -7.79 -24.45 -51.56
N SER C 937 -8.70 -24.43 -50.60
CA SER C 937 -9.93 -23.69 -50.79
C SER C 937 -9.72 -22.23 -50.39
N PHE C 938 -10.59 -21.36 -50.89
CA PHE C 938 -10.38 -19.93 -50.73
C PHE C 938 -11.71 -19.20 -50.71
N GLN C 939 -11.67 -17.99 -50.20
CA GLN C 939 -12.81 -17.09 -50.16
C GLN C 939 -12.37 -15.76 -50.75
N HIS C 940 -13.25 -15.11 -51.51
CA HIS C 940 -12.87 -13.87 -52.17
C HIS C 940 -13.98 -12.84 -52.03
N ASP C 941 -13.60 -11.62 -51.66
CA ASP C 941 -14.53 -10.51 -51.50
C ASP C 941 -14.39 -9.60 -52.71
N PRO C 942 -15.39 -9.57 -53.62
CA PRO C 942 -15.27 -8.72 -54.80
C PRO C 942 -15.34 -7.24 -54.48
N GLU C 943 -15.98 -6.86 -53.37
CA GLU C 943 -16.03 -5.46 -52.98
C GLU C 943 -14.63 -4.92 -52.68
N THR C 944 -13.88 -5.64 -51.85
CA THR C 944 -12.58 -5.17 -51.35
C THR C 944 -11.37 -5.74 -52.09
N SER C 945 -11.54 -6.70 -53.00
CA SER C 945 -10.41 -7.41 -53.61
C SER C 945 -9.53 -8.03 -52.53
N VAL C 946 -10.16 -8.76 -51.62
CA VAL C 946 -9.47 -9.49 -50.55
C VAL C 946 -9.64 -10.98 -50.81
N LEU C 947 -8.52 -11.70 -50.82
CA LEU C 947 -8.49 -13.13 -51.01
C LEU C 947 -7.98 -13.80 -49.74
N ILE C 948 -8.76 -14.73 -49.21
CA ILE C 948 -8.37 -15.48 -48.02
C ILE C 948 -8.13 -16.93 -48.45
N LEU C 949 -6.90 -17.42 -48.25
CA LEU C 949 -6.54 -18.80 -48.57
C LEU C 949 -6.65 -19.66 -47.31
N ARG C 950 -7.47 -20.71 -47.37
CA ARG C 950 -7.72 -21.55 -46.21
C ARG C 950 -6.60 -22.56 -45.99
N LYS C 951 -6.09 -22.61 -44.75
CA LYS C 951 -5.28 -23.69 -44.17
C LYS C 951 -4.21 -24.25 -45.10
N PRO C 952 -3.18 -23.49 -45.45
CA PRO C 952 -2.07 -24.09 -46.19
C PRO C 952 -1.47 -25.28 -45.47
N GLY C 953 -1.36 -25.23 -44.15
CA GLY C 953 -0.90 -26.37 -43.39
C GLY C 953 0.56 -26.69 -43.53
N VAL C 954 1.37 -25.79 -44.06
CA VAL C 954 2.78 -26.07 -44.30
C VAL C 954 3.60 -25.56 -43.13
N SER C 955 4.67 -26.31 -42.80
CA SER C 955 5.62 -25.86 -41.80
C SER C 955 6.29 -24.56 -42.22
N VAL C 956 6.51 -23.67 -41.25
CA VAL C 956 7.20 -22.42 -41.51
C VAL C 956 8.69 -22.63 -41.77
N ALA C 957 9.21 -23.81 -41.47
CA ALA C 957 10.61 -24.10 -41.75
C ALA C 957 10.83 -24.61 -43.18
N SER C 958 9.74 -24.83 -43.93
CA SER C 958 9.78 -25.41 -45.27
C SER C 958 9.70 -24.33 -46.34
N ASP C 959 10.45 -24.52 -47.42
CA ASP C 959 10.19 -23.78 -48.65
C ASP C 959 8.86 -24.21 -49.24
N TRP C 960 8.10 -23.25 -49.75
CA TRP C 960 6.83 -23.57 -50.39
C TRP C 960 6.44 -22.41 -51.31
N SER C 961 5.46 -22.68 -52.16
CA SER C 961 4.91 -21.68 -53.06
C SER C 961 3.43 -21.93 -53.21
N ILE C 962 2.66 -20.86 -53.32
CA ILE C 962 1.21 -20.93 -53.55
C ILE C 962 0.92 -20.21 -54.86
N HIS C 963 0.19 -20.87 -55.75
CA HIS C 963 -0.09 -20.34 -57.09
CA HIS C 963 -0.09 -20.36 -57.10
C HIS C 963 -1.58 -20.12 -57.26
N LEU C 964 -1.93 -18.93 -57.74
CA LEU C 964 -3.31 -18.58 -58.05
C LEU C 964 -3.50 -18.79 -59.56
N ARG C 965 -4.36 -19.73 -59.93
CA ARG C 965 -4.57 -20.07 -61.33
C ARG C 965 -5.83 -19.44 -61.92
N TYR D 48 -21.98 -50.32 -51.25
CA TYR D 48 -21.31 -49.48 -50.25
C TYR D 48 -22.04 -48.14 -50.02
N GLU D 49 -21.95 -47.65 -48.79
CA GLU D 49 -22.57 -46.42 -48.29
C GLU D 49 -21.48 -45.40 -47.99
N GLU D 50 -21.87 -44.19 -47.57
CA GLU D 50 -20.87 -43.15 -47.27
C GLU D 50 -21.22 -42.51 -45.93
N SER D 51 -20.69 -41.31 -45.69
CA SER D 51 -20.89 -40.53 -44.49
C SER D 51 -21.45 -39.16 -44.89
N LYS D 52 -21.89 -38.40 -43.89
CA LYS D 52 -22.61 -37.14 -44.09
C LYS D 52 -21.72 -35.96 -43.73
N PRO D 53 -22.13 -34.74 -44.09
CA PRO D 53 -21.33 -33.55 -43.74
C PRO D 53 -21.78 -32.94 -42.42
N PHE D 54 -21.01 -31.94 -41.99
CA PHE D 54 -21.30 -31.22 -40.75
C PHE D 54 -21.81 -29.82 -41.08
N THR D 55 -22.84 -29.38 -40.37
CA THR D 55 -23.44 -28.07 -40.55
C THR D 55 -23.19 -27.23 -39.30
N CYS D 56 -22.62 -26.04 -39.47
CA CYS D 56 -22.40 -25.15 -38.35
C CYS D 56 -23.73 -24.84 -37.66
N LEU D 57 -23.67 -24.70 -36.33
CA LEU D 57 -24.90 -24.44 -35.57
C LEU D 57 -25.54 -23.11 -35.95
N ASP D 58 -24.77 -22.17 -36.49
CA ASP D 58 -25.32 -20.90 -36.97
C ASP D 58 -25.75 -20.93 -38.44
N GLY D 59 -25.46 -22.01 -39.17
CA GLY D 59 -25.89 -22.13 -40.55
C GLY D 59 -25.04 -21.39 -41.56
N THR D 60 -23.87 -20.87 -41.17
CA THR D 60 -23.06 -20.09 -42.10
C THR D 60 -22.44 -20.97 -43.18
N ALA D 61 -22.34 -22.27 -42.94
CA ALA D 61 -21.76 -23.18 -43.91
C ALA D 61 -22.21 -24.59 -43.56
N THR D 62 -21.90 -25.50 -44.48
CA THR D 62 -21.90 -26.92 -44.24
C THR D 62 -20.53 -27.38 -44.68
N ILE D 63 -19.85 -28.17 -43.85
CA ILE D 63 -18.48 -28.55 -44.17
C ILE D 63 -18.36 -30.06 -44.04
N PRO D 64 -17.37 -30.65 -44.70
CA PRO D 64 -17.14 -32.09 -44.56
C PRO D 64 -16.72 -32.43 -43.14
N PHE D 65 -16.89 -33.70 -42.79
CA PHE D 65 -16.54 -34.14 -41.44
C PHE D 65 -15.04 -34.05 -41.17
N ASP D 66 -14.20 -33.93 -42.20
CA ASP D 66 -12.77 -33.80 -41.97
C ASP D 66 -12.35 -32.38 -41.61
N GLN D 67 -13.25 -31.41 -41.67
CA GLN D 67 -12.98 -30.06 -41.20
C GLN D 67 -13.57 -29.79 -39.81
N VAL D 68 -14.06 -30.82 -39.11
CA VAL D 68 -14.39 -30.72 -37.71
C VAL D 68 -13.17 -31.14 -36.89
N ASN D 69 -12.76 -30.27 -35.95
CA ASN D 69 -11.56 -30.49 -35.14
C ASN D 69 -10.32 -30.68 -36.00
N ASP D 70 -10.21 -29.94 -37.10
CA ASP D 70 -9.03 -29.99 -37.95
C ASP D 70 -8.10 -28.79 -37.73
N ASP D 71 -8.25 -28.08 -36.60
CA ASP D 71 -7.33 -27.02 -36.17
C ASP D 71 -7.31 -25.85 -37.16
N TYR D 72 -8.43 -25.58 -37.82
CA TYR D 72 -8.64 -24.39 -38.61
C TYR D 72 -10.09 -24.01 -38.40
N CYS D 73 -10.35 -22.72 -38.21
CA CYS D 73 -11.70 -22.26 -37.88
C CYS D 73 -12.54 -22.09 -39.12
N ASP D 74 -13.56 -22.94 -39.29
CA ASP D 74 -14.43 -22.85 -40.47
C ASP D 74 -15.83 -22.33 -40.17
N CYS D 75 -16.28 -22.35 -38.92
CA CYS D 75 -17.61 -21.87 -38.57
C CYS D 75 -17.51 -20.53 -37.86
N LYS D 76 -18.36 -19.59 -38.25
CA LYS D 76 -18.30 -18.26 -37.64
C LYS D 76 -18.69 -18.28 -36.17
N ASP D 77 -19.41 -19.32 -35.72
CA ASP D 77 -19.70 -19.47 -34.30
C ASP D 77 -18.69 -20.35 -33.58
N GLY D 78 -17.69 -20.87 -34.28
CA GLY D 78 -16.67 -21.70 -33.67
C GLY D 78 -17.07 -23.14 -33.41
N SER D 79 -18.25 -23.56 -33.86
CA SER D 79 -18.77 -24.87 -33.47
C SER D 79 -18.05 -26.03 -34.14
N ASP D 80 -17.24 -25.78 -35.17
CA ASP D 80 -16.56 -26.88 -35.83
C ASP D 80 -15.25 -27.27 -35.13
N GLU D 81 -14.84 -26.53 -34.10
CA GLU D 81 -13.59 -26.81 -33.40
C GLU D 81 -13.80 -26.89 -31.89
N PRO D 82 -14.63 -27.81 -31.40
CA PRO D 82 -14.81 -27.92 -29.93
C PRO D 82 -13.57 -28.44 -29.22
N GLY D 83 -12.62 -29.05 -29.91
CA GLY D 83 -11.47 -29.66 -29.28
C GLY D 83 -10.13 -28.99 -29.48
N THR D 84 -10.08 -27.82 -30.13
CA THR D 84 -8.81 -27.18 -30.46
C THR D 84 -8.83 -25.71 -30.05
N ALA D 85 -7.71 -25.03 -30.34
CA ALA D 85 -7.55 -23.60 -30.10
C ALA D 85 -7.80 -22.78 -31.37
N ALA D 86 -8.51 -23.33 -32.35
CA ALA D 86 -8.54 -22.71 -33.68
C ALA D 86 -9.53 -21.56 -33.77
N CYS D 87 -10.64 -21.62 -33.04
CA CYS D 87 -11.61 -20.56 -33.27
C CYS D 87 -11.53 -19.51 -32.16
N PRO D 88 -11.63 -18.22 -32.51
CA PRO D 88 -11.50 -17.18 -31.47
C PRO D 88 -12.69 -17.13 -30.51
N ASN D 89 -13.88 -17.56 -30.93
CA ASN D 89 -15.05 -17.50 -30.08
C ASN D 89 -15.52 -18.88 -29.64
N GLY D 90 -14.67 -19.89 -29.75
CA GLY D 90 -15.06 -21.23 -29.39
C GLY D 90 -14.96 -21.52 -27.90
N SER D 91 -15.45 -22.68 -27.52
CA SER D 91 -15.40 -23.11 -26.14
C SER D 91 -15.00 -24.57 -26.07
N PHE D 92 -14.32 -24.93 -25.00
CA PHE D 92 -13.83 -26.28 -24.77
C PHE D 92 -14.45 -26.79 -23.48
N HIS D 93 -14.99 -28.01 -23.52
CA HIS D 93 -15.76 -28.55 -22.41
C HIS D 93 -14.88 -29.42 -21.54
N CYS D 94 -14.68 -29.03 -20.28
CA CYS D 94 -13.98 -29.88 -19.32
C CYS D 94 -14.98 -30.87 -18.76
N THR D 95 -14.78 -32.16 -19.04
CA THR D 95 -15.67 -33.14 -18.46
C THR D 95 -15.37 -33.33 -16.98
N ASN D 96 -14.14 -33.74 -16.67
CA ASN D 96 -13.67 -33.86 -15.28
C ASN D 96 -14.69 -34.67 -14.50
N THR D 97 -14.89 -35.91 -14.98
CA THR D 97 -16.02 -36.74 -14.57
C THR D 97 -16.05 -36.90 -13.06
N GLY D 98 -17.27 -36.86 -12.51
CA GLY D 98 -17.48 -36.95 -11.09
C GLY D 98 -17.57 -35.63 -10.35
N TYR D 99 -17.39 -34.50 -11.04
CA TYR D 99 -17.34 -33.20 -10.39
C TYR D 99 -18.01 -32.17 -11.29
N LYS D 100 -17.83 -30.90 -10.96
CA LYS D 100 -18.45 -29.84 -11.73
C LYS D 100 -17.76 -29.70 -13.08
N PRO D 101 -18.49 -29.85 -14.18
CA PRO D 101 -17.93 -29.54 -15.50
C PRO D 101 -17.96 -28.06 -15.77
N LEU D 102 -17.01 -27.61 -16.59
CA LEU D 102 -16.80 -26.20 -16.84
C LEU D 102 -16.42 -26.00 -18.30
N TYR D 103 -16.87 -24.89 -18.87
CA TYR D 103 -16.45 -24.48 -20.20
C TYR D 103 -15.33 -23.47 -20.08
N ILE D 104 -14.33 -23.60 -20.96
CA ILE D 104 -13.23 -22.64 -21.03
C ILE D 104 -13.11 -22.14 -22.46
N LEU D 105 -12.45 -20.99 -22.61
CA LEU D 105 -12.20 -20.44 -23.94
C LEU D 105 -11.33 -21.37 -24.77
N SER D 106 -11.64 -21.44 -26.07
CA SER D 106 -10.80 -22.23 -26.98
C SER D 106 -9.36 -21.76 -26.97
N SER D 107 -9.13 -20.47 -26.69
CA SER D 107 -7.78 -19.93 -26.61
C SER D 107 -6.96 -20.59 -25.50
N ARG D 108 -7.60 -21.28 -24.56
CA ARG D 108 -6.90 -21.87 -23.44
C ARG D 108 -6.68 -23.36 -23.62
N VAL D 109 -6.91 -23.89 -24.80
CA VAL D 109 -6.62 -25.28 -25.13
C VAL D 109 -5.19 -25.36 -25.62
N ASN D 110 -4.39 -26.18 -24.95
CA ASN D 110 -2.99 -26.37 -25.29
C ASN D 110 -2.22 -25.04 -25.25
N ASP D 111 -2.56 -24.17 -24.29
CA ASP D 111 -1.78 -22.96 -24.04
C ASP D 111 -0.65 -23.18 -23.04
N GLY D 112 -0.52 -24.40 -22.50
CA GLY D 112 0.47 -24.71 -21.48
C GLY D 112 0.05 -24.39 -20.06
N VAL D 113 -1.19 -23.97 -19.85
CA VAL D 113 -1.72 -23.62 -18.55
C VAL D 113 -2.84 -24.61 -18.23
N CYS D 114 -2.85 -25.13 -17.00
CA CYS D 114 -3.88 -26.06 -16.57
C CYS D 114 -5.14 -25.28 -16.22
N ASP D 115 -6.17 -25.41 -17.04
CA ASP D 115 -7.45 -24.74 -16.83
C ASP D 115 -8.55 -25.68 -16.33
N CYS D 116 -8.67 -26.88 -16.89
CA CYS D 116 -9.58 -27.88 -16.33
C CYS D 116 -8.91 -28.58 -15.16
N CYS D 117 -9.71 -28.86 -14.12
CA CYS D 117 -9.16 -29.63 -13.00
C CYS D 117 -8.74 -31.04 -13.41
N ASP D 118 -9.30 -31.60 -14.50
CA ASP D 118 -8.81 -32.91 -14.95
C ASP D 118 -7.63 -32.82 -15.92
N GLY D 119 -7.27 -31.62 -16.38
CA GLY D 119 -6.12 -31.43 -17.24
C GLY D 119 -6.32 -31.79 -18.70
N THR D 120 -7.56 -32.11 -19.13
CA THR D 120 -7.77 -32.52 -20.52
C THR D 120 -7.63 -31.35 -21.50
N ASP D 121 -7.68 -30.10 -21.01
CA ASP D 121 -7.43 -28.95 -21.88
C ASP D 121 -6.00 -28.90 -22.36
N GLU D 122 -5.11 -29.66 -21.73
CA GLU D 122 -3.69 -29.72 -22.12
C GLU D 122 -3.39 -31.15 -22.55
N TYR D 123 -3.50 -31.40 -23.86
CA TYR D 123 -3.23 -32.73 -24.38
C TYR D 123 -2.07 -32.79 -25.37
N ASN D 124 -1.48 -31.66 -25.77
CA ASN D 124 -0.39 -31.68 -26.73
C ASN D 124 0.50 -30.46 -26.59
N SER D 125 0.73 -30.01 -25.37
CA SER D 125 1.43 -28.75 -25.16
C SER D 125 2.74 -28.88 -24.41
N GLY D 126 3.10 -30.05 -23.94
CA GLY D 126 4.26 -30.20 -23.10
C GLY D 126 4.00 -29.97 -21.62
N THR D 127 2.88 -29.33 -21.29
CA THR D 127 2.46 -29.19 -19.89
C THR D 127 1.58 -30.38 -19.54
N VAL D 128 2.04 -31.22 -18.63
CA VAL D 128 1.22 -32.33 -18.15
C VAL D 128 0.48 -31.87 -16.90
N CYS D 129 -0.84 -31.84 -16.98
CA CYS D 129 -1.68 -31.45 -15.86
C CYS D 129 -2.17 -32.69 -15.14
N GLU D 130 -2.18 -32.64 -13.81
CA GLU D 130 -2.72 -33.71 -12.98
C GLU D 130 -4.11 -33.34 -12.50
N ASN D 131 -4.89 -34.36 -12.16
CA ASN D 131 -6.26 -34.14 -11.73
C ASN D 131 -6.30 -33.51 -10.34
N THR D 132 -7.10 -32.46 -10.19
CA THR D 132 -7.23 -31.74 -8.93
C THR D 132 -8.69 -31.54 -8.57
N CYS D 133 -9.60 -32.30 -9.18
CA CYS D 133 -11.02 -31.99 -9.05
C CYS D 133 -11.60 -32.22 -7.66
N ARG D 134 -10.98 -33.06 -6.84
CA ARG D 134 -11.39 -33.12 -5.44
C ARG D 134 -11.11 -31.78 -4.72
#